data_9HPS
# 
_entry.id   9HPS 
# 
_audit_conform.dict_name       mmcif_pdbx.dic 
_audit_conform.dict_version    5.406 
_audit_conform.dict_location   http://mmcif.pdb.org/dictionaries/ascii/mmcif_pdbx.dic 
# 
loop_
_database_2.database_id 
_database_2.database_code 
_database_2.pdbx_database_accession 
_database_2.pdbx_DOI 
PDB   9HPS         pdb_00009hps 10.2210/pdb9hps/pdb 
WWPDB D_1292143986 ?            ?                   
# 
loop_
_pdbx_audit_revision_history.ordinal 
_pdbx_audit_revision_history.data_content_type 
_pdbx_audit_revision_history.major_revision 
_pdbx_audit_revision_history.minor_revision 
_pdbx_audit_revision_history.revision_date 
_pdbx_audit_revision_history.part_number 
1 'Structure model' 1 0 2025-09-17 ? 
2 'Structure model' 1 1 2025-11-05 ? 
# 
_pdbx_audit_revision_details.ordinal             1 
_pdbx_audit_revision_details.revision_ordinal    1 
_pdbx_audit_revision_details.data_content_type   'Structure model' 
_pdbx_audit_revision_details.provider            repository 
_pdbx_audit_revision_details.type                'Initial release' 
_pdbx_audit_revision_details.description         ? 
_pdbx_audit_revision_details.details             ? 
# 
_pdbx_audit_revision_group.ordinal             1 
_pdbx_audit_revision_group.revision_ordinal    2 
_pdbx_audit_revision_group.data_content_type   'Structure model' 
_pdbx_audit_revision_group.group               'Database references' 
# 
loop_
_pdbx_audit_revision_category.ordinal 
_pdbx_audit_revision_category.revision_ordinal 
_pdbx_audit_revision_category.data_content_type 
_pdbx_audit_revision_category.category 
1 2 'Structure model' citation        
2 2 'Structure model' citation_author 
# 
loop_
_pdbx_audit_revision_item.ordinal 
_pdbx_audit_revision_item.revision_ordinal 
_pdbx_audit_revision_item.data_content_type 
_pdbx_audit_revision_item.item 
1  2 'Structure model' '_citation.country'                 
2  2 'Structure model' '_citation.journal_abbrev'          
3  2 'Structure model' '_citation.journal_id_CSD'          
4  2 'Structure model' '_citation.journal_id_ISSN'         
5  2 'Structure model' '_citation.journal_volume'          
6  2 'Structure model' '_citation.page_first'              
7  2 'Structure model' '_citation.page_last'               
8  2 'Structure model' '_citation.pdbx_database_id_DOI'    
9  2 'Structure model' '_citation.pdbx_database_id_PubMed' 
10 2 'Structure model' '_citation.title'                   
11 2 'Structure model' '_citation.year'                    
# 
_pdbx_database_status.status_code                     REL 
_pdbx_database_status.status_code_sf                  REL 
_pdbx_database_status.status_code_mr                  ? 
_pdbx_database_status.entry_id                        9HPS 
_pdbx_database_status.recvd_initial_deposition_date   2024-12-16 
_pdbx_database_status.SG_entry                        N 
_pdbx_database_status.deposit_site                    PDBE 
_pdbx_database_status.process_site                    PDBE 
_pdbx_database_status.status_code_cs                  ? 
_pdbx_database_status.status_code_nmr_data            ? 
_pdbx_database_status.methods_development_category    ? 
_pdbx_database_status.pdb_format_compatible           Y 
# 
_pdbx_contact_author.id                 2 
_pdbx_contact_author.email              dierk.niessing@helmholtz-munich.de 
_pdbx_contact_author.name_first         Dierk 
_pdbx_contact_author.name_last          Niessing 
_pdbx_contact_author.name_mi            ? 
_pdbx_contact_author.role               'principal investigator/group leader' 
_pdbx_contact_author.identifier_ORCID   0000-0002-5589-369X 
# 
loop_
_audit_author.name 
_audit_author.pdbx_ordinal 
_audit_author.identifier_ORCID 
'Janowski, R.' 1 0000-0002-9940-2143 
'Niessing, D.' 2 0000-0002-5589-369X 
# 
_citation.abstract                  ? 
_citation.abstract_id_CAS           ? 
_citation.book_id_ISBN              ? 
_citation.book_publisher            ? 
_citation.book_publisher_city       ? 
_citation.book_title                ? 
_citation.coordinate_linkage        ? 
_citation.country                   UK 
_citation.database_id_Medline       ? 
_citation.details                   ? 
_citation.id                        primary 
_citation.journal_abbrev            'Nat Commun' 
_citation.journal_id_ASTM           ? 
_citation.journal_id_CSD            ? 
_citation.journal_id_ISSN           2041-1723 
_citation.journal_full              ? 
_citation.journal_issue             ? 
_citation.journal_volume            16 
_citation.language                  ? 
_citation.page_first                9481 
_citation.page_last                 9481 
_citation.title                     'Structural basis of apoptosis induction by the mitochondrial voltage-dependent anion channel.' 
_citation.year                      2025 
_citation.database_id_CSD           ? 
_citation.pdbx_database_id_DOI      10.1038/s41467-025-65363-1 
_citation.pdbx_database_id_PubMed   41145501 
_citation.pdbx_database_id_patent   ? 
_citation.unpublished_flag          ? 
# 
loop_
_citation_author.citation_id 
_citation_author.name 
_citation_author.ordinal 
_citation_author.identifier_ORCID 
primary 'Daniilidis, M.'   1 ? 
primary 'Gunsel, U.'       2 ? 
primary 'Broutzakis, G.'   3 ? 
primary 'Leitl, K.D.'      4 ? 
primary 'Janowski, R.'     5 ? 
primary 'Fredriksson, K.'  6 ? 
primary 'Niessing, D.'     7 ? 
primary 'Gatsogiannis, C.' 8 ? 
primary 'Hagn, F.'         9 ? 
# 
loop_
_entity.id 
_entity.type 
_entity.src_method 
_entity.pdbx_description 
_entity.formula_weight 
_entity.pdbx_number_of_molecules 
_entity.pdbx_ec 
_entity.pdbx_mutation 
_entity.pdbx_fragment 
_entity.details 
1 polymer     man BclxLdeltaLT  23359.736 2  ? ? ? ? 
2 non-polymer syn 'SULFATE ION' 96.063    3  ? ? ? ? 
3 water       nat water         18.015    80 ? ? ? ? 
# 
_entity_poly.entity_id                      1 
_entity_poly.type                           'polypeptide(L)' 
_entity_poly.nstd_linkage                   no 
_entity_poly.nstd_monomer                   no 
_entity_poly.pdbx_seq_one_letter_code       
;MSQSNRELVVDFLSYKLSQKGYSWSQFSDVEENRTEAPEGTESEAVKQALREAGDEFELRYRRAFSDLTSQLHITPGTAY
QSFEQVVNELFRDGVNWGRIVAFFSFGGALCVESVDKEMQVLVSRIAAWMATYLNDHLEPWIQENGGWDTFVELYGNNAA
AESRKGQERLEGGMAVPPTYADLGKSARDVFTKGYGFGLGGHHHHHH
;
_entity_poly.pdbx_seq_one_letter_code_can   
;MSQSNRELVVDFLSYKLSQKGYSWSQFSDVEENRTEAPEGTESEAVKQALREAGDEFELRYRRAFSDLTSQLHITPGTAY
QSFEQVVNELFRDGVNWGRIVAFFSFGGALCVESVDKEMQVLVSRIAAWMATYLNDHLEPWIQENGGWDTFVELYGNNAA
AESRKGQERLEGGMAVPPTYADLGKSARDVFTKGYGFGLGGHHHHHH
;
_entity_poly.pdbx_strand_id                 A,B 
_entity_poly.pdbx_target_identifier         ? 
# 
loop_
_pdbx_entity_nonpoly.entity_id 
_pdbx_entity_nonpoly.name 
_pdbx_entity_nonpoly.comp_id 
2 'SULFATE ION' SO4 
3 water         HOH 
# 
loop_
_entity_poly_seq.entity_id 
_entity_poly_seq.num 
_entity_poly_seq.mon_id 
_entity_poly_seq.hetero 
1 1   MET n 
1 2   SER n 
1 3   GLN n 
1 4   SER n 
1 5   ASN n 
1 6   ARG n 
1 7   GLU n 
1 8   LEU n 
1 9   VAL n 
1 10  VAL n 
1 11  ASP n 
1 12  PHE n 
1 13  LEU n 
1 14  SER n 
1 15  TYR n 
1 16  LYS n 
1 17  LEU n 
1 18  SER n 
1 19  GLN n 
1 20  LYS n 
1 21  GLY n 
1 22  TYR n 
1 23  SER n 
1 24  TRP n 
1 25  SER n 
1 26  GLN n 
1 27  PHE n 
1 28  SER n 
1 29  ASP n 
1 30  VAL n 
1 31  GLU n 
1 32  GLU n 
1 33  ASN n 
1 34  ARG n 
1 35  THR n 
1 36  GLU n 
1 37  ALA n 
1 38  PRO n 
1 39  GLU n 
1 40  GLY n 
1 41  THR n 
1 42  GLU n 
1 43  SER n 
1 44  GLU n 
1 45  ALA n 
1 46  VAL n 
1 47  LYS n 
1 48  GLN n 
1 49  ALA n 
1 50  LEU n 
1 51  ARG n 
1 52  GLU n 
1 53  ALA n 
1 54  GLY n 
1 55  ASP n 
1 56  GLU n 
1 57  PHE n 
1 58  GLU n 
1 59  LEU n 
1 60  ARG n 
1 61  TYR n 
1 62  ARG n 
1 63  ARG n 
1 64  ALA n 
1 65  PHE n 
1 66  SER n 
1 67  ASP n 
1 68  LEU n 
1 69  THR n 
1 70  SER n 
1 71  GLN n 
1 72  LEU n 
1 73  HIS n 
1 74  ILE n 
1 75  THR n 
1 76  PRO n 
1 77  GLY n 
1 78  THR n 
1 79  ALA n 
1 80  TYR n 
1 81  GLN n 
1 82  SER n 
1 83  PHE n 
1 84  GLU n 
1 85  GLN n 
1 86  VAL n 
1 87  VAL n 
1 88  ASN n 
1 89  GLU n 
1 90  LEU n 
1 91  PHE n 
1 92  ARG n 
1 93  ASP n 
1 94  GLY n 
1 95  VAL n 
1 96  ASN n 
1 97  TRP n 
1 98  GLY n 
1 99  ARG n 
1 100 ILE n 
1 101 VAL n 
1 102 ALA n 
1 103 PHE n 
1 104 PHE n 
1 105 SER n 
1 106 PHE n 
1 107 GLY n 
1 108 GLY n 
1 109 ALA n 
1 110 LEU n 
1 111 CYS n 
1 112 VAL n 
1 113 GLU n 
1 114 SER n 
1 115 VAL n 
1 116 ASP n 
1 117 LYS n 
1 118 GLU n 
1 119 MET n 
1 120 GLN n 
1 121 VAL n 
1 122 LEU n 
1 123 VAL n 
1 124 SER n 
1 125 ARG n 
1 126 ILE n 
1 127 ALA n 
1 128 ALA n 
1 129 TRP n 
1 130 MET n 
1 131 ALA n 
1 132 THR n 
1 133 TYR n 
1 134 LEU n 
1 135 ASN n 
1 136 ASP n 
1 137 HIS n 
1 138 LEU n 
1 139 GLU n 
1 140 PRO n 
1 141 TRP n 
1 142 ILE n 
1 143 GLN n 
1 144 GLU n 
1 145 ASN n 
1 146 GLY n 
1 147 GLY n 
1 148 TRP n 
1 149 ASP n 
1 150 THR n 
1 151 PHE n 
1 152 VAL n 
1 153 GLU n 
1 154 LEU n 
1 155 TYR n 
1 156 GLY n 
1 157 ASN n 
1 158 ASN n 
1 159 ALA n 
1 160 ALA n 
1 161 ALA n 
1 162 GLU n 
1 163 SER n 
1 164 ARG n 
1 165 LYS n 
1 166 GLY n 
1 167 GLN n 
1 168 GLU n 
1 169 ARG n 
1 170 LEU n 
1 171 GLU n 
1 172 GLY n 
1 173 GLY n 
1 174 MET n 
1 175 ALA n 
1 176 VAL n 
1 177 PRO n 
1 178 PRO n 
1 179 THR n 
1 180 TYR n 
1 181 ALA n 
1 182 ASP n 
1 183 LEU n 
1 184 GLY n 
1 185 LYS n 
1 186 SER n 
1 187 ALA n 
1 188 ARG n 
1 189 ASP n 
1 190 VAL n 
1 191 PHE n 
1 192 THR n 
1 193 LYS n 
1 194 GLY n 
1 195 TYR n 
1 196 GLY n 
1 197 PHE n 
1 198 GLY n 
1 199 LEU n 
1 200 GLY n 
1 201 GLY n 
1 202 HIS n 
1 203 HIS n 
1 204 HIS n 
1 205 HIS n 
1 206 HIS n 
1 207 HIS n 
# 
_entity_src_gen.entity_id                          1 
_entity_src_gen.pdbx_src_id                        1 
_entity_src_gen.pdbx_alt_source_flag               sample 
_entity_src_gen.pdbx_seq_type                      'Biological sequence' 
_entity_src_gen.pdbx_beg_seq_num                   1 
_entity_src_gen.pdbx_end_seq_num                   207 
_entity_src_gen.gene_src_common_name               ? 
_entity_src_gen.gene_src_genus                     ? 
_entity_src_gen.pdbx_gene_src_gene                 ? 
_entity_src_gen.gene_src_species                   ? 
_entity_src_gen.gene_src_strain                    ? 
_entity_src_gen.gene_src_tissue                    ? 
_entity_src_gen.gene_src_tissue_fraction           ? 
_entity_src_gen.gene_src_details                   ? 
_entity_src_gen.pdbx_gene_src_fragment             ? 
_entity_src_gen.pdbx_gene_src_scientific_name      'Homo sapiens' 
_entity_src_gen.pdbx_gene_src_ncbi_taxonomy_id     9606 
_entity_src_gen.pdbx_gene_src_variant              ? 
_entity_src_gen.pdbx_gene_src_cell_line            ? 
_entity_src_gen.pdbx_gene_src_atcc                 ? 
_entity_src_gen.pdbx_gene_src_organ                ? 
_entity_src_gen.pdbx_gene_src_organelle            ? 
_entity_src_gen.pdbx_gene_src_cell                 ? 
_entity_src_gen.pdbx_gene_src_cellular_location    ? 
_entity_src_gen.host_org_common_name               ? 
_entity_src_gen.pdbx_host_org_scientific_name      'Escherichia coli BL21(DE3)' 
_entity_src_gen.pdbx_host_org_ncbi_taxonomy_id     469008 
_entity_src_gen.host_org_genus                     ? 
_entity_src_gen.pdbx_host_org_gene                 ? 
_entity_src_gen.pdbx_host_org_organ                ? 
_entity_src_gen.host_org_species                   ? 
_entity_src_gen.pdbx_host_org_tissue               ? 
_entity_src_gen.pdbx_host_org_tissue_fraction      ? 
_entity_src_gen.pdbx_host_org_strain               ? 
_entity_src_gen.pdbx_host_org_variant              ? 
_entity_src_gen.pdbx_host_org_cell_line            ? 
_entity_src_gen.pdbx_host_org_atcc                 ? 
_entity_src_gen.pdbx_host_org_culture_collection   ? 
_entity_src_gen.pdbx_host_org_cell                 ? 
_entity_src_gen.pdbx_host_org_organelle            ? 
_entity_src_gen.pdbx_host_org_cellular_location    ? 
_entity_src_gen.pdbx_host_org_vector_type          pET21a 
_entity_src_gen.pdbx_host_org_vector               ? 
_entity_src_gen.host_org_details                   ? 
_entity_src_gen.expression_system_id               ? 
_entity_src_gen.plasmid_name                       ? 
_entity_src_gen.plasmid_details                    ? 
_entity_src_gen.pdbx_description                   ? 
# 
loop_
_chem_comp.id 
_chem_comp.type 
_chem_comp.mon_nstd_flag 
_chem_comp.name 
_chem_comp.pdbx_synonyms 
_chem_comp.formula 
_chem_comp.formula_weight 
ALA 'L-peptide linking' y ALANINE         ? 'C3 H7 N O2'     89.093  
ARG 'L-peptide linking' y ARGININE        ? 'C6 H15 N4 O2 1' 175.209 
ASN 'L-peptide linking' y ASPARAGINE      ? 'C4 H8 N2 O3'    132.118 
ASP 'L-peptide linking' y 'ASPARTIC ACID' ? 'C4 H7 N O4'     133.103 
CYS 'L-peptide linking' y CYSTEINE        ? 'C3 H7 N O2 S'   121.158 
GLN 'L-peptide linking' y GLUTAMINE       ? 'C5 H10 N2 O3'   146.144 
GLU 'L-peptide linking' y 'GLUTAMIC ACID' ? 'C5 H9 N O4'     147.129 
GLY 'peptide linking'   y GLYCINE         ? 'C2 H5 N O2'     75.067  
HIS 'L-peptide linking' y HISTIDINE       ? 'C6 H10 N3 O2 1' 156.162 
HOH non-polymer         . WATER           ? 'H2 O'           18.015  
ILE 'L-peptide linking' y ISOLEUCINE      ? 'C6 H13 N O2'    131.173 
LEU 'L-peptide linking' y LEUCINE         ? 'C6 H13 N O2'    131.173 
LYS 'L-peptide linking' y LYSINE          ? 'C6 H15 N2 O2 1' 147.195 
MET 'L-peptide linking' y METHIONINE      ? 'C5 H11 N O2 S'  149.211 
PHE 'L-peptide linking' y PHENYLALANINE   ? 'C9 H11 N O2'    165.189 
PRO 'L-peptide linking' y PROLINE         ? 'C5 H9 N O2'     115.130 
SER 'L-peptide linking' y SERINE          ? 'C3 H7 N O3'     105.093 
SO4 non-polymer         . 'SULFATE ION'   ? 'O4 S -2'        96.063  
THR 'L-peptide linking' y THREONINE       ? 'C4 H9 N O3'     119.119 
TRP 'L-peptide linking' y TRYPTOPHAN      ? 'C11 H12 N2 O2'  204.225 
TYR 'L-peptide linking' y TYROSINE        ? 'C9 H11 N O3'    181.189 
VAL 'L-peptide linking' y VALINE          ? 'C5 H11 N O2'    117.146 
# 
loop_
_pdbx_poly_seq_scheme.asym_id 
_pdbx_poly_seq_scheme.entity_id 
_pdbx_poly_seq_scheme.seq_id 
_pdbx_poly_seq_scheme.mon_id 
_pdbx_poly_seq_scheme.ndb_seq_num 
_pdbx_poly_seq_scheme.pdb_seq_num 
_pdbx_poly_seq_scheme.auth_seq_num 
_pdbx_poly_seq_scheme.pdb_mon_id 
_pdbx_poly_seq_scheme.auth_mon_id 
_pdbx_poly_seq_scheme.pdb_strand_id 
_pdbx_poly_seq_scheme.pdb_ins_code 
_pdbx_poly_seq_scheme.hetero 
A 1 1   MET 1   1   ?   ?   ?   A . n 
A 1 2   SER 2   2   2   SER SER A . n 
A 1 3   GLN 3   3   3   GLN GLN A . n 
A 1 4   SER 4   4   4   SER SER A . n 
A 1 5   ASN 5   5   5   ASN ASN A . n 
A 1 6   ARG 6   6   6   ARG ARG A . n 
A 1 7   GLU 7   7   7   GLU GLU A . n 
A 1 8   LEU 8   8   8   LEU LEU A . n 
A 1 9   VAL 9   9   9   VAL VAL A . n 
A 1 10  VAL 10  10  10  VAL VAL A . n 
A 1 11  ASP 11  11  11  ASP ASP A . n 
A 1 12  PHE 12  12  12  PHE PHE A . n 
A 1 13  LEU 13  13  13  LEU LEU A . n 
A 1 14  SER 14  14  14  SER SER A . n 
A 1 15  TYR 15  15  15  TYR TYR A . n 
A 1 16  LYS 16  16  16  LYS LYS A . n 
A 1 17  LEU 17  17  17  LEU LEU A . n 
A 1 18  SER 18  18  18  SER SER A . n 
A 1 19  GLN 19  19  19  GLN GLN A . n 
A 1 20  LYS 20  20  20  LYS LYS A . n 
A 1 21  GLY 21  21  21  GLY GLY A . n 
A 1 22  TYR 22  22  22  TYR TYR A . n 
A 1 23  SER 23  23  23  SER SER A . n 
A 1 24  TRP 24  24  24  TRP TRP A . n 
A 1 25  SER 25  25  25  SER SER A . n 
A 1 26  GLN 26  26  26  GLN GLN A . n 
A 1 27  PHE 27  27  27  PHE PHE A . n 
A 1 28  SER 28  28  28  SER SER A . n 
A 1 29  ASP 29  69  ?   ?   ?   A . n 
A 1 30  VAL 30  70  ?   ?   ?   A . n 
A 1 31  GLU 31  71  ?   ?   ?   A . n 
A 1 32  GLU 32  72  ?   ?   ?   A . n 
A 1 33  ASN 33  73  ?   ?   ?   A . n 
A 1 34  ARG 34  74  ?   ?   ?   A . n 
A 1 35  THR 35  75  ?   ?   ?   A . n 
A 1 36  GLU 36  76  ?   ?   ?   A . n 
A 1 37  ALA 37  77  ?   ?   ?   A . n 
A 1 38  PRO 38  78  ?   ?   ?   A . n 
A 1 39  GLU 39  79  ?   ?   ?   A . n 
A 1 40  GLY 40  80  80  GLY GLY A . n 
A 1 41  THR 41  81  81  THR THR A . n 
A 1 42  GLU 42  82  82  GLU GLU A . n 
A 1 43  SER 43  83  83  SER SER A . n 
A 1 44  GLU 44  84  84  GLU GLU A . n 
A 1 45  ALA 45  85  85  ALA ALA A . n 
A 1 46  VAL 46  86  86  VAL VAL A . n 
A 1 47  LYS 47  87  87  LYS LYS A . n 
A 1 48  GLN 48  88  88  GLN GLN A . n 
A 1 49  ALA 49  89  89  ALA ALA A . n 
A 1 50  LEU 50  90  90  LEU LEU A . n 
A 1 51  ARG 51  91  91  ARG ARG A . n 
A 1 52  GLU 52  92  92  GLU GLU A . n 
A 1 53  ALA 53  93  93  ALA ALA A . n 
A 1 54  GLY 54  94  94  GLY GLY A . n 
A 1 55  ASP 55  95  95  ASP ASP A . n 
A 1 56  GLU 56  96  96  GLU GLU A . n 
A 1 57  PHE 57  97  97  PHE PHE A . n 
A 1 58  GLU 58  98  98  GLU GLU A . n 
A 1 59  LEU 59  99  99  LEU LEU A . n 
A 1 60  ARG 60  100 100 ARG ARG A . n 
A 1 61  TYR 61  101 101 TYR TYR A . n 
A 1 62  ARG 62  102 102 ARG ARG A . n 
A 1 63  ARG 63  103 103 ARG ARG A . n 
A 1 64  ALA 64  104 104 ALA ALA A . n 
A 1 65  PHE 65  105 105 PHE PHE A . n 
A 1 66  SER 66  106 106 SER SER A . n 
A 1 67  ASP 67  107 107 ASP ASP A . n 
A 1 68  LEU 68  108 108 LEU LEU A . n 
A 1 69  THR 69  109 109 THR THR A . n 
A 1 70  SER 70  110 110 SER SER A . n 
A 1 71  GLN 71  111 111 GLN GLN A . n 
A 1 72  LEU 72  112 112 LEU LEU A . n 
A 1 73  HIS 73  113 113 HIS HIS A . n 
A 1 74  ILE 74  114 114 ILE ILE A . n 
A 1 75  THR 75  115 115 THR THR A . n 
A 1 76  PRO 76  116 116 PRO PRO A . n 
A 1 77  GLY 77  117 117 GLY GLY A . n 
A 1 78  THR 78  118 118 THR THR A . n 
A 1 79  ALA 79  119 119 ALA ALA A . n 
A 1 80  TYR 80  120 120 TYR TYR A . n 
A 1 81  GLN 81  121 121 GLN GLN A . n 
A 1 82  SER 82  122 122 SER SER A . n 
A 1 83  PHE 83  123 123 PHE PHE A . n 
A 1 84  GLU 84  124 124 GLU GLU A . n 
A 1 85  GLN 85  125 125 GLN GLN A . n 
A 1 86  VAL 86  126 126 VAL VAL A . n 
A 1 87  VAL 87  127 127 VAL VAL A . n 
A 1 88  ASN 88  128 128 ASN ASN A . n 
A 1 89  GLU 89  129 129 GLU GLU A . n 
A 1 90  LEU 90  130 130 LEU LEU A . n 
A 1 91  PHE 91  131 131 PHE PHE A . n 
A 1 92  ARG 92  132 132 ARG ARG A . n 
A 1 93  ASP 93  133 133 ASP ASP A . n 
A 1 94  GLY 94  134 134 GLY GLY A . n 
A 1 95  VAL 95  135 135 VAL VAL A . n 
A 1 96  ASN 96  136 136 ASN ASN A . n 
A 1 97  TRP 97  137 137 TRP TRP A . n 
A 1 98  GLY 98  138 138 GLY GLY A . n 
A 1 99  ARG 99  139 139 ARG ARG A . n 
A 1 100 ILE 100 140 140 ILE ILE A . n 
A 1 101 VAL 101 141 141 VAL VAL A . n 
A 1 102 ALA 102 142 142 ALA ALA A . n 
A 1 103 PHE 103 143 143 PHE PHE A . n 
A 1 104 PHE 104 144 144 PHE PHE A . n 
A 1 105 SER 105 145 145 SER SER A . n 
A 1 106 PHE 106 146 146 PHE PHE A . n 
A 1 107 GLY 107 147 147 GLY GLY A . n 
A 1 108 GLY 108 148 148 GLY GLY A . n 
A 1 109 ALA 109 149 149 ALA ALA A . n 
A 1 110 LEU 110 150 150 LEU LEU A . n 
A 1 111 CYS 111 151 151 CYS CYS A . n 
A 1 112 VAL 112 152 152 VAL VAL A . n 
A 1 113 GLU 113 153 153 GLU GLU A . n 
A 1 114 SER 114 154 154 SER SER A . n 
A 1 115 VAL 115 155 155 VAL VAL A . n 
A 1 116 ASP 116 156 156 ASP ASP A . n 
A 1 117 LYS 117 157 157 LYS LYS A . n 
A 1 118 GLU 118 158 158 GLU GLU A . n 
A 1 119 MET 119 159 159 MET MET A . n 
A 1 120 GLN 120 160 160 GLN GLN A . n 
A 1 121 VAL 121 161 161 VAL VAL A . n 
A 1 122 LEU 122 162 162 LEU LEU A . n 
A 1 123 VAL 123 163 163 VAL VAL A . n 
A 1 124 SER 124 164 164 SER SER A . n 
A 1 125 ARG 125 165 165 ARG ARG A . n 
A 1 126 ILE 126 166 166 ILE ILE A . n 
A 1 127 ALA 127 167 167 ALA ALA A . n 
A 1 128 ALA 128 168 168 ALA ALA A . n 
A 1 129 TRP 129 169 169 TRP TRP A . n 
A 1 130 MET 130 170 170 MET MET A . n 
A 1 131 ALA 131 171 171 ALA ALA A . n 
A 1 132 THR 132 172 172 THR THR A . n 
A 1 133 TYR 133 173 173 TYR TYR A . n 
A 1 134 LEU 134 174 174 LEU LEU A . n 
A 1 135 ASN 135 175 175 ASN ASN A . n 
A 1 136 ASP 136 176 176 ASP ASP A . n 
A 1 137 HIS 137 177 177 HIS HIS A . n 
A 1 138 LEU 138 178 178 LEU LEU A . n 
A 1 139 GLU 139 179 179 GLU GLU A . n 
A 1 140 PRO 140 180 180 PRO PRO A . n 
A 1 141 TRP 141 181 181 TRP TRP A . n 
A 1 142 ILE 142 182 182 ILE ILE A . n 
A 1 143 GLN 143 183 183 GLN GLN A . n 
A 1 144 GLU 144 184 184 GLU GLU A . n 
A 1 145 ASN 145 185 185 ASN ASN A . n 
A 1 146 GLY 146 186 186 GLY GLY A . n 
A 1 147 GLY 147 187 187 GLY GLY A . n 
A 1 148 TRP 148 188 188 TRP TRP A . n 
A 1 149 ASP 149 189 189 ASP ASP A . n 
A 1 150 THR 150 190 190 THR THR A . n 
A 1 151 PHE 151 191 191 PHE PHE A . n 
A 1 152 VAL 152 192 192 VAL VAL A . n 
A 1 153 GLU 153 193 193 GLU GLU A . n 
A 1 154 LEU 154 194 194 LEU LEU A . n 
A 1 155 TYR 155 195 195 TYR TYR A . n 
A 1 156 GLY 156 196 196 GLY GLY A . n 
A 1 157 ASN 157 197 197 ASN ASN A . n 
A 1 158 ASN 158 198 198 ASN ASN A . n 
A 1 159 ALA 159 199 ?   ?   ?   A . n 
A 1 160 ALA 160 200 ?   ?   ?   A . n 
A 1 161 ALA 161 201 ?   ?   ?   A . n 
A 1 162 GLU 162 202 ?   ?   ?   A . n 
A 1 163 SER 163 203 ?   ?   ?   A . n 
A 1 164 ARG 164 204 ?   ?   ?   A . n 
A 1 165 LYS 165 205 ?   ?   ?   A . n 
A 1 166 GLY 166 206 ?   ?   ?   A . n 
A 1 167 GLN 167 207 ?   ?   ?   A . n 
A 1 168 GLU 168 208 ?   ?   ?   A . n 
A 1 169 ARG 169 209 ?   ?   ?   A . n 
A 1 170 LEU 170 210 ?   ?   ?   A . n 
A 1 171 GLU 171 211 ?   ?   ?   A . n 
A 1 172 GLY 172 212 ?   ?   ?   A . n 
A 1 173 GLY 173 213 ?   ?   ?   A . n 
A 1 174 MET 174 214 ?   ?   ?   A . n 
A 1 175 ALA 175 215 ?   ?   ?   A . n 
A 1 176 VAL 176 216 ?   ?   ?   A . n 
A 1 177 PRO 177 217 ?   ?   ?   A . n 
A 1 178 PRO 178 218 ?   ?   ?   A . n 
A 1 179 THR 179 219 ?   ?   ?   A . n 
A 1 180 TYR 180 220 ?   ?   ?   A . n 
A 1 181 ALA 181 221 ?   ?   ?   A . n 
A 1 182 ASP 182 222 ?   ?   ?   A . n 
A 1 183 LEU 183 223 ?   ?   ?   A . n 
A 1 184 GLY 184 224 ?   ?   ?   A . n 
A 1 185 LYS 185 225 ?   ?   ?   A . n 
A 1 186 SER 186 226 ?   ?   ?   A . n 
A 1 187 ALA 187 227 ?   ?   ?   A . n 
A 1 188 ARG 188 228 ?   ?   ?   A . n 
A 1 189 ASP 189 229 ?   ?   ?   A . n 
A 1 190 VAL 190 230 ?   ?   ?   A . n 
A 1 191 PHE 191 231 ?   ?   ?   A . n 
A 1 192 THR 192 232 ?   ?   ?   A . n 
A 1 193 LYS 193 233 ?   ?   ?   A . n 
A 1 194 GLY 194 234 ?   ?   ?   A . n 
A 1 195 TYR 195 235 ?   ?   ?   A . n 
A 1 196 GLY 196 236 ?   ?   ?   A . n 
A 1 197 PHE 197 237 ?   ?   ?   A . n 
A 1 198 GLY 198 238 ?   ?   ?   A . n 
A 1 199 LEU 199 239 ?   ?   ?   A . n 
A 1 200 GLY 200 240 ?   ?   ?   A . n 
A 1 201 GLY 201 241 ?   ?   ?   A . n 
A 1 202 HIS 202 242 ?   ?   ?   A . n 
A 1 203 HIS 203 243 ?   ?   ?   A . n 
A 1 204 HIS 204 244 ?   ?   ?   A . n 
A 1 205 HIS 205 245 ?   ?   ?   A . n 
A 1 206 HIS 206 246 ?   ?   ?   A . n 
A 1 207 HIS 207 247 ?   ?   ?   A . n 
B 1 1   MET 1   389 ?   ?   ?   B . n 
B 1 2   SER 2   390 ?   ?   ?   B . n 
B 1 3   GLN 3   391 ?   ?   ?   B . n 
B 1 4   SER 4   392 ?   ?   ?   B . n 
B 1 5   ASN 5   393 ?   ?   ?   B . n 
B 1 6   ARG 6   394 ?   ?   ?   B . n 
B 1 7   GLU 7   395 ?   ?   ?   B . n 
B 1 8   LEU 8   396 ?   ?   ?   B . n 
B 1 9   VAL 9   397 ?   ?   ?   B . n 
B 1 10  VAL 10  398 ?   ?   ?   B . n 
B 1 11  ASP 11  399 ?   ?   ?   B . n 
B 1 12  PHE 12  400 ?   ?   ?   B . n 
B 1 13  LEU 13  401 ?   ?   ?   B . n 
B 1 14  SER 14  402 ?   ?   ?   B . n 
B 1 15  TYR 15  403 ?   ?   ?   B . n 
B 1 16  LYS 16  404 ?   ?   ?   B . n 
B 1 17  LEU 17  405 ?   ?   ?   B . n 
B 1 18  SER 18  406 ?   ?   ?   B . n 
B 1 19  GLN 19  407 ?   ?   ?   B . n 
B 1 20  LYS 20  408 ?   ?   ?   B . n 
B 1 21  GLY 21  409 ?   ?   ?   B . n 
B 1 22  TYR 22  410 ?   ?   ?   B . n 
B 1 23  SER 23  411 ?   ?   ?   B . n 
B 1 24  TRP 24  412 ?   ?   ?   B . n 
B 1 25  SER 25  413 ?   ?   ?   B . n 
B 1 26  GLN 26  414 ?   ?   ?   B . n 
B 1 27  PHE 27  415 ?   ?   ?   B . n 
B 1 28  SER 28  416 ?   ?   ?   B . n 
B 1 29  ASP 29  417 ?   ?   ?   B . n 
B 1 30  VAL 30  418 ?   ?   ?   B . n 
B 1 31  GLU 31  419 ?   ?   ?   B . n 
B 1 32  GLU 32  420 ?   ?   ?   B . n 
B 1 33  ASN 33  421 ?   ?   ?   B . n 
B 1 34  ARG 34  422 ?   ?   ?   B . n 
B 1 35  THR 35  423 ?   ?   ?   B . n 
B 1 36  GLU 36  424 ?   ?   ?   B . n 
B 1 37  ALA 37  425 ?   ?   ?   B . n 
B 1 38  PRO 38  426 ?   ?   ?   B . n 
B 1 39  GLU 39  427 ?   ?   ?   B . n 
B 1 40  GLY 40  428 ?   ?   ?   B . n 
B 1 41  THR 41  429 ?   ?   ?   B . n 
B 1 42  GLU 42  430 ?   ?   ?   B . n 
B 1 43  SER 43  431 ?   ?   ?   B . n 
B 1 44  GLU 44  432 ?   ?   ?   B . n 
B 1 45  ALA 45  433 ?   ?   ?   B . n 
B 1 46  VAL 46  434 ?   ?   ?   B . n 
B 1 47  LYS 47  435 ?   ?   ?   B . n 
B 1 48  GLN 48  436 ?   ?   ?   B . n 
B 1 49  ALA 49  437 ?   ?   ?   B . n 
B 1 50  LEU 50  438 ?   ?   ?   B . n 
B 1 51  ARG 51  439 ?   ?   ?   B . n 
B 1 52  GLU 52  440 ?   ?   ?   B . n 
B 1 53  ALA 53  441 ?   ?   ?   B . n 
B 1 54  GLY 54  442 ?   ?   ?   B . n 
B 1 55  ASP 55  443 ?   ?   ?   B . n 
B 1 56  GLU 56  444 ?   ?   ?   B . n 
B 1 57  PHE 57  445 ?   ?   ?   B . n 
B 1 58  GLU 58  446 ?   ?   ?   B . n 
B 1 59  LEU 59  447 ?   ?   ?   B . n 
B 1 60  ARG 60  448 ?   ?   ?   B . n 
B 1 61  TYR 61  449 ?   ?   ?   B . n 
B 1 62  ARG 62  450 ?   ?   ?   B . n 
B 1 63  ARG 63  451 ?   ?   ?   B . n 
B 1 64  ALA 64  452 ?   ?   ?   B . n 
B 1 65  PHE 65  453 ?   ?   ?   B . n 
B 1 66  SER 66  454 ?   ?   ?   B . n 
B 1 67  ASP 67  455 ?   ?   ?   B . n 
B 1 68  LEU 68  456 ?   ?   ?   B . n 
B 1 69  THR 69  457 ?   ?   ?   B . n 
B 1 70  SER 70  458 ?   ?   ?   B . n 
B 1 71  GLN 71  459 ?   ?   ?   B . n 
B 1 72  LEU 72  460 ?   ?   ?   B . n 
B 1 73  HIS 73  461 ?   ?   ?   B . n 
B 1 74  ILE 74  462 ?   ?   ?   B . n 
B 1 75  THR 75  463 ?   ?   ?   B . n 
B 1 76  PRO 76  464 ?   ?   ?   B . n 
B 1 77  GLY 77  465 ?   ?   ?   B . n 
B 1 78  THR 78  466 ?   ?   ?   B . n 
B 1 79  ALA 79  467 ?   ?   ?   B . n 
B 1 80  TYR 80  468 ?   ?   ?   B . n 
B 1 81  GLN 81  469 ?   ?   ?   B . n 
B 1 82  SER 82  470 ?   ?   ?   B . n 
B 1 83  PHE 83  471 ?   ?   ?   B . n 
B 1 84  GLU 84  472 ?   ?   ?   B . n 
B 1 85  GLN 85  473 ?   ?   ?   B . n 
B 1 86  VAL 86  474 ?   ?   ?   B . n 
B 1 87  VAL 87  475 ?   ?   ?   B . n 
B 1 88  ASN 88  476 ?   ?   ?   B . n 
B 1 89  GLU 89  477 ?   ?   ?   B . n 
B 1 90  LEU 90  478 ?   ?   ?   B . n 
B 1 91  PHE 91  479 ?   ?   ?   B . n 
B 1 92  ARG 92  480 ?   ?   ?   B . n 
B 1 93  ASP 93  481 ?   ?   ?   B . n 
B 1 94  GLY 94  482 ?   ?   ?   B . n 
B 1 95  VAL 95  483 ?   ?   ?   B . n 
B 1 96  ASN 96  484 ?   ?   ?   B . n 
B 1 97  TRP 97  485 ?   ?   ?   B . n 
B 1 98  GLY 98  486 ?   ?   ?   B . n 
B 1 99  ARG 99  487 ?   ?   ?   B . n 
B 1 100 ILE 100 488 ?   ?   ?   B . n 
B 1 101 VAL 101 489 ?   ?   ?   B . n 
B 1 102 ALA 102 490 ?   ?   ?   B . n 
B 1 103 PHE 103 491 ?   ?   ?   B . n 
B 1 104 PHE 104 492 ?   ?   ?   B . n 
B 1 105 SER 105 493 ?   ?   ?   B . n 
B 1 106 PHE 106 494 ?   ?   ?   B . n 
B 1 107 GLY 107 495 ?   ?   ?   B . n 
B 1 108 GLY 108 496 ?   ?   ?   B . n 
B 1 109 ALA 109 497 ?   ?   ?   B . n 
B 1 110 LEU 110 498 ?   ?   ?   B . n 
B 1 111 CYS 111 499 ?   ?   ?   B . n 
B 1 112 VAL 112 500 ?   ?   ?   B . n 
B 1 113 GLU 113 501 ?   ?   ?   B . n 
B 1 114 SER 114 502 ?   ?   ?   B . n 
B 1 115 VAL 115 503 ?   ?   ?   B . n 
B 1 116 ASP 116 504 ?   ?   ?   B . n 
B 1 117 LYS 117 505 ?   ?   ?   B . n 
B 1 118 GLU 118 506 ?   ?   ?   B . n 
B 1 119 MET 119 507 ?   ?   ?   B . n 
B 1 120 GLN 120 508 ?   ?   ?   B . n 
B 1 121 VAL 121 509 ?   ?   ?   B . n 
B 1 122 LEU 122 510 ?   ?   ?   B . n 
B 1 123 VAL 123 511 ?   ?   ?   B . n 
B 1 124 SER 124 512 ?   ?   ?   B . n 
B 1 125 ARG 125 513 ?   ?   ?   B . n 
B 1 126 ILE 126 514 ?   ?   ?   B . n 
B 1 127 ALA 127 515 ?   ?   ?   B . n 
B 1 128 ALA 128 516 ?   ?   ?   B . n 
B 1 129 TRP 129 517 ?   ?   ?   B . n 
B 1 130 MET 130 518 ?   ?   ?   B . n 
B 1 131 ALA 131 519 ?   ?   ?   B . n 
B 1 132 THR 132 520 ?   ?   ?   B . n 
B 1 133 TYR 133 521 ?   ?   ?   B . n 
B 1 134 LEU 134 522 ?   ?   ?   B . n 
B 1 135 ASN 135 523 ?   ?   ?   B . n 
B 1 136 ASP 136 524 ?   ?   ?   B . n 
B 1 137 HIS 137 525 ?   ?   ?   B . n 
B 1 138 LEU 138 526 ?   ?   ?   B . n 
B 1 139 GLU 139 527 ?   ?   ?   B . n 
B 1 140 PRO 140 528 ?   ?   ?   B . n 
B 1 141 TRP 141 529 ?   ?   ?   B . n 
B 1 142 ILE 142 530 ?   ?   ?   B . n 
B 1 143 GLN 143 531 ?   ?   ?   B . n 
B 1 144 GLU 144 532 ?   ?   ?   B . n 
B 1 145 ASN 145 533 ?   ?   ?   B . n 
B 1 146 GLY 146 534 ?   ?   ?   B . n 
B 1 147 GLY 147 535 ?   ?   ?   B . n 
B 1 148 TRP 148 536 ?   ?   ?   B . n 
B 1 149 ASP 149 537 ?   ?   ?   B . n 
B 1 150 THR 150 538 ?   ?   ?   B . n 
B 1 151 PHE 151 539 ?   ?   ?   B . n 
B 1 152 VAL 152 540 ?   ?   ?   B . n 
B 1 153 GLU 153 541 ?   ?   ?   B . n 
B 1 154 LEU 154 542 ?   ?   ?   B . n 
B 1 155 TYR 155 543 ?   ?   ?   B . n 
B 1 156 GLY 156 544 ?   ?   ?   B . n 
B 1 157 ASN 157 545 ?   ?   ?   B . n 
B 1 158 ASN 158 546 ?   ?   ?   B . n 
B 1 159 ALA 159 547 ?   ?   ?   B . n 
B 1 160 ALA 160 548 ?   ?   ?   B . n 
B 1 161 ALA 161 549 ?   ?   ?   B . n 
B 1 162 GLU 162 550 ?   ?   ?   B . n 
B 1 163 SER 163 551 ?   ?   ?   B . n 
B 1 164 ARG 164 552 ?   ?   ?   B . n 
B 1 165 LYS 165 553 ?   ?   ?   B . n 
B 1 166 GLY 166 554 ?   ?   ?   B . n 
B 1 167 GLN 167 555 ?   ?   ?   B . n 
B 1 168 GLU 168 556 ?   ?   ?   B . n 
B 1 169 ARG 169 557 ?   ?   ?   B . n 
B 1 170 LEU 170 558 ?   ?   ?   B . n 
B 1 171 GLU 171 559 ?   ?   ?   B . n 
B 1 172 GLY 172 560 ?   ?   ?   B . n 
B 1 173 GLY 173 561 ?   ?   ?   B . n 
B 1 174 MET 174 562 ?   ?   ?   B . n 
B 1 175 ALA 175 563 ?   ?   ?   B . n 
B 1 176 VAL 176 564 ?   ?   ?   B . n 
B 1 177 PRO 177 565 ?   ?   ?   B . n 
B 1 178 PRO 178 566 ?   ?   ?   B . n 
B 1 179 THR 179 567 ?   ?   ?   B . n 
B 1 180 TYR 180 568 ?   ?   ?   B . n 
B 1 181 ALA 181 569 ?   ?   ?   B . n 
B 1 182 ASP 182 570 570 ASP ASP B . n 
B 1 183 LEU 183 571 571 LEU LEU B . n 
B 1 184 GLY 184 572 572 GLY GLY B . n 
B 1 185 LYS 185 573 573 LYS LYS B . n 
B 1 186 SER 186 574 574 SER SER B . n 
B 1 187 ALA 187 575 575 ALA ALA B . n 
B 1 188 ARG 188 576 576 ARG ARG B . n 
B 1 189 ASP 189 577 577 ASP ASP B . n 
B 1 190 VAL 190 578 578 VAL VAL B . n 
B 1 191 PHE 191 579 579 PHE PHE B . n 
B 1 192 THR 192 580 580 THR THR B . n 
B 1 193 LYS 193 581 581 LYS LYS B . n 
B 1 194 GLY 194 582 582 GLY GLY B . n 
B 1 195 TYR 195 583 583 TYR TYR B . n 
B 1 196 GLY 196 584 584 GLY GLY B . n 
B 1 197 PHE 197 585 585 PHE PHE B . n 
B 1 198 GLY 198 586 586 GLY GLY B . n 
B 1 199 LEU 199 587 587 LEU LEU B . n 
B 1 200 GLY 200 588 ?   ?   ?   B . n 
B 1 201 GLY 201 589 ?   ?   ?   B . n 
B 1 202 HIS 202 590 ?   ?   ?   B . n 
B 1 203 HIS 203 591 ?   ?   ?   B . n 
B 1 204 HIS 204 592 ?   ?   ?   B . n 
B 1 205 HIS 205 593 ?   ?   ?   B . n 
B 1 206 HIS 206 594 ?   ?   ?   B . n 
B 1 207 HIS 207 595 ?   ?   ?   B . n 
# 
loop_
_pdbx_nonpoly_scheme.asym_id 
_pdbx_nonpoly_scheme.entity_id 
_pdbx_nonpoly_scheme.mon_id 
_pdbx_nonpoly_scheme.ndb_seq_num 
_pdbx_nonpoly_scheme.pdb_seq_num 
_pdbx_nonpoly_scheme.auth_seq_num 
_pdbx_nonpoly_scheme.pdb_mon_id 
_pdbx_nonpoly_scheme.auth_mon_id 
_pdbx_nonpoly_scheme.pdb_strand_id 
_pdbx_nonpoly_scheme.pdb_ins_code 
C 2 SO4 1  301 1   SO4 SO4 A . 
D 2 SO4 1  302 2   SO4 SO4 A . 
E 2 SO4 1  303 3   SO4 SO4 A . 
F 3 HOH 1  401 37  HOH HOH A . 
F 3 HOH 2  402 60  HOH HOH A . 
F 3 HOH 3  403 56  HOH HOH A . 
F 3 HOH 4  404 104 HOH HOH A . 
F 3 HOH 5  405 80  HOH HOH A . 
F 3 HOH 6  406 20  HOH HOH A . 
F 3 HOH 7  407 101 HOH HOH A . 
F 3 HOH 8  408 75  HOH HOH A . 
F 3 HOH 9  409 25  HOH HOH A . 
F 3 HOH 10 410 98  HOH HOH A . 
F 3 HOH 11 411 4   HOH HOH A . 
F 3 HOH 12 412 36  HOH HOH A . 
F 3 HOH 13 413 19  HOH HOH A . 
F 3 HOH 14 414 2   HOH HOH A . 
F 3 HOH 15 415 8   HOH HOH A . 
F 3 HOH 16 416 72  HOH HOH A . 
F 3 HOH 17 417 21  HOH HOH A . 
F 3 HOH 18 418 87  HOH HOH A . 
F 3 HOH 19 419 69  HOH HOH A . 
F 3 HOH 20 420 14  HOH HOH A . 
F 3 HOH 21 421 86  HOH HOH A . 
F 3 HOH 22 422 97  HOH HOH A . 
F 3 HOH 23 423 17  HOH HOH A . 
F 3 HOH 24 424 23  HOH HOH A . 
F 3 HOH 25 425 33  HOH HOH A . 
F 3 HOH 26 426 45  HOH HOH A . 
F 3 HOH 27 427 7   HOH HOH A . 
F 3 HOH 28 428 3   HOH HOH A . 
F 3 HOH 29 429 29  HOH HOH A . 
F 3 HOH 30 430 35  HOH HOH A . 
F 3 HOH 31 431 39  HOH HOH A . 
F 3 HOH 32 432 27  HOH HOH A . 
F 3 HOH 33 433 1   HOH HOH A . 
F 3 HOH 34 434 28  HOH HOH A . 
F 3 HOH 35 435 53  HOH HOH A . 
F 3 HOH 36 436 110 HOH HOH A . 
F 3 HOH 37 437 12  HOH HOH A . 
F 3 HOH 38 438 109 HOH HOH A . 
F 3 HOH 39 439 34  HOH HOH A . 
F 3 HOH 40 440 82  HOH HOH A . 
F 3 HOH 41 441 102 HOH HOH A . 
F 3 HOH 42 442 70  HOH HOH A . 
F 3 HOH 43 443 24  HOH HOH A . 
F 3 HOH 44 444 100 HOH HOH A . 
F 3 HOH 45 445 55  HOH HOH A . 
F 3 HOH 46 446 89  HOH HOH A . 
F 3 HOH 47 447 9   HOH HOH A . 
F 3 HOH 48 448 103 HOH HOH A . 
F 3 HOH 49 449 38  HOH HOH A . 
F 3 HOH 50 450 5   HOH HOH A . 
F 3 HOH 51 451 91  HOH HOH A . 
F 3 HOH 52 452 85  HOH HOH A . 
F 3 HOH 53 453 26  HOH HOH A . 
F 3 HOH 54 454 62  HOH HOH A . 
F 3 HOH 55 455 22  HOH HOH A . 
F 3 HOH 56 456 81  HOH HOH A . 
F 3 HOH 57 457 43  HOH HOH A . 
F 3 HOH 58 458 71  HOH HOH A . 
F 3 HOH 59 459 47  HOH HOH A . 
F 3 HOH 60 460 66  HOH HOH A . 
F 3 HOH 61 461 105 HOH HOH A . 
F 3 HOH 62 462 40  HOH HOH A . 
F 3 HOH 63 463 41  HOH HOH A . 
F 3 HOH 64 464 99  HOH HOH A . 
F 3 HOH 65 465 54  HOH HOH A . 
F 3 HOH 66 466 106 HOH HOH A . 
F 3 HOH 67 467 108 HOH HOH A . 
F 3 HOH 68 468 61  HOH HOH A . 
F 3 HOH 69 469 95  HOH HOH A . 
F 3 HOH 70 470 52  HOH HOH A . 
F 3 HOH 71 471 84  HOH HOH A . 
F 3 HOH 72 472 90  HOH HOH A . 
F 3 HOH 73 473 111 HOH HOH A . 
F 3 HOH 74 474 59  HOH HOH A . 
G 3 HOH 1  601 6   HOH HOH B . 
G 3 HOH 2  602 79  HOH HOH B . 
G 3 HOH 3  603 88  HOH HOH B . 
G 3 HOH 4  604 107 HOH HOH B . 
G 3 HOH 5  605 78  HOH HOH B . 
G 3 HOH 6  606 68  HOH HOH B . 
# 
loop_
_software.citation_id 
_software.classification 
_software.compiler_name 
_software.compiler_version 
_software.contact_author 
_software.contact_author_email 
_software.date 
_software.description 
_software.dependencies 
_software.hardware 
_software.language 
_software.location 
_software.mods 
_software.name 
_software.os 
_software.os_version 
_software.type 
_software.version 
_software.pdbx_ordinal 
? refinement       ? ? ? ? ? ? ? ? ? ? ? REFMAC ? ? ? 5.8.0425 1 
? 'data reduction' ? ? ? ? ? ? ? ? ? ? ? XDS    ? ? ? .        2 
? 'data scaling'   ? ? ? ? ? ? ? ? ? ? ? SCALA  ? ? ? .        3 
? phasing          ? ? ? ? ? ? ? ? ? ? ? PHASER ? ? ? .        4 
# 
_cell.angle_alpha                  90.00 
_cell.angle_alpha_esd              ? 
_cell.angle_beta                   90.00 
_cell.angle_beta_esd               ? 
_cell.angle_gamma                  90.00 
_cell.angle_gamma_esd              ? 
_cell.entry_id                     9HPS 
_cell.details                      ? 
_cell.formula_units_Z              ? 
_cell.length_a                     35.120 
_cell.length_a_esd                 ? 
_cell.length_b                     98.750 
_cell.length_b_esd                 ? 
_cell.length_c                     103.910 
_cell.length_c_esd                 ? 
_cell.volume                       ? 
_cell.volume_esd                   ? 
_cell.Z_PDB                        16 
_cell.reciprocal_angle_alpha       ? 
_cell.reciprocal_angle_beta        ? 
_cell.reciprocal_angle_gamma       ? 
_cell.reciprocal_angle_alpha_esd   ? 
_cell.reciprocal_angle_beta_esd    ? 
_cell.reciprocal_angle_gamma_esd   ? 
_cell.reciprocal_length_a          ? 
_cell.reciprocal_length_b          ? 
_cell.reciprocal_length_c          ? 
_cell.reciprocal_length_a_esd      ? 
_cell.reciprocal_length_b_esd      ? 
_cell.reciprocal_length_c_esd      ? 
_cell.pdbx_unique_axis             ? 
_cell.pdbx_esd_method              ? 
# 
_symmetry.entry_id                         9HPS 
_symmetry.cell_setting                     ? 
_symmetry.Int_Tables_number                20 
_symmetry.space_group_name_Hall            ? 
_symmetry.space_group_name_H-M             'C 2 2 21' 
_symmetry.pdbx_full_space_group_name_H-M   ? 
# 
_exptl.absorpt_coefficient_mu     ? 
_exptl.absorpt_correction_T_max   ? 
_exptl.absorpt_correction_T_min   ? 
_exptl.absorpt_correction_type    ? 
_exptl.absorpt_process_details    ? 
_exptl.entry_id                   9HPS 
_exptl.crystals_number            1 
_exptl.details                    ? 
_exptl.method                     'X-RAY DIFFRACTION' 
_exptl.method_details             ? 
# 
_exptl_crystal.colour                       ? 
_exptl_crystal.density_diffrn               ? 
_exptl_crystal.density_Matthews             ? 
_exptl_crystal.density_method               ? 
_exptl_crystal.density_percent_sol          ? 
_exptl_crystal.description                  ? 
_exptl_crystal.F_000                        ? 
_exptl_crystal.id                           1 
_exptl_crystal.preparation                  ? 
_exptl_crystal.size_max                     ? 
_exptl_crystal.size_mid                     ? 
_exptl_crystal.size_min                     ? 
_exptl_crystal.size_rad                     ? 
_exptl_crystal.colour_lustre                ? 
_exptl_crystal.colour_modifier              ? 
_exptl_crystal.colour_primary               ? 
_exptl_crystal.density_meas                 ? 
_exptl_crystal.density_meas_esd             ? 
_exptl_crystal.density_meas_gt              ? 
_exptl_crystal.density_meas_lt              ? 
_exptl_crystal.density_meas_temp            ? 
_exptl_crystal.density_meas_temp_esd        ? 
_exptl_crystal.density_meas_temp_gt         ? 
_exptl_crystal.density_meas_temp_lt         ? 
_exptl_crystal.pdbx_crystal_image_url       ? 
_exptl_crystal.pdbx_crystal_image_format    ? 
_exptl_crystal.pdbx_mosaicity               ? 
_exptl_crystal.pdbx_mosaicity_esd           ? 
_exptl_crystal.pdbx_mosaic_method           ? 
_exptl_crystal.pdbx_mosaic_block_size       ? 
_exptl_crystal.pdbx_mosaic_block_size_esd   ? 
# 
_exptl_crystal_grow.apparatus       ? 
_exptl_crystal_grow.atmosphere      ? 
_exptl_crystal_grow.crystal_id      1 
_exptl_crystal_grow.details         ? 
_exptl_crystal_grow.method          'VAPOR DIFFUSION, SITTING DROP' 
_exptl_crystal_grow.method_ref      ? 
_exptl_crystal_grow.pH              9 
_exptl_crystal_grow.pressure        ? 
_exptl_crystal_grow.pressure_esd    ? 
_exptl_crystal_grow.seeding         ? 
_exptl_crystal_grow.seeding_ref     ? 
_exptl_crystal_grow.temp_details    ? 
_exptl_crystal_grow.temp_esd        ? 
_exptl_crystal_grow.time            ? 
_exptl_crystal_grow.pdbx_details    '1.6 M ammonium sulfate, 0.1 M bicine pH 9' 
_exptl_crystal_grow.pdbx_pH_range   ? 
_exptl_crystal_grow.temp            292 
# 
_diffrn.ambient_environment              ? 
_diffrn.ambient_temp                     100 
_diffrn.ambient_temp_details             ? 
_diffrn.ambient_temp_esd                 ? 
_diffrn.crystal_id                       1 
_diffrn.crystal_support                  ? 
_diffrn.crystal_treatment                ? 
_diffrn.details                          ? 
_diffrn.id                               1 
_diffrn.ambient_pressure                 ? 
_diffrn.ambient_pressure_esd             ? 
_diffrn.ambient_pressure_gt              ? 
_diffrn.ambient_pressure_lt              ? 
_diffrn.ambient_temp_gt                  ? 
_diffrn.ambient_temp_lt                  ? 
_diffrn.pdbx_serial_crystal_experiment   N 
# 
_diffrn_detector.details                      ? 
_diffrn_detector.detector                     PIXEL 
_diffrn_detector.diffrn_id                    1 
_diffrn_detector.type                         'DECTRIS EIGER X 16M' 
_diffrn_detector.area_resol_mean              ? 
_diffrn_detector.dtime                        ? 
_diffrn_detector.pdbx_frames_total            ? 
_diffrn_detector.pdbx_collection_time_total   ? 
_diffrn_detector.pdbx_collection_date         2015-09-10 
_diffrn_detector.pdbx_frequency               ? 
_diffrn_detector.id                           ? 
_diffrn_detector.number_of_axes               ? 
# 
_diffrn_radiation.collimation                      ? 
_diffrn_radiation.diffrn_id                        1 
_diffrn_radiation.filter_edge                      ? 
_diffrn_radiation.inhomogeneity                    ? 
_diffrn_radiation.monochromator                    ? 
_diffrn_radiation.polarisn_norm                    ? 
_diffrn_radiation.polarisn_ratio                   ? 
_diffrn_radiation.probe                            ? 
_diffrn_radiation.type                             ? 
_diffrn_radiation.xray_symbol                      ? 
_diffrn_radiation.wavelength_id                    1 
_diffrn_radiation.pdbx_monochromatic_or_laue_m_l   M 
_diffrn_radiation.pdbx_wavelength_list             ? 
_diffrn_radiation.pdbx_wavelength                  ? 
_diffrn_radiation.pdbx_diffrn_protocol             'SINGLE WAVELENGTH' 
_diffrn_radiation.pdbx_analyzer                    ? 
_diffrn_radiation.pdbx_scattering_type             x-ray 
# 
_diffrn_radiation_wavelength.id           1 
_diffrn_radiation_wavelength.wavelength   0.99999 
_diffrn_radiation_wavelength.wt           1.0 
# 
_diffrn_source.current                     ? 
_diffrn_source.details                     ? 
_diffrn_source.diffrn_id                   1 
_diffrn_source.power                       ? 
_diffrn_source.size                        ? 
_diffrn_source.source                      SYNCHROTRON 
_diffrn_source.target                      ? 
_diffrn_source.type                        'SLS BEAMLINE X06SA' 
_diffrn_source.voltage                     ? 
_diffrn_source.take-off_angle              ? 
_diffrn_source.pdbx_wavelength_list        0.99999 
_diffrn_source.pdbx_wavelength             ? 
_diffrn_source.pdbx_synchrotron_beamline   X06SA 
_diffrn_source.pdbx_synchrotron_site       SLS 
# 
_reflns.B_iso_Wilson_estimate                          ? 
_reflns.entry_id                                       9HPS 
_reflns.data_reduction_details                         ? 
_reflns.data_reduction_method                          ? 
_reflns.d_resolution_high                              1.95 
_reflns.d_resolution_low                               50 
_reflns.details                                        ? 
_reflns.limit_h_max                                    ? 
_reflns.limit_h_min                                    ? 
_reflns.limit_k_max                                    ? 
_reflns.limit_k_min                                    ? 
_reflns.limit_l_max                                    ? 
_reflns.limit_l_min                                    ? 
_reflns.number_all                                     ? 
_reflns.number_obs                                     12735 
_reflns.observed_criterion                             ? 
_reflns.observed_criterion_F_max                       ? 
_reflns.observed_criterion_F_min                       ? 
_reflns.observed_criterion_I_max                       ? 
_reflns.observed_criterion_I_min                       ? 
_reflns.observed_criterion_sigma_F                     ? 
_reflns.observed_criterion_sigma_I                     ? 
_reflns.percent_possible_obs                           98.7 
_reflns.R_free_details                                 ? 
_reflns.Rmerge_F_all                                   ? 
_reflns.Rmerge_F_obs                                   ? 
_reflns.Friedel_coverage                               ? 
_reflns.number_gt                                      ? 
_reflns.threshold_expression                           ? 
_reflns.pdbx_redundancy                                4.1 
_reflns.pdbx_netI_over_av_sigmaI                       ? 
_reflns.pdbx_netI_over_sigmaI                          12.6 
_reflns.pdbx_res_netI_over_av_sigmaI_2                 ? 
_reflns.pdbx_res_netI_over_sigmaI_2                    ? 
_reflns.pdbx_chi_squared                               ? 
_reflns.pdbx_scaling_rejects                           ? 
_reflns.pdbx_d_res_high_opt                            ? 
_reflns.pdbx_d_res_low_opt                             ? 
_reflns.pdbx_d_res_opt_method                          ? 
_reflns.phase_calculation_details                      ? 
_reflns.pdbx_Rrim_I_all                                ? 
_reflns.pdbx_Rpim_I_all                                ? 
_reflns.pdbx_d_opt                                     ? 
_reflns.pdbx_number_measured_all                       ? 
_reflns.pdbx_diffrn_id                                 1 
_reflns.pdbx_ordinal                                   1 
_reflns.pdbx_CC_half                                   0.997 
_reflns.pdbx_CC_star                                   ? 
_reflns.pdbx_R_split                                   ? 
_reflns.pdbx_Rmerge_I_obs                              ? 
_reflns.pdbx_Rmerge_I_all                              ? 
_reflns.pdbx_Rsym_value                                ? 
_reflns.pdbx_CC_split_method                           ? 
_reflns.pdbx_aniso_diffraction_limit_axis_1_ortho[1]   ? 
_reflns.pdbx_aniso_diffraction_limit_axis_1_ortho[2]   ? 
_reflns.pdbx_aniso_diffraction_limit_axis_1_ortho[3]   ? 
_reflns.pdbx_aniso_diffraction_limit_axis_2_ortho[1]   ? 
_reflns.pdbx_aniso_diffraction_limit_axis_2_ortho[2]   ? 
_reflns.pdbx_aniso_diffraction_limit_axis_2_ortho[3]   ? 
_reflns.pdbx_aniso_diffraction_limit_axis_3_ortho[1]   ? 
_reflns.pdbx_aniso_diffraction_limit_axis_3_ortho[2]   ? 
_reflns.pdbx_aniso_diffraction_limit_axis_3_ortho[3]   ? 
_reflns.pdbx_aniso_diffraction_limit_1                 ? 
_reflns.pdbx_aniso_diffraction_limit_2                 ? 
_reflns.pdbx_aniso_diffraction_limit_3                 ? 
_reflns.pdbx_aniso_B_tensor_eigenvector_1_ortho[1]     ? 
_reflns.pdbx_aniso_B_tensor_eigenvector_1_ortho[2]     ? 
_reflns.pdbx_aniso_B_tensor_eigenvector_1_ortho[3]     ? 
_reflns.pdbx_aniso_B_tensor_eigenvector_2_ortho[1]     ? 
_reflns.pdbx_aniso_B_tensor_eigenvector_2_ortho[2]     ? 
_reflns.pdbx_aniso_B_tensor_eigenvector_2_ortho[3]     ? 
_reflns.pdbx_aniso_B_tensor_eigenvector_3_ortho[1]     ? 
_reflns.pdbx_aniso_B_tensor_eigenvector_3_ortho[2]     ? 
_reflns.pdbx_aniso_B_tensor_eigenvector_3_ortho[3]     ? 
_reflns.pdbx_aniso_B_tensor_eigenvalue_1               ? 
_reflns.pdbx_aniso_B_tensor_eigenvalue_2               ? 
_reflns.pdbx_aniso_B_tensor_eigenvalue_3               ? 
_reflns.pdbx_orthogonalization_convention              ? 
_reflns.pdbx_percent_possible_ellipsoidal              ? 
_reflns.pdbx_percent_possible_spherical                ? 
_reflns.pdbx_percent_possible_ellipsoidal_anomalous    ? 
_reflns.pdbx_percent_possible_spherical_anomalous      ? 
_reflns.pdbx_redundancy_anomalous                      ? 
_reflns.pdbx_CC_half_anomalous                         ? 
_reflns.pdbx_absDiff_over_sigma_anomalous              ? 
_reflns.pdbx_percent_possible_anomalous                ? 
_reflns.pdbx_observed_signal_threshold                 ? 
_reflns.pdbx_signal_type                               ? 
_reflns.pdbx_signal_details                            ? 
_reflns.pdbx_signal_software_id                        ? 
# 
_reflns_shell.d_res_high                                    1.95 
_reflns_shell.d_res_low                                     2 
_reflns_shell.meanI_over_sigI_all                           ? 
_reflns_shell.meanI_over_sigI_obs                           2.3 
_reflns_shell.number_measured_all                           ? 
_reflns_shell.number_measured_obs                           ? 
_reflns_shell.number_possible                               ? 
_reflns_shell.number_unique_all                             ? 
_reflns_shell.number_unique_obs                             1012 
_reflns_shell.percent_possible_obs                          ? 
_reflns_shell.Rmerge_F_all                                  ? 
_reflns_shell.Rmerge_F_obs                                  ? 
_reflns_shell.meanI_over_sigI_gt                            ? 
_reflns_shell.meanI_over_uI_all                             ? 
_reflns_shell.meanI_over_uI_gt                              ? 
_reflns_shell.number_measured_gt                            ? 
_reflns_shell.number_unique_gt                              ? 
_reflns_shell.percent_possible_gt                           ? 
_reflns_shell.Rmerge_F_gt                                   ? 
_reflns_shell.Rmerge_I_gt                                   ? 
_reflns_shell.pdbx_redundancy                               ? 
_reflns_shell.pdbx_chi_squared                              ? 
_reflns_shell.pdbx_netI_over_sigmaI_all                     ? 
_reflns_shell.pdbx_netI_over_sigmaI_obs                     ? 
_reflns_shell.pdbx_Rrim_I_all                               ? 
_reflns_shell.pdbx_Rpim_I_all                               ? 
_reflns_shell.pdbx_rejects                                  ? 
_reflns_shell.pdbx_ordinal                                  1 
_reflns_shell.pdbx_diffrn_id                                1 
_reflns_shell.pdbx_CC_half                                  0.802 
_reflns_shell.pdbx_CC_star                                  ? 
_reflns_shell.pdbx_R_split                                  ? 
_reflns_shell.percent_possible_all                          ? 
_reflns_shell.Rmerge_I_all                                  ? 
_reflns_shell.Rmerge_I_obs                                  ? 
_reflns_shell.pdbx_Rsym_value                               ? 
_reflns_shell.pdbx_percent_possible_ellipsoidal             ? 
_reflns_shell.pdbx_percent_possible_spherical               ? 
_reflns_shell.pdbx_percent_possible_ellipsoidal_anomalous   ? 
_reflns_shell.pdbx_percent_possible_spherical_anomalous     ? 
_reflns_shell.pdbx_redundancy_anomalous                     ? 
_reflns_shell.pdbx_CC_half_anomalous                        ? 
_reflns_shell.pdbx_absDiff_over_sigma_anomalous             ? 
_reflns_shell.pdbx_percent_possible_anomalous               ? 
# 
_refine.aniso_B[1][1]                            -0.00 
_refine.aniso_B[1][2]                            -0.00 
_refine.aniso_B[1][3]                            0.00 
_refine.aniso_B[2][2]                            -0.01 
_refine.aniso_B[2][3]                            0.00 
_refine.aniso_B[3][3]                            0.01 
_refine.B_iso_max                                ? 
_refine.B_iso_mean                               35.090 
_refine.B_iso_min                                ? 
_refine.correlation_coeff_Fo_to_Fc               0.963 
_refine.correlation_coeff_Fo_to_Fc_free          0.947 
_refine.details                                  'HYDROGENS HAVE BEEN ADDED IN THE RIDING POSITIONS' 
_refine.diff_density_max                         ? 
_refine.diff_density_max_esd                     ? 
_refine.diff_density_min                         ? 
_refine.diff_density_min_esd                     ? 
_refine.diff_density_rms                         ? 
_refine.diff_density_rms_esd                     ? 
_refine.entry_id                                 9HPS 
_refine.pdbx_refine_id                           'X-RAY DIFFRACTION' 
_refine.ls_abs_structure_details                 ? 
_refine.ls_abs_structure_Flack                   ? 
_refine.ls_abs_structure_Flack_esd               ? 
_refine.ls_abs_structure_Rogers                  ? 
_refine.ls_abs_structure_Rogers_esd              ? 
_refine.ls_d_res_high                            1.95 
_refine.ls_d_res_low                             44.64 
_refine.ls_extinction_coef                       ? 
_refine.ls_extinction_coef_esd                   ? 
_refine.ls_extinction_expression                 ? 
_refine.ls_extinction_method                     ? 
_refine.ls_goodness_of_fit_all                   ? 
_refine.ls_goodness_of_fit_all_esd               ? 
_refine.ls_goodness_of_fit_obs                   ? 
_refine.ls_goodness_of_fit_obs_esd               ? 
_refine.ls_hydrogen_treatment                    ? 
_refine.ls_matrix_type                           ? 
_refine.ls_number_constraints                    ? 
_refine.ls_number_parameters                     ? 
_refine.ls_number_reflns_all                     ? 
_refine.ls_number_reflns_obs                     12735 
_refine.ls_number_reflns_R_free                  677 
_refine.ls_number_reflns_R_work                  ? 
_refine.ls_number_restraints                     ? 
_refine.ls_percent_reflns_obs                    98.65 
_refine.ls_percent_reflns_R_free                 5.0 
_refine.ls_R_factor_all                          ? 
_refine.ls_R_factor_obs                          0.17135 
_refine.ls_R_factor_R_free                       0.20055 
_refine.ls_R_factor_R_free_error                 ? 
_refine.ls_R_factor_R_free_error_details         ? 
_refine.ls_R_factor_R_work                       0.16972 
_refine.ls_R_Fsqd_factor_obs                     ? 
_refine.ls_R_I_factor_obs                        ? 
_refine.ls_redundancy_reflns_all                 ? 
_refine.ls_redundancy_reflns_obs                 ? 
_refine.ls_restrained_S_all                      ? 
_refine.ls_restrained_S_obs                      ? 
_refine.ls_shift_over_esd_max                    ? 
_refine.ls_shift_over_esd_mean                   ? 
_refine.ls_structure_factor_coef                 ? 
_refine.ls_weighting_details                     ? 
_refine.ls_weighting_scheme                      ? 
_refine.ls_wR_factor_all                         ? 
_refine.ls_wR_factor_obs                         ? 
_refine.ls_wR_factor_R_free                      ? 
_refine.ls_wR_factor_R_work                      ? 
_refine.occupancy_max                            ? 
_refine.occupancy_min                            ? 
_refine.solvent_model_details                    MASK 
_refine.solvent_model_param_bsol                 ? 
_refine.solvent_model_param_ksol                 ? 
_refine.pdbx_R_complete                          ? 
_refine.ls_R_factor_gt                           ? 
_refine.ls_goodness_of_fit_gt                    ? 
_refine.ls_goodness_of_fit_ref                   ? 
_refine.ls_shift_over_su_max                     ? 
_refine.ls_shift_over_su_max_lt                  ? 
_refine.ls_shift_over_su_mean                    ? 
_refine.ls_shift_over_su_mean_lt                 ? 
_refine.pdbx_ls_sigma_I                          ? 
_refine.pdbx_ls_sigma_F                          ? 
_refine.pdbx_ls_sigma_Fsqd                       ? 
_refine.pdbx_data_cutoff_high_absF               ? 
_refine.pdbx_data_cutoff_high_rms_absF           ? 
_refine.pdbx_data_cutoff_low_absF                ? 
_refine.pdbx_isotropic_thermal_model             ? 
_refine.pdbx_ls_cross_valid_method               THROUGHOUT 
_refine.pdbx_method_to_determine_struct          'MOLECULAR REPLACEMENT' 
_refine.pdbx_starting_model                      ? 
_refine.pdbx_stereochemistry_target_values       'MAXIMUM LIKELIHOOD' 
_refine.pdbx_R_Free_selection_details            RANDOM 
_refine.pdbx_stereochem_target_val_spec_case     ? 
_refine.pdbx_overall_ESU_R                       0.153 
_refine.pdbx_overall_ESU_R_Free                  0.134 
_refine.pdbx_solvent_vdw_probe_radii             1.20 
_refine.pdbx_solvent_ion_probe_radii             0.80 
_refine.pdbx_solvent_shrinkage_radii             0.80 
_refine.pdbx_real_space_R                        ? 
_refine.pdbx_density_correlation                 ? 
_refine.pdbx_pd_number_of_powder_patterns        ? 
_refine.pdbx_pd_number_of_points                 ? 
_refine.pdbx_pd_meas_number_of_points            ? 
_refine.pdbx_pd_proc_ls_prof_R_factor            ? 
_refine.pdbx_pd_proc_ls_prof_wR_factor           ? 
_refine.pdbx_pd_Marquardt_correlation_coeff      ? 
_refine.pdbx_pd_Fsqrd_R_factor                   ? 
_refine.pdbx_pd_ls_matrix_band_width             ? 
_refine.pdbx_overall_phase_error                 ? 
_refine.pdbx_overall_SU_R_free_Cruickshank_DPI   ? 
_refine.pdbx_overall_SU_R_free_Blow_DPI          ? 
_refine.pdbx_overall_SU_R_Blow_DPI               ? 
_refine.pdbx_TLS_residual_ADP_flag               ? 
_refine.pdbx_diffrn_id                           1 
_refine.overall_SU_B                             3.551 
_refine.overall_SU_ML                            0.099 
_refine.overall_SU_R_Cruickshank_DPI             ? 
_refine.overall_SU_R_free                        ? 
_refine.overall_FOM_free_R_set                   ? 
_refine.overall_FOM_work_R_set                   ? 
_refine.pdbx_average_fsc_overall                 ? 
_refine.pdbx_average_fsc_work                    ? 
_refine.pdbx_average_fsc_free                    ? 
# 
_refine_hist.pdbx_refine_id                   'X-RAY DIFFRACTION' 
_refine_hist.cycle_id                         1 
_refine_hist.details                          ? 
_refine_hist.d_res_high                       1.95 
_refine_hist.d_res_low                        44.64 
_refine_hist.number_atoms_solvent             80 
_refine_hist.number_atoms_total               1413 
_refine_hist.number_reflns_all                ? 
_refine_hist.number_reflns_obs                ? 
_refine_hist.number_reflns_R_free             ? 
_refine_hist.number_reflns_R_work             ? 
_refine_hist.R_factor_all                     ? 
_refine_hist.R_factor_obs                     ? 
_refine_hist.R_factor_R_free                  ? 
_refine_hist.R_factor_R_work                  ? 
_refine_hist.pdbx_number_residues_total       ? 
_refine_hist.pdbx_B_iso_mean_ligand           ? 
_refine_hist.pdbx_B_iso_mean_solvent          ? 
_refine_hist.pdbx_number_atoms_protein        1318 
_refine_hist.pdbx_number_atoms_nucleic_acid   0 
_refine_hist.pdbx_number_atoms_ligand         15 
_refine_hist.pdbx_number_atoms_lipid          ? 
_refine_hist.pdbx_number_atoms_carb           ? 
_refine_hist.pdbx_pseudo_atom_details         ? 
# 
loop_
_refine_ls_restr.pdbx_refine_id 
_refine_ls_restr.criterion 
_refine_ls_restr.dev_ideal 
_refine_ls_restr.dev_ideal_target 
_refine_ls_restr.number 
_refine_ls_restr.rejects 
_refine_ls_restr.type 
_refine_ls_restr.weight 
_refine_ls_restr.pdbx_restraint_function 
'X-RAY DIFFRACTION' ? 0.008  0.012  1388 ? r_bond_refined_d             ? ? 
'X-RAY DIFFRACTION' ? 0.001  0.016  1248 ? r_bond_other_d               ? ? 
'X-RAY DIFFRACTION' ? 1.759  1.806  1880 ? r_angle_refined_deg          ? ? 
'X-RAY DIFFRACTION' ? 0.590  1.760  2859 ? r_angle_other_deg            ? ? 
'X-RAY DIFFRACTION' ? 6.715  5.000  169  ? r_dihedral_angle_1_deg       ? ? 
'X-RAY DIFFRACTION' ? 8.113  5.000  10   ? r_dihedral_angle_2_deg       ? ? 
'X-RAY DIFFRACTION' ? 14.601 10.000 225  ? r_dihedral_angle_3_deg       ? ? 
'X-RAY DIFFRACTION' ? ?      ?      ?    ? r_dihedral_angle_4_deg       ? ? 
'X-RAY DIFFRACTION' ? 0.081  0.200  195  ? r_chiral_restr               ? ? 
'X-RAY DIFFRACTION' ? 0.008  0.020  1696 ? r_gen_planes_refined         ? ? 
'X-RAY DIFFRACTION' ? 0.001  0.020  370  ? r_gen_planes_other           ? ? 
'X-RAY DIFFRACTION' ? ?      ?      ?    ? r_nbd_refined                ? ? 
'X-RAY DIFFRACTION' ? ?      ?      ?    ? r_nbd_other                  ? ? 
'X-RAY DIFFRACTION' ? ?      ?      ?    ? r_nbtor_refined              ? ? 
'X-RAY DIFFRACTION' ? ?      ?      ?    ? r_nbtor_other                ? ? 
'X-RAY DIFFRACTION' ? ?      ?      ?    ? r_xyhbond_nbd_refined        ? ? 
'X-RAY DIFFRACTION' ? ?      ?      ?    ? r_xyhbond_nbd_other          ? ? 
'X-RAY DIFFRACTION' ? ?      ?      ?    ? r_metal_ion_refined          ? ? 
'X-RAY DIFFRACTION' ? ?      ?      ?    ? r_metal_ion_other            ? ? 
'X-RAY DIFFRACTION' ? ?      ?      ?    ? r_symmetry_vdw_refined       ? ? 
'X-RAY DIFFRACTION' ? ?      ?      ?    ? r_symmetry_vdw_other         ? ? 
'X-RAY DIFFRACTION' ? ?      ?      ?    ? r_symmetry_hbond_refined     ? ? 
'X-RAY DIFFRACTION' ? ?      ?      ?    ? r_symmetry_hbond_other       ? ? 
'X-RAY DIFFRACTION' ? ?      ?      ?    ? r_symmetry_metal_ion_refined ? ? 
'X-RAY DIFFRACTION' ? ?      ?      ?    ? r_symmetry_metal_ion_other   ? ? 
'X-RAY DIFFRACTION' ? 3.872  3.425  664  ? r_mcbond_it                  ? ? 
'X-RAY DIFFRACTION' ? 3.847  3.425  664  ? r_mcbond_other               ? ? 
'X-RAY DIFFRACTION' ? 5.672  6.089  828  ? r_mcangle_it                 ? ? 
'X-RAY DIFFRACTION' ? 5.669  6.096  829  ? r_mcangle_other              ? ? 
'X-RAY DIFFRACTION' ? 5.068  3.950  724  ? r_scbond_it                  ? ? 
'X-RAY DIFFRACTION' ? 5.003  3.934  713  ? r_scbond_other               ? ? 
'X-RAY DIFFRACTION' ? ?      ?      ?    ? r_scangle_it                 ? ? 
'X-RAY DIFFRACTION' ? 8.083  6.945  1032 ? r_scangle_other              ? ? 
'X-RAY DIFFRACTION' ? 10.092 39.74  1679 ? r_long_range_B_refined       ? ? 
'X-RAY DIFFRACTION' ? 10.078 39.28  1663 ? r_long_range_B_other         ? ? 
'X-RAY DIFFRACTION' ? ?      ?      ?    ? r_rigid_bond_restr           ? ? 
'X-RAY DIFFRACTION' ? ?      ?      ?    ? r_sphericity_free            ? ? 
'X-RAY DIFFRACTION' ? ?      ?      ?    ? r_sphericity_bonded          ? ? 
# 
_refine_ls_shell.pdbx_refine_id                   'X-RAY DIFFRACTION' 
_refine_ls_shell.d_res_high                       1.950 
_refine_ls_shell.d_res_low                        2.001 
_refine_ls_shell.number_reflns_all                ? 
_refine_ls_shell.number_reflns_obs                ? 
_refine_ls_shell.number_reflns_R_free             37 
_refine_ls_shell.number_reflns_R_work             894 
_refine_ls_shell.percent_reflns_obs               96.08 
_refine_ls_shell.percent_reflns_R_free            ? 
_refine_ls_shell.R_factor_all                     ? 
_refine_ls_shell.R_factor_obs                     ? 
_refine_ls_shell.R_factor_R_free_error            ? 
_refine_ls_shell.R_factor_R_work                  0.266 
_refine_ls_shell.redundancy_reflns_all            ? 
_refine_ls_shell.redundancy_reflns_obs            ? 
_refine_ls_shell.wR_factor_all                    ? 
_refine_ls_shell.wR_factor_obs                    ? 
_refine_ls_shell.wR_factor_R_free                 ? 
_refine_ls_shell.wR_factor_R_work                 ? 
_refine_ls_shell.pdbx_R_complete                  ? 
_refine_ls_shell.pdbx_total_number_of_bins_used   20 
_refine_ls_shell.pdbx_phase_error                 ? 
_refine_ls_shell.pdbx_fsc_work                    ? 
_refine_ls_shell.pdbx_fsc_free                    ? 
_refine_ls_shell.R_factor_R_free                  0.214 
# 
_struct.entry_id                     9HPS 
_struct.title                        'Human BclxLdeltaLT-VDAC1-N fusion protein complex structure' 
_struct.pdbx_model_details           ? 
_struct.pdbx_formula_weight          ? 
_struct.pdbx_formula_weight_method   ? 
_struct.pdbx_model_type_details      ? 
_struct.pdbx_CASP_flag               N 
# 
_struct_keywords.entry_id        9HPS 
_struct_keywords.text            
'B-cell lymphoma-extra large, BCL-XL, anti-apoptotic, VDAC1, voltage-dependent anion channel protein, complex, fusion, APOPTOSIS' 
_struct_keywords.pdbx_keywords   APOPTOSIS 
# 
loop_
_struct_asym.id 
_struct_asym.pdbx_blank_PDB_chainid_flag 
_struct_asym.pdbx_modified 
_struct_asym.entity_id 
_struct_asym.details 
A N N 1 ? 
B N N 1 ? 
C N N 2 ? 
D N N 2 ? 
E N N 2 ? 
F N N 3 ? 
G N N 3 ? 
# 
_struct_ref.id                         1 
_struct_ref.db_name                    PDB 
_struct_ref.db_code                    9HPS 
_struct_ref.pdbx_db_accession          9HPS 
_struct_ref.pdbx_db_isoform            ? 
_struct_ref.entity_id                  1 
_struct_ref.pdbx_seq_one_letter_code   ? 
_struct_ref.pdbx_align_begin           1 
# 
loop_
_struct_ref_seq.align_id 
_struct_ref_seq.ref_id 
_struct_ref_seq.pdbx_PDB_id_code 
_struct_ref_seq.pdbx_strand_id 
_struct_ref_seq.seq_align_beg 
_struct_ref_seq.pdbx_seq_align_beg_ins_code 
_struct_ref_seq.seq_align_end 
_struct_ref_seq.pdbx_seq_align_end_ins_code 
_struct_ref_seq.pdbx_db_accession 
_struct_ref_seq.db_align_beg 
_struct_ref_seq.pdbx_db_align_beg_ins_code 
_struct_ref_seq.db_align_end 
_struct_ref_seq.pdbx_db_align_end_ins_code 
_struct_ref_seq.pdbx_auth_seq_align_beg 
_struct_ref_seq.pdbx_auth_seq_align_end 
1 1 9HPS A 1 ? 207 ? 9HPS 1   ? 247 ? 1   247 
2 1 9HPS B 1 ? 207 ? 9HPS 389 ? 595 ? 389 595 
# 
_pdbx_struct_assembly.id                   1 
_pdbx_struct_assembly.details              author_defined_assembly 
_pdbx_struct_assembly.method_details       ? 
_pdbx_struct_assembly.oligomeric_details   dimeric 
_pdbx_struct_assembly.oligomeric_count     2 
# 
loop_
_pdbx_struct_assembly_prop.biol_id 
_pdbx_struct_assembly_prop.type 
_pdbx_struct_assembly_prop.value 
_pdbx_struct_assembly_prop.details 
1 'ABSA (A^2)' 1650 ? 
1 MORE         -38  ? 
1 'SSA (A^2)'  9330 ? 
# 
_pdbx_struct_assembly_gen.assembly_id       1 
_pdbx_struct_assembly_gen.oper_expression   1 
_pdbx_struct_assembly_gen.asym_id_list      A,B,C,D,E,F,G 
# 
_pdbx_struct_assembly_auth_evidence.id                     1 
_pdbx_struct_assembly_auth_evidence.assembly_id            1 
_pdbx_struct_assembly_auth_evidence.experimental_support   'gel filtration' 
_pdbx_struct_assembly_auth_evidence.details                ? 
# 
_pdbx_struct_oper_list.id                   1 
_pdbx_struct_oper_list.type                 'identity operation' 
_pdbx_struct_oper_list.name                 1_555 
_pdbx_struct_oper_list.symmetry_operation   x,y,z 
_pdbx_struct_oper_list.matrix[1][1]         1.0000000000 
_pdbx_struct_oper_list.matrix[1][2]         0.0000000000 
_pdbx_struct_oper_list.matrix[1][3]         0.0000000000 
_pdbx_struct_oper_list.vector[1]            0.0000000000 
_pdbx_struct_oper_list.matrix[2][1]         0.0000000000 
_pdbx_struct_oper_list.matrix[2][2]         1.0000000000 
_pdbx_struct_oper_list.matrix[2][3]         0.0000000000 
_pdbx_struct_oper_list.vector[2]            0.0000000000 
_pdbx_struct_oper_list.matrix[3][1]         0.0000000000 
_pdbx_struct_oper_list.matrix[3][2]         0.0000000000 
_pdbx_struct_oper_list.matrix[3][3]         1.0000000000 
_pdbx_struct_oper_list.vector[3]            0.0000000000 
# 
loop_
_struct_conf.conf_type_id 
_struct_conf.id 
_struct_conf.pdbx_PDB_helix_id 
_struct_conf.beg_label_comp_id 
_struct_conf.beg_label_asym_id 
_struct_conf.beg_label_seq_id 
_struct_conf.pdbx_beg_PDB_ins_code 
_struct_conf.end_label_comp_id 
_struct_conf.end_label_asym_id 
_struct_conf.end_label_seq_id 
_struct_conf.pdbx_end_PDB_ins_code 
_struct_conf.beg_auth_comp_id 
_struct_conf.beg_auth_asym_id 
_struct_conf.beg_auth_seq_id 
_struct_conf.end_auth_comp_id 
_struct_conf.end_auth_asym_id 
_struct_conf.end_auth_seq_id 
_struct_conf.pdbx_PDB_helix_class 
_struct_conf.details 
_struct_conf.pdbx_PDB_helix_length 
HELX_P HELX_P1 AA1 SER A 2   ? LYS A 20  ? SER A 2   LYS A 20  1 ? 19 
HELX_P HELX_P2 AA2 THR A 41  ? TYR A 61  ? THR A 81  TYR A 101 1 ? 21 
HELX_P HELX_P3 AA3 ASP A 67  ? LEU A 72  ? ASP A 107 LEU A 112 1 ? 6  
HELX_P HELX_P4 AA4 ALA A 79  ? PHE A 91  ? ALA A 119 PHE A 131 1 ? 13 
HELX_P HELX_P5 AA5 ASN A 96  ? LYS A 117 ? ASN A 136 LYS A 157 1 ? 22 
HELX_P HELX_P6 AA6 VAL A 121 ? LEU A 138 ? VAL A 161 LEU A 178 1 ? 18 
HELX_P HELX_P7 AA7 LEU A 138 ? GLN A 143 ? LEU A 178 GLN A 183 1 ? 6  
HELX_P HELX_P8 AA8 GLY A 146 ? GLY A 156 ? GLY A 186 GLY A 196 1 ? 11 
HELX_P HELX_P9 AA9 LEU B 183 ? PHE B 191 ? LEU B 571 PHE B 579 1 ? 9  
# 
_struct_conf_type.id          HELX_P 
_struct_conf_type.criteria    ? 
_struct_conf_type.reference   ? 
# 
_pdbx_entry_details.entry_id                   9HPS 
_pdbx_entry_details.nonpolymer_details         ? 
_pdbx_entry_details.sequence_details           ? 
_pdbx_entry_details.compound_details           ? 
_pdbx_entry_details.source_details             ? 
_pdbx_entry_details.has_ligand_of_interest     N 
_pdbx_entry_details.has_protein_modification   N 
# 
_pdbx_validate_torsion.id              1 
_pdbx_validate_torsion.PDB_model_num   1 
_pdbx_validate_torsion.auth_comp_id    PHE 
_pdbx_validate_torsion.auth_asym_id    B 
_pdbx_validate_torsion.auth_seq_id     579 
_pdbx_validate_torsion.PDB_ins_code    ? 
_pdbx_validate_torsion.label_alt_id    ? 
_pdbx_validate_torsion.phi             -106.30 
_pdbx_validate_torsion.psi             46.74 
# 
_pdbx_validate_planes.id              1 
_pdbx_validate_planes.PDB_model_num   1 
_pdbx_validate_planes.auth_comp_id    ARG 
_pdbx_validate_planes.auth_asym_id    A 
_pdbx_validate_planes.auth_seq_id     139 
_pdbx_validate_planes.PDB_ins_code    ? 
_pdbx_validate_planes.label_alt_id    ? 
_pdbx_validate_planes.rmsd            0.101 
_pdbx_validate_planes.type            'SIDE CHAIN' 
# 
loop_
_pdbx_unobs_or_zero_occ_residues.id 
_pdbx_unobs_or_zero_occ_residues.PDB_model_num 
_pdbx_unobs_or_zero_occ_residues.polymer_flag 
_pdbx_unobs_or_zero_occ_residues.occupancy_flag 
_pdbx_unobs_or_zero_occ_residues.auth_asym_id 
_pdbx_unobs_or_zero_occ_residues.auth_comp_id 
_pdbx_unobs_or_zero_occ_residues.auth_seq_id 
_pdbx_unobs_or_zero_occ_residues.PDB_ins_code 
_pdbx_unobs_or_zero_occ_residues.label_asym_id 
_pdbx_unobs_or_zero_occ_residues.label_comp_id 
_pdbx_unobs_or_zero_occ_residues.label_seq_id 
1   1 Y 1 A MET 1   ? A MET 1   
2   1 Y 1 A ASP 69  ? A ASP 29  
3   1 Y 1 A VAL 70  ? A VAL 30  
4   1 Y 1 A GLU 71  ? A GLU 31  
5   1 Y 1 A GLU 72  ? A GLU 32  
6   1 Y 1 A ASN 73  ? A ASN 33  
7   1 Y 1 A ARG 74  ? A ARG 34  
8   1 Y 1 A THR 75  ? A THR 35  
9   1 Y 1 A GLU 76  ? A GLU 36  
10  1 Y 1 A ALA 77  ? A ALA 37  
11  1 Y 1 A PRO 78  ? A PRO 38  
12  1 Y 1 A GLU 79  ? A GLU 39  
13  1 Y 1 A ALA 199 ? A ALA 159 
14  1 Y 1 A ALA 200 ? A ALA 160 
15  1 Y 1 A ALA 201 ? A ALA 161 
16  1 Y 1 A GLU 202 ? A GLU 162 
17  1 Y 1 A SER 203 ? A SER 163 
18  1 Y 1 A ARG 204 ? A ARG 164 
19  1 Y 1 A LYS 205 ? A LYS 165 
20  1 Y 1 A GLY 206 ? A GLY 166 
21  1 Y 1 A GLN 207 ? A GLN 167 
22  1 Y 1 A GLU 208 ? A GLU 168 
23  1 Y 1 A ARG 209 ? A ARG 169 
24  1 Y 1 A LEU 210 ? A LEU 170 
25  1 Y 1 A GLU 211 ? A GLU 171 
26  1 Y 1 A GLY 212 ? A GLY 172 
27  1 Y 1 A GLY 213 ? A GLY 173 
28  1 Y 1 A MET 214 ? A MET 174 
29  1 Y 1 A ALA 215 ? A ALA 175 
30  1 Y 1 A VAL 216 ? A VAL 176 
31  1 Y 1 A PRO 217 ? A PRO 177 
32  1 Y 1 A PRO 218 ? A PRO 178 
33  1 Y 1 A THR 219 ? A THR 179 
34  1 Y 1 A TYR 220 ? A TYR 180 
35  1 Y 1 A ALA 221 ? A ALA 181 
36  1 Y 1 A ASP 222 ? A ASP 182 
37  1 Y 1 A LEU 223 ? A LEU 183 
38  1 Y 1 A GLY 224 ? A GLY 184 
39  1 Y 1 A LYS 225 ? A LYS 185 
40  1 Y 1 A SER 226 ? A SER 186 
41  1 Y 1 A ALA 227 ? A ALA 187 
42  1 Y 1 A ARG 228 ? A ARG 188 
43  1 Y 1 A ASP 229 ? A ASP 189 
44  1 Y 1 A VAL 230 ? A VAL 190 
45  1 Y 1 A PHE 231 ? A PHE 191 
46  1 Y 1 A THR 232 ? A THR 192 
47  1 Y 1 A LYS 233 ? A LYS 193 
48  1 Y 1 A GLY 234 ? A GLY 194 
49  1 Y 1 A TYR 235 ? A TYR 195 
50  1 Y 1 A GLY 236 ? A GLY 196 
51  1 Y 1 A PHE 237 ? A PHE 197 
52  1 Y 1 A GLY 238 ? A GLY 198 
53  1 Y 1 A LEU 239 ? A LEU 199 
54  1 Y 1 A GLY 240 ? A GLY 200 
55  1 Y 1 A GLY 241 ? A GLY 201 
56  1 Y 1 A HIS 242 ? A HIS 202 
57  1 Y 1 A HIS 243 ? A HIS 203 
58  1 Y 1 A HIS 244 ? A HIS 204 
59  1 Y 1 A HIS 245 ? A HIS 205 
60  1 Y 1 A HIS 246 ? A HIS 206 
61  1 Y 1 A HIS 247 ? A HIS 207 
62  1 Y 1 B MET 389 ? B MET 1   
63  1 Y 1 B SER 390 ? B SER 2   
64  1 Y 1 B GLN 391 ? B GLN 3   
65  1 Y 1 B SER 392 ? B SER 4   
66  1 Y 1 B ASN 393 ? B ASN 5   
67  1 Y 1 B ARG 394 ? B ARG 6   
68  1 Y 1 B GLU 395 ? B GLU 7   
69  1 Y 1 B LEU 396 ? B LEU 8   
70  1 Y 1 B VAL 397 ? B VAL 9   
71  1 Y 1 B VAL 398 ? B VAL 10  
72  1 Y 1 B ASP 399 ? B ASP 11  
73  1 Y 1 B PHE 400 ? B PHE 12  
74  1 Y 1 B LEU 401 ? B LEU 13  
75  1 Y 1 B SER 402 ? B SER 14  
76  1 Y 1 B TYR 403 ? B TYR 15  
77  1 Y 1 B LYS 404 ? B LYS 16  
78  1 Y 1 B LEU 405 ? B LEU 17  
79  1 Y 1 B SER 406 ? B SER 18  
80  1 Y 1 B GLN 407 ? B GLN 19  
81  1 Y 1 B LYS 408 ? B LYS 20  
82  1 Y 1 B GLY 409 ? B GLY 21  
83  1 Y 1 B TYR 410 ? B TYR 22  
84  1 Y 1 B SER 411 ? B SER 23  
85  1 Y 1 B TRP 412 ? B TRP 24  
86  1 Y 1 B SER 413 ? B SER 25  
87  1 Y 1 B GLN 414 ? B GLN 26  
88  1 Y 1 B PHE 415 ? B PHE 27  
89  1 Y 1 B SER 416 ? B SER 28  
90  1 Y 1 B ASP 417 ? B ASP 29  
91  1 Y 1 B VAL 418 ? B VAL 30  
92  1 Y 1 B GLU 419 ? B GLU 31  
93  1 Y 1 B GLU 420 ? B GLU 32  
94  1 Y 1 B ASN 421 ? B ASN 33  
95  1 Y 1 B ARG 422 ? B ARG 34  
96  1 Y 1 B THR 423 ? B THR 35  
97  1 Y 1 B GLU 424 ? B GLU 36  
98  1 Y 1 B ALA 425 ? B ALA 37  
99  1 Y 1 B PRO 426 ? B PRO 38  
100 1 Y 1 B GLU 427 ? B GLU 39  
101 1 Y 1 B GLY 428 ? B GLY 40  
102 1 Y 1 B THR 429 ? B THR 41  
103 1 Y 1 B GLU 430 ? B GLU 42  
104 1 Y 1 B SER 431 ? B SER 43  
105 1 Y 1 B GLU 432 ? B GLU 44  
106 1 Y 1 B ALA 433 ? B ALA 45  
107 1 Y 1 B VAL 434 ? B VAL 46  
108 1 Y 1 B LYS 435 ? B LYS 47  
109 1 Y 1 B GLN 436 ? B GLN 48  
110 1 Y 1 B ALA 437 ? B ALA 49  
111 1 Y 1 B LEU 438 ? B LEU 50  
112 1 Y 1 B ARG 439 ? B ARG 51  
113 1 Y 1 B GLU 440 ? B GLU 52  
114 1 Y 1 B ALA 441 ? B ALA 53  
115 1 Y 1 B GLY 442 ? B GLY 54  
116 1 Y 1 B ASP 443 ? B ASP 55  
117 1 Y 1 B GLU 444 ? B GLU 56  
118 1 Y 1 B PHE 445 ? B PHE 57  
119 1 Y 1 B GLU 446 ? B GLU 58  
120 1 Y 1 B LEU 447 ? B LEU 59  
121 1 Y 1 B ARG 448 ? B ARG 60  
122 1 Y 1 B TYR 449 ? B TYR 61  
123 1 Y 1 B ARG 450 ? B ARG 62  
124 1 Y 1 B ARG 451 ? B ARG 63  
125 1 Y 1 B ALA 452 ? B ALA 64  
126 1 Y 1 B PHE 453 ? B PHE 65  
127 1 Y 1 B SER 454 ? B SER 66  
128 1 Y 1 B ASP 455 ? B ASP 67  
129 1 Y 1 B LEU 456 ? B LEU 68  
130 1 Y 1 B THR 457 ? B THR 69  
131 1 Y 1 B SER 458 ? B SER 70  
132 1 Y 1 B GLN 459 ? B GLN 71  
133 1 Y 1 B LEU 460 ? B LEU 72  
134 1 Y 1 B HIS 461 ? B HIS 73  
135 1 Y 1 B ILE 462 ? B ILE 74  
136 1 Y 1 B THR 463 ? B THR 75  
137 1 Y 1 B PRO 464 ? B PRO 76  
138 1 Y 1 B GLY 465 ? B GLY 77  
139 1 Y 1 B THR 466 ? B THR 78  
140 1 Y 1 B ALA 467 ? B ALA 79  
141 1 Y 1 B TYR 468 ? B TYR 80  
142 1 Y 1 B GLN 469 ? B GLN 81  
143 1 Y 1 B SER 470 ? B SER 82  
144 1 Y 1 B PHE 471 ? B PHE 83  
145 1 Y 1 B GLU 472 ? B GLU 84  
146 1 Y 1 B GLN 473 ? B GLN 85  
147 1 Y 1 B VAL 474 ? B VAL 86  
148 1 Y 1 B VAL 475 ? B VAL 87  
149 1 Y 1 B ASN 476 ? B ASN 88  
150 1 Y 1 B GLU 477 ? B GLU 89  
151 1 Y 1 B LEU 478 ? B LEU 90  
152 1 Y 1 B PHE 479 ? B PHE 91  
153 1 Y 1 B ARG 480 ? B ARG 92  
154 1 Y 1 B ASP 481 ? B ASP 93  
155 1 Y 1 B GLY 482 ? B GLY 94  
156 1 Y 1 B VAL 483 ? B VAL 95  
157 1 Y 1 B ASN 484 ? B ASN 96  
158 1 Y 1 B TRP 485 ? B TRP 97  
159 1 Y 1 B GLY 486 ? B GLY 98  
160 1 Y 1 B ARG 487 ? B ARG 99  
161 1 Y 1 B ILE 488 ? B ILE 100 
162 1 Y 1 B VAL 489 ? B VAL 101 
163 1 Y 1 B ALA 490 ? B ALA 102 
164 1 Y 1 B PHE 491 ? B PHE 103 
165 1 Y 1 B PHE 492 ? B PHE 104 
166 1 Y 1 B SER 493 ? B SER 105 
167 1 Y 1 B PHE 494 ? B PHE 106 
168 1 Y 1 B GLY 495 ? B GLY 107 
169 1 Y 1 B GLY 496 ? B GLY 108 
170 1 Y 1 B ALA 497 ? B ALA 109 
171 1 Y 1 B LEU 498 ? B LEU 110 
172 1 Y 1 B CYS 499 ? B CYS 111 
173 1 Y 1 B VAL 500 ? B VAL 112 
174 1 Y 1 B GLU 501 ? B GLU 113 
175 1 Y 1 B SER 502 ? B SER 114 
176 1 Y 1 B VAL 503 ? B VAL 115 
177 1 Y 1 B ASP 504 ? B ASP 116 
178 1 Y 1 B LYS 505 ? B LYS 117 
179 1 Y 1 B GLU 506 ? B GLU 118 
180 1 Y 1 B MET 507 ? B MET 119 
181 1 Y 1 B GLN 508 ? B GLN 120 
182 1 Y 1 B VAL 509 ? B VAL 121 
183 1 Y 1 B LEU 510 ? B LEU 122 
184 1 Y 1 B VAL 511 ? B VAL 123 
185 1 Y 1 B SER 512 ? B SER 124 
186 1 Y 1 B ARG 513 ? B ARG 125 
187 1 Y 1 B ILE 514 ? B ILE 126 
188 1 Y 1 B ALA 515 ? B ALA 127 
189 1 Y 1 B ALA 516 ? B ALA 128 
190 1 Y 1 B TRP 517 ? B TRP 129 
191 1 Y 1 B MET 518 ? B MET 130 
192 1 Y 1 B ALA 519 ? B ALA 131 
193 1 Y 1 B THR 520 ? B THR 132 
194 1 Y 1 B TYR 521 ? B TYR 133 
195 1 Y 1 B LEU 522 ? B LEU 134 
196 1 Y 1 B ASN 523 ? B ASN 135 
197 1 Y 1 B ASP 524 ? B ASP 136 
198 1 Y 1 B HIS 525 ? B HIS 137 
199 1 Y 1 B LEU 526 ? B LEU 138 
200 1 Y 1 B GLU 527 ? B GLU 139 
201 1 Y 1 B PRO 528 ? B PRO 140 
202 1 Y 1 B TRP 529 ? B TRP 141 
203 1 Y 1 B ILE 530 ? B ILE 142 
204 1 Y 1 B GLN 531 ? B GLN 143 
205 1 Y 1 B GLU 532 ? B GLU 144 
206 1 Y 1 B ASN 533 ? B ASN 145 
207 1 Y 1 B GLY 534 ? B GLY 146 
208 1 Y 1 B GLY 535 ? B GLY 147 
209 1 Y 1 B TRP 536 ? B TRP 148 
210 1 Y 1 B ASP 537 ? B ASP 149 
211 1 Y 1 B THR 538 ? B THR 150 
212 1 Y 1 B PHE 539 ? B PHE 151 
213 1 Y 1 B VAL 540 ? B VAL 152 
214 1 Y 1 B GLU 541 ? B GLU 153 
215 1 Y 1 B LEU 542 ? B LEU 154 
216 1 Y 1 B TYR 543 ? B TYR 155 
217 1 Y 1 B GLY 544 ? B GLY 156 
218 1 Y 1 B ASN 545 ? B ASN 157 
219 1 Y 1 B ASN 546 ? B ASN 158 
220 1 Y 1 B ALA 547 ? B ALA 159 
221 1 Y 1 B ALA 548 ? B ALA 160 
222 1 Y 1 B ALA 549 ? B ALA 161 
223 1 Y 1 B GLU 550 ? B GLU 162 
224 1 Y 1 B SER 551 ? B SER 163 
225 1 Y 1 B ARG 552 ? B ARG 164 
226 1 Y 1 B LYS 553 ? B LYS 165 
227 1 Y 1 B GLY 554 ? B GLY 166 
228 1 Y 1 B GLN 555 ? B GLN 167 
229 1 Y 1 B GLU 556 ? B GLU 168 
230 1 Y 1 B ARG 557 ? B ARG 169 
231 1 Y 1 B LEU 558 ? B LEU 170 
232 1 Y 1 B GLU 559 ? B GLU 171 
233 1 Y 1 B GLY 560 ? B GLY 172 
234 1 Y 1 B GLY 561 ? B GLY 173 
235 1 Y 1 B MET 562 ? B MET 174 
236 1 Y 1 B ALA 563 ? B ALA 175 
237 1 Y 1 B VAL 564 ? B VAL 176 
238 1 Y 1 B PRO 565 ? B PRO 177 
239 1 Y 1 B PRO 566 ? B PRO 178 
240 1 Y 1 B THR 567 ? B THR 179 
241 1 Y 1 B TYR 568 ? B TYR 180 
242 1 Y 1 B ALA 569 ? B ALA 181 
243 1 Y 1 B GLY 588 ? B GLY 200 
244 1 Y 1 B GLY 589 ? B GLY 201 
245 1 Y 1 B HIS 590 ? B HIS 202 
246 1 Y 1 B HIS 591 ? B HIS 203 
247 1 Y 1 B HIS 592 ? B HIS 204 
248 1 Y 1 B HIS 593 ? B HIS 205 
249 1 Y 1 B HIS 594 ? B HIS 206 
250 1 Y 1 B HIS 595 ? B HIS 207 
# 
loop_
_chem_comp_atom.comp_id 
_chem_comp_atom.atom_id 
_chem_comp_atom.type_symbol 
_chem_comp_atom.pdbx_aromatic_flag 
_chem_comp_atom.pdbx_stereo_config 
_chem_comp_atom.pdbx_ordinal 
ALA N    N N N 1   
ALA CA   C N S 2   
ALA C    C N N 3   
ALA O    O N N 4   
ALA CB   C N N 5   
ALA OXT  O N N 6   
ALA H    H N N 7   
ALA H2   H N N 8   
ALA HA   H N N 9   
ALA HB1  H N N 10  
ALA HB2  H N N 11  
ALA HB3  H N N 12  
ALA HXT  H N N 13  
ARG N    N N N 14  
ARG CA   C N S 15  
ARG C    C N N 16  
ARG O    O N N 17  
ARG CB   C N N 18  
ARG CG   C N N 19  
ARG CD   C N N 20  
ARG NE   N N N 21  
ARG CZ   C N N 22  
ARG NH1  N N N 23  
ARG NH2  N N N 24  
ARG OXT  O N N 25  
ARG H    H N N 26  
ARG H2   H N N 27  
ARG HA   H N N 28  
ARG HB2  H N N 29  
ARG HB3  H N N 30  
ARG HG2  H N N 31  
ARG HG3  H N N 32  
ARG HD2  H N N 33  
ARG HD3  H N N 34  
ARG HE   H N N 35  
ARG HH11 H N N 36  
ARG HH12 H N N 37  
ARG HH21 H N N 38  
ARG HH22 H N N 39  
ARG HXT  H N N 40  
ASN N    N N N 41  
ASN CA   C N S 42  
ASN C    C N N 43  
ASN O    O N N 44  
ASN CB   C N N 45  
ASN CG   C N N 46  
ASN OD1  O N N 47  
ASN ND2  N N N 48  
ASN OXT  O N N 49  
ASN H    H N N 50  
ASN H2   H N N 51  
ASN HA   H N N 52  
ASN HB2  H N N 53  
ASN HB3  H N N 54  
ASN HD21 H N N 55  
ASN HD22 H N N 56  
ASN HXT  H N N 57  
ASP N    N N N 58  
ASP CA   C N S 59  
ASP C    C N N 60  
ASP O    O N N 61  
ASP CB   C N N 62  
ASP CG   C N N 63  
ASP OD1  O N N 64  
ASP OD2  O N N 65  
ASP OXT  O N N 66  
ASP H    H N N 67  
ASP H2   H N N 68  
ASP HA   H N N 69  
ASP HB2  H N N 70  
ASP HB3  H N N 71  
ASP HD2  H N N 72  
ASP HXT  H N N 73  
CYS N    N N N 74  
CYS CA   C N R 75  
CYS C    C N N 76  
CYS O    O N N 77  
CYS CB   C N N 78  
CYS SG   S N N 79  
CYS OXT  O N N 80  
CYS H    H N N 81  
CYS H2   H N N 82  
CYS HA   H N N 83  
CYS HB2  H N N 84  
CYS HB3  H N N 85  
CYS HG   H N N 86  
CYS HXT  H N N 87  
GLN N    N N N 88  
GLN CA   C N S 89  
GLN C    C N N 90  
GLN O    O N N 91  
GLN CB   C N N 92  
GLN CG   C N N 93  
GLN CD   C N N 94  
GLN OE1  O N N 95  
GLN NE2  N N N 96  
GLN OXT  O N N 97  
GLN H    H N N 98  
GLN H2   H N N 99  
GLN HA   H N N 100 
GLN HB2  H N N 101 
GLN HB3  H N N 102 
GLN HG2  H N N 103 
GLN HG3  H N N 104 
GLN HE21 H N N 105 
GLN HE22 H N N 106 
GLN HXT  H N N 107 
GLU N    N N N 108 
GLU CA   C N S 109 
GLU C    C N N 110 
GLU O    O N N 111 
GLU CB   C N N 112 
GLU CG   C N N 113 
GLU CD   C N N 114 
GLU OE1  O N N 115 
GLU OE2  O N N 116 
GLU OXT  O N N 117 
GLU H    H N N 118 
GLU H2   H N N 119 
GLU HA   H N N 120 
GLU HB2  H N N 121 
GLU HB3  H N N 122 
GLU HG2  H N N 123 
GLU HG3  H N N 124 
GLU HE2  H N N 125 
GLU HXT  H N N 126 
GLY N    N N N 127 
GLY CA   C N N 128 
GLY C    C N N 129 
GLY O    O N N 130 
GLY OXT  O N N 131 
GLY H    H N N 132 
GLY H2   H N N 133 
GLY HA2  H N N 134 
GLY HA3  H N N 135 
GLY HXT  H N N 136 
HIS N    N N N 137 
HIS CA   C N S 138 
HIS C    C N N 139 
HIS O    O N N 140 
HIS CB   C N N 141 
HIS CG   C Y N 142 
HIS ND1  N Y N 143 
HIS CD2  C Y N 144 
HIS CE1  C Y N 145 
HIS NE2  N Y N 146 
HIS OXT  O N N 147 
HIS H    H N N 148 
HIS H2   H N N 149 
HIS HA   H N N 150 
HIS HB2  H N N 151 
HIS HB3  H N N 152 
HIS HD1  H N N 153 
HIS HD2  H N N 154 
HIS HE1  H N N 155 
HIS HE2  H N N 156 
HIS HXT  H N N 157 
HOH O    O N N 158 
HOH H1   H N N 159 
HOH H2   H N N 160 
ILE N    N N N 161 
ILE CA   C N S 162 
ILE C    C N N 163 
ILE O    O N N 164 
ILE CB   C N S 165 
ILE CG1  C N N 166 
ILE CG2  C N N 167 
ILE CD1  C N N 168 
ILE OXT  O N N 169 
ILE H    H N N 170 
ILE H2   H N N 171 
ILE HA   H N N 172 
ILE HB   H N N 173 
ILE HG12 H N N 174 
ILE HG13 H N N 175 
ILE HG21 H N N 176 
ILE HG22 H N N 177 
ILE HG23 H N N 178 
ILE HD11 H N N 179 
ILE HD12 H N N 180 
ILE HD13 H N N 181 
ILE HXT  H N N 182 
LEU N    N N N 183 
LEU CA   C N S 184 
LEU C    C N N 185 
LEU O    O N N 186 
LEU CB   C N N 187 
LEU CG   C N N 188 
LEU CD1  C N N 189 
LEU CD2  C N N 190 
LEU OXT  O N N 191 
LEU H    H N N 192 
LEU H2   H N N 193 
LEU HA   H N N 194 
LEU HB2  H N N 195 
LEU HB3  H N N 196 
LEU HG   H N N 197 
LEU HD11 H N N 198 
LEU HD12 H N N 199 
LEU HD13 H N N 200 
LEU HD21 H N N 201 
LEU HD22 H N N 202 
LEU HD23 H N N 203 
LEU HXT  H N N 204 
LYS N    N N N 205 
LYS CA   C N S 206 
LYS C    C N N 207 
LYS O    O N N 208 
LYS CB   C N N 209 
LYS CG   C N N 210 
LYS CD   C N N 211 
LYS CE   C N N 212 
LYS NZ   N N N 213 
LYS OXT  O N N 214 
LYS H    H N N 215 
LYS H2   H N N 216 
LYS HA   H N N 217 
LYS HB2  H N N 218 
LYS HB3  H N N 219 
LYS HG2  H N N 220 
LYS HG3  H N N 221 
LYS HD2  H N N 222 
LYS HD3  H N N 223 
LYS HE2  H N N 224 
LYS HE3  H N N 225 
LYS HZ1  H N N 226 
LYS HZ2  H N N 227 
LYS HZ3  H N N 228 
LYS HXT  H N N 229 
MET N    N N N 230 
MET CA   C N S 231 
MET C    C N N 232 
MET O    O N N 233 
MET CB   C N N 234 
MET CG   C N N 235 
MET SD   S N N 236 
MET CE   C N N 237 
MET OXT  O N N 238 
MET H    H N N 239 
MET H2   H N N 240 
MET HA   H N N 241 
MET HB2  H N N 242 
MET HB3  H N N 243 
MET HG2  H N N 244 
MET HG3  H N N 245 
MET HE1  H N N 246 
MET HE2  H N N 247 
MET HE3  H N N 248 
MET HXT  H N N 249 
PHE N    N N N 250 
PHE CA   C N S 251 
PHE C    C N N 252 
PHE O    O N N 253 
PHE CB   C N N 254 
PHE CG   C Y N 255 
PHE CD1  C Y N 256 
PHE CD2  C Y N 257 
PHE CE1  C Y N 258 
PHE CE2  C Y N 259 
PHE CZ   C Y N 260 
PHE OXT  O N N 261 
PHE H    H N N 262 
PHE H2   H N N 263 
PHE HA   H N N 264 
PHE HB2  H N N 265 
PHE HB3  H N N 266 
PHE HD1  H N N 267 
PHE HD2  H N N 268 
PHE HE1  H N N 269 
PHE HE2  H N N 270 
PHE HZ   H N N 271 
PHE HXT  H N N 272 
PRO N    N N N 273 
PRO CA   C N S 274 
PRO C    C N N 275 
PRO O    O N N 276 
PRO CB   C N N 277 
PRO CG   C N N 278 
PRO CD   C N N 279 
PRO OXT  O N N 280 
PRO H    H N N 281 
PRO HA   H N N 282 
PRO HB2  H N N 283 
PRO HB3  H N N 284 
PRO HG2  H N N 285 
PRO HG3  H N N 286 
PRO HD2  H N N 287 
PRO HD3  H N N 288 
PRO HXT  H N N 289 
SER N    N N N 290 
SER CA   C N S 291 
SER C    C N N 292 
SER O    O N N 293 
SER CB   C N N 294 
SER OG   O N N 295 
SER OXT  O N N 296 
SER H    H N N 297 
SER H2   H N N 298 
SER HA   H N N 299 
SER HB2  H N N 300 
SER HB3  H N N 301 
SER HG   H N N 302 
SER HXT  H N N 303 
SO4 S    S N N 304 
SO4 O1   O N N 305 
SO4 O2   O N N 306 
SO4 O3   O N N 307 
SO4 O4   O N N 308 
THR N    N N N 309 
THR CA   C N S 310 
THR C    C N N 311 
THR O    O N N 312 
THR CB   C N R 313 
THR OG1  O N N 314 
THR CG2  C N N 315 
THR OXT  O N N 316 
THR H    H N N 317 
THR H2   H N N 318 
THR HA   H N N 319 
THR HB   H N N 320 
THR HG1  H N N 321 
THR HG21 H N N 322 
THR HG22 H N N 323 
THR HG23 H N N 324 
THR HXT  H N N 325 
TRP N    N N N 326 
TRP CA   C N S 327 
TRP C    C N N 328 
TRP O    O N N 329 
TRP CB   C N N 330 
TRP CG   C Y N 331 
TRP CD1  C Y N 332 
TRP CD2  C Y N 333 
TRP NE1  N Y N 334 
TRP CE2  C Y N 335 
TRP CE3  C Y N 336 
TRP CZ2  C Y N 337 
TRP CZ3  C Y N 338 
TRP CH2  C Y N 339 
TRP OXT  O N N 340 
TRP H    H N N 341 
TRP H2   H N N 342 
TRP HA   H N N 343 
TRP HB2  H N N 344 
TRP HB3  H N N 345 
TRP HD1  H N N 346 
TRP HE1  H N N 347 
TRP HE3  H N N 348 
TRP HZ2  H N N 349 
TRP HZ3  H N N 350 
TRP HH2  H N N 351 
TRP HXT  H N N 352 
TYR N    N N N 353 
TYR CA   C N S 354 
TYR C    C N N 355 
TYR O    O N N 356 
TYR CB   C N N 357 
TYR CG   C Y N 358 
TYR CD1  C Y N 359 
TYR CD2  C Y N 360 
TYR CE1  C Y N 361 
TYR CE2  C Y N 362 
TYR CZ   C Y N 363 
TYR OH   O N N 364 
TYR OXT  O N N 365 
TYR H    H N N 366 
TYR H2   H N N 367 
TYR HA   H N N 368 
TYR HB2  H N N 369 
TYR HB3  H N N 370 
TYR HD1  H N N 371 
TYR HD2  H N N 372 
TYR HE1  H N N 373 
TYR HE2  H N N 374 
TYR HH   H N N 375 
TYR HXT  H N N 376 
VAL N    N N N 377 
VAL CA   C N S 378 
VAL C    C N N 379 
VAL O    O N N 380 
VAL CB   C N N 381 
VAL CG1  C N N 382 
VAL CG2  C N N 383 
VAL OXT  O N N 384 
VAL H    H N N 385 
VAL H2   H N N 386 
VAL HA   H N N 387 
VAL HB   H N N 388 
VAL HG11 H N N 389 
VAL HG12 H N N 390 
VAL HG13 H N N 391 
VAL HG21 H N N 392 
VAL HG22 H N N 393 
VAL HG23 H N N 394 
VAL HXT  H N N 395 
# 
loop_
_chem_comp_bond.comp_id 
_chem_comp_bond.atom_id_1 
_chem_comp_bond.atom_id_2 
_chem_comp_bond.value_order 
_chem_comp_bond.pdbx_aromatic_flag 
_chem_comp_bond.pdbx_stereo_config 
_chem_comp_bond.pdbx_ordinal 
ALA N   CA   sing N N 1   
ALA N   H    sing N N 2   
ALA N   H2   sing N N 3   
ALA CA  C    sing N N 4   
ALA CA  CB   sing N N 5   
ALA CA  HA   sing N N 6   
ALA C   O    doub N N 7   
ALA C   OXT  sing N N 8   
ALA CB  HB1  sing N N 9   
ALA CB  HB2  sing N N 10  
ALA CB  HB3  sing N N 11  
ALA OXT HXT  sing N N 12  
ARG N   CA   sing N N 13  
ARG N   H    sing N N 14  
ARG N   H2   sing N N 15  
ARG CA  C    sing N N 16  
ARG CA  CB   sing N N 17  
ARG CA  HA   sing N N 18  
ARG C   O    doub N N 19  
ARG C   OXT  sing N N 20  
ARG CB  CG   sing N N 21  
ARG CB  HB2  sing N N 22  
ARG CB  HB3  sing N N 23  
ARG CG  CD   sing N N 24  
ARG CG  HG2  sing N N 25  
ARG CG  HG3  sing N N 26  
ARG CD  NE   sing N N 27  
ARG CD  HD2  sing N N 28  
ARG CD  HD3  sing N N 29  
ARG NE  CZ   sing N N 30  
ARG NE  HE   sing N N 31  
ARG CZ  NH1  sing N N 32  
ARG CZ  NH2  doub N N 33  
ARG NH1 HH11 sing N N 34  
ARG NH1 HH12 sing N N 35  
ARG NH2 HH21 sing N N 36  
ARG NH2 HH22 sing N N 37  
ARG OXT HXT  sing N N 38  
ASN N   CA   sing N N 39  
ASN N   H    sing N N 40  
ASN N   H2   sing N N 41  
ASN CA  C    sing N N 42  
ASN CA  CB   sing N N 43  
ASN CA  HA   sing N N 44  
ASN C   O    doub N N 45  
ASN C   OXT  sing N N 46  
ASN CB  CG   sing N N 47  
ASN CB  HB2  sing N N 48  
ASN CB  HB3  sing N N 49  
ASN CG  OD1  doub N N 50  
ASN CG  ND2  sing N N 51  
ASN ND2 HD21 sing N N 52  
ASN ND2 HD22 sing N N 53  
ASN OXT HXT  sing N N 54  
ASP N   CA   sing N N 55  
ASP N   H    sing N N 56  
ASP N   H2   sing N N 57  
ASP CA  C    sing N N 58  
ASP CA  CB   sing N N 59  
ASP CA  HA   sing N N 60  
ASP C   O    doub N N 61  
ASP C   OXT  sing N N 62  
ASP CB  CG   sing N N 63  
ASP CB  HB2  sing N N 64  
ASP CB  HB3  sing N N 65  
ASP CG  OD1  doub N N 66  
ASP CG  OD2  sing N N 67  
ASP OD2 HD2  sing N N 68  
ASP OXT HXT  sing N N 69  
CYS N   CA   sing N N 70  
CYS N   H    sing N N 71  
CYS N   H2   sing N N 72  
CYS CA  C    sing N N 73  
CYS CA  CB   sing N N 74  
CYS CA  HA   sing N N 75  
CYS C   O    doub N N 76  
CYS C   OXT  sing N N 77  
CYS CB  SG   sing N N 78  
CYS CB  HB2  sing N N 79  
CYS CB  HB3  sing N N 80  
CYS SG  HG   sing N N 81  
CYS OXT HXT  sing N N 82  
GLN N   CA   sing N N 83  
GLN N   H    sing N N 84  
GLN N   H2   sing N N 85  
GLN CA  C    sing N N 86  
GLN CA  CB   sing N N 87  
GLN CA  HA   sing N N 88  
GLN C   O    doub N N 89  
GLN C   OXT  sing N N 90  
GLN CB  CG   sing N N 91  
GLN CB  HB2  sing N N 92  
GLN CB  HB3  sing N N 93  
GLN CG  CD   sing N N 94  
GLN CG  HG2  sing N N 95  
GLN CG  HG3  sing N N 96  
GLN CD  OE1  doub N N 97  
GLN CD  NE2  sing N N 98  
GLN NE2 HE21 sing N N 99  
GLN NE2 HE22 sing N N 100 
GLN OXT HXT  sing N N 101 
GLU N   CA   sing N N 102 
GLU N   H    sing N N 103 
GLU N   H2   sing N N 104 
GLU CA  C    sing N N 105 
GLU CA  CB   sing N N 106 
GLU CA  HA   sing N N 107 
GLU C   O    doub N N 108 
GLU C   OXT  sing N N 109 
GLU CB  CG   sing N N 110 
GLU CB  HB2  sing N N 111 
GLU CB  HB3  sing N N 112 
GLU CG  CD   sing N N 113 
GLU CG  HG2  sing N N 114 
GLU CG  HG3  sing N N 115 
GLU CD  OE1  doub N N 116 
GLU CD  OE2  sing N N 117 
GLU OE2 HE2  sing N N 118 
GLU OXT HXT  sing N N 119 
GLY N   CA   sing N N 120 
GLY N   H    sing N N 121 
GLY N   H2   sing N N 122 
GLY CA  C    sing N N 123 
GLY CA  HA2  sing N N 124 
GLY CA  HA3  sing N N 125 
GLY C   O    doub N N 126 
GLY C   OXT  sing N N 127 
GLY OXT HXT  sing N N 128 
HIS N   CA   sing N N 129 
HIS N   H    sing N N 130 
HIS N   H2   sing N N 131 
HIS CA  C    sing N N 132 
HIS CA  CB   sing N N 133 
HIS CA  HA   sing N N 134 
HIS C   O    doub N N 135 
HIS C   OXT  sing N N 136 
HIS CB  CG   sing N N 137 
HIS CB  HB2  sing N N 138 
HIS CB  HB3  sing N N 139 
HIS CG  ND1  sing Y N 140 
HIS CG  CD2  doub Y N 141 
HIS ND1 CE1  doub Y N 142 
HIS ND1 HD1  sing N N 143 
HIS CD2 NE2  sing Y N 144 
HIS CD2 HD2  sing N N 145 
HIS CE1 NE2  sing Y N 146 
HIS CE1 HE1  sing N N 147 
HIS NE2 HE2  sing N N 148 
HIS OXT HXT  sing N N 149 
HOH O   H1   sing N N 150 
HOH O   H2   sing N N 151 
ILE N   CA   sing N N 152 
ILE N   H    sing N N 153 
ILE N   H2   sing N N 154 
ILE CA  C    sing N N 155 
ILE CA  CB   sing N N 156 
ILE CA  HA   sing N N 157 
ILE C   O    doub N N 158 
ILE C   OXT  sing N N 159 
ILE CB  CG1  sing N N 160 
ILE CB  CG2  sing N N 161 
ILE CB  HB   sing N N 162 
ILE CG1 CD1  sing N N 163 
ILE CG1 HG12 sing N N 164 
ILE CG1 HG13 sing N N 165 
ILE CG2 HG21 sing N N 166 
ILE CG2 HG22 sing N N 167 
ILE CG2 HG23 sing N N 168 
ILE CD1 HD11 sing N N 169 
ILE CD1 HD12 sing N N 170 
ILE CD1 HD13 sing N N 171 
ILE OXT HXT  sing N N 172 
LEU N   CA   sing N N 173 
LEU N   H    sing N N 174 
LEU N   H2   sing N N 175 
LEU CA  C    sing N N 176 
LEU CA  CB   sing N N 177 
LEU CA  HA   sing N N 178 
LEU C   O    doub N N 179 
LEU C   OXT  sing N N 180 
LEU CB  CG   sing N N 181 
LEU CB  HB2  sing N N 182 
LEU CB  HB3  sing N N 183 
LEU CG  CD1  sing N N 184 
LEU CG  CD2  sing N N 185 
LEU CG  HG   sing N N 186 
LEU CD1 HD11 sing N N 187 
LEU CD1 HD12 sing N N 188 
LEU CD1 HD13 sing N N 189 
LEU CD2 HD21 sing N N 190 
LEU CD2 HD22 sing N N 191 
LEU CD2 HD23 sing N N 192 
LEU OXT HXT  sing N N 193 
LYS N   CA   sing N N 194 
LYS N   H    sing N N 195 
LYS N   H2   sing N N 196 
LYS CA  C    sing N N 197 
LYS CA  CB   sing N N 198 
LYS CA  HA   sing N N 199 
LYS C   O    doub N N 200 
LYS C   OXT  sing N N 201 
LYS CB  CG   sing N N 202 
LYS CB  HB2  sing N N 203 
LYS CB  HB3  sing N N 204 
LYS CG  CD   sing N N 205 
LYS CG  HG2  sing N N 206 
LYS CG  HG3  sing N N 207 
LYS CD  CE   sing N N 208 
LYS CD  HD2  sing N N 209 
LYS CD  HD3  sing N N 210 
LYS CE  NZ   sing N N 211 
LYS CE  HE2  sing N N 212 
LYS CE  HE3  sing N N 213 
LYS NZ  HZ1  sing N N 214 
LYS NZ  HZ2  sing N N 215 
LYS NZ  HZ3  sing N N 216 
LYS OXT HXT  sing N N 217 
MET N   CA   sing N N 218 
MET N   H    sing N N 219 
MET N   H2   sing N N 220 
MET CA  C    sing N N 221 
MET CA  CB   sing N N 222 
MET CA  HA   sing N N 223 
MET C   O    doub N N 224 
MET C   OXT  sing N N 225 
MET CB  CG   sing N N 226 
MET CB  HB2  sing N N 227 
MET CB  HB3  sing N N 228 
MET CG  SD   sing N N 229 
MET CG  HG2  sing N N 230 
MET CG  HG3  sing N N 231 
MET SD  CE   sing N N 232 
MET CE  HE1  sing N N 233 
MET CE  HE2  sing N N 234 
MET CE  HE3  sing N N 235 
MET OXT HXT  sing N N 236 
PHE N   CA   sing N N 237 
PHE N   H    sing N N 238 
PHE N   H2   sing N N 239 
PHE CA  C    sing N N 240 
PHE CA  CB   sing N N 241 
PHE CA  HA   sing N N 242 
PHE C   O    doub N N 243 
PHE C   OXT  sing N N 244 
PHE CB  CG   sing N N 245 
PHE CB  HB2  sing N N 246 
PHE CB  HB3  sing N N 247 
PHE CG  CD1  doub Y N 248 
PHE CG  CD2  sing Y N 249 
PHE CD1 CE1  sing Y N 250 
PHE CD1 HD1  sing N N 251 
PHE CD2 CE2  doub Y N 252 
PHE CD2 HD2  sing N N 253 
PHE CE1 CZ   doub Y N 254 
PHE CE1 HE1  sing N N 255 
PHE CE2 CZ   sing Y N 256 
PHE CE2 HE2  sing N N 257 
PHE CZ  HZ   sing N N 258 
PHE OXT HXT  sing N N 259 
PRO N   CA   sing N N 260 
PRO N   CD   sing N N 261 
PRO N   H    sing N N 262 
PRO CA  C    sing N N 263 
PRO CA  CB   sing N N 264 
PRO CA  HA   sing N N 265 
PRO C   O    doub N N 266 
PRO C   OXT  sing N N 267 
PRO CB  CG   sing N N 268 
PRO CB  HB2  sing N N 269 
PRO CB  HB3  sing N N 270 
PRO CG  CD   sing N N 271 
PRO CG  HG2  sing N N 272 
PRO CG  HG3  sing N N 273 
PRO CD  HD2  sing N N 274 
PRO CD  HD3  sing N N 275 
PRO OXT HXT  sing N N 276 
SER N   CA   sing N N 277 
SER N   H    sing N N 278 
SER N   H2   sing N N 279 
SER CA  C    sing N N 280 
SER CA  CB   sing N N 281 
SER CA  HA   sing N N 282 
SER C   O    doub N N 283 
SER C   OXT  sing N N 284 
SER CB  OG   sing N N 285 
SER CB  HB2  sing N N 286 
SER CB  HB3  sing N N 287 
SER OG  HG   sing N N 288 
SER OXT HXT  sing N N 289 
SO4 S   O1   doub N N 290 
SO4 S   O2   doub N N 291 
SO4 S   O3   sing N N 292 
SO4 S   O4   sing N N 293 
THR N   CA   sing N N 294 
THR N   H    sing N N 295 
THR N   H2   sing N N 296 
THR CA  C    sing N N 297 
THR CA  CB   sing N N 298 
THR CA  HA   sing N N 299 
THR C   O    doub N N 300 
THR C   OXT  sing N N 301 
THR CB  OG1  sing N N 302 
THR CB  CG2  sing N N 303 
THR CB  HB   sing N N 304 
THR OG1 HG1  sing N N 305 
THR CG2 HG21 sing N N 306 
THR CG2 HG22 sing N N 307 
THR CG2 HG23 sing N N 308 
THR OXT HXT  sing N N 309 
TRP N   CA   sing N N 310 
TRP N   H    sing N N 311 
TRP N   H2   sing N N 312 
TRP CA  C    sing N N 313 
TRP CA  CB   sing N N 314 
TRP CA  HA   sing N N 315 
TRP C   O    doub N N 316 
TRP C   OXT  sing N N 317 
TRP CB  CG   sing N N 318 
TRP CB  HB2  sing N N 319 
TRP CB  HB3  sing N N 320 
TRP CG  CD1  doub Y N 321 
TRP CG  CD2  sing Y N 322 
TRP CD1 NE1  sing Y N 323 
TRP CD1 HD1  sing N N 324 
TRP CD2 CE2  doub Y N 325 
TRP CD2 CE3  sing Y N 326 
TRP NE1 CE2  sing Y N 327 
TRP NE1 HE1  sing N N 328 
TRP CE2 CZ2  sing Y N 329 
TRP CE3 CZ3  doub Y N 330 
TRP CE3 HE3  sing N N 331 
TRP CZ2 CH2  doub Y N 332 
TRP CZ2 HZ2  sing N N 333 
TRP CZ3 CH2  sing Y N 334 
TRP CZ3 HZ3  sing N N 335 
TRP CH2 HH2  sing N N 336 
TRP OXT HXT  sing N N 337 
TYR N   CA   sing N N 338 
TYR N   H    sing N N 339 
TYR N   H2   sing N N 340 
TYR CA  C    sing N N 341 
TYR CA  CB   sing N N 342 
TYR CA  HA   sing N N 343 
TYR C   O    doub N N 344 
TYR C   OXT  sing N N 345 
TYR CB  CG   sing N N 346 
TYR CB  HB2  sing N N 347 
TYR CB  HB3  sing N N 348 
TYR CG  CD1  doub Y N 349 
TYR CG  CD2  sing Y N 350 
TYR CD1 CE1  sing Y N 351 
TYR CD1 HD1  sing N N 352 
TYR CD2 CE2  doub Y N 353 
TYR CD2 HD2  sing N N 354 
TYR CE1 CZ   doub Y N 355 
TYR CE1 HE1  sing N N 356 
TYR CE2 CZ   sing Y N 357 
TYR CE2 HE2  sing N N 358 
TYR CZ  OH   sing N N 359 
TYR OH  HH   sing N N 360 
TYR OXT HXT  sing N N 361 
VAL N   CA   sing N N 362 
VAL N   H    sing N N 363 
VAL N   H2   sing N N 364 
VAL CA  C    sing N N 365 
VAL CA  CB   sing N N 366 
VAL CA  HA   sing N N 367 
VAL C   O    doub N N 368 
VAL C   OXT  sing N N 369 
VAL CB  CG1  sing N N 370 
VAL CB  CG2  sing N N 371 
VAL CB  HB   sing N N 372 
VAL CG1 HG11 sing N N 373 
VAL CG1 HG12 sing N N 374 
VAL CG1 HG13 sing N N 375 
VAL CG2 HG21 sing N N 376 
VAL CG2 HG22 sing N N 377 
VAL CG2 HG23 sing N N 378 
VAL OXT HXT  sing N N 379 
# 
_pdbx_audit_support.funding_organization   'Not funded' 
_pdbx_audit_support.country                ? 
_pdbx_audit_support.grant_number           ? 
_pdbx_audit_support.ordinal                1 
# 
_pdbx_initial_refinement_model.id               1 
_pdbx_initial_refinement_model.entity_id_list   ? 
_pdbx_initial_refinement_model.type             'experimental model' 
_pdbx_initial_refinement_model.source_name      PDB 
_pdbx_initial_refinement_model.accession_code   1MAZ 
_pdbx_initial_refinement_model.details          ? 
# 
_atom_sites.entry_id                    9HPS 
_atom_sites.Cartn_transf_matrix[1][1]   ? 
_atom_sites.Cartn_transf_matrix[1][2]   ? 
_atom_sites.Cartn_transf_matrix[1][3]   ? 
_atom_sites.Cartn_transf_matrix[2][1]   ? 
_atom_sites.Cartn_transf_matrix[2][2]   ? 
_atom_sites.Cartn_transf_matrix[2][3]   ? 
_atom_sites.Cartn_transf_matrix[3][1]   ? 
_atom_sites.Cartn_transf_matrix[3][2]   ? 
_atom_sites.Cartn_transf_matrix[3][3]   ? 
_atom_sites.Cartn_transf_vector[1]      ? 
_atom_sites.Cartn_transf_vector[2]      ? 
_atom_sites.Cartn_transf_vector[3]      ? 
_atom_sites.Cartn_transform_axes        ? 
_atom_sites.fract_transf_matrix[1][1]   -0.00865708 
_atom_sites.fract_transf_matrix[1][2]   0.00447361 
_atom_sites.fract_transf_matrix[1][3]   0.02675464 
_atom_sites.fract_transf_matrix[2][1]   -0.00938478 
_atom_sites.fract_transf_matrix[2][2]   0.00182157 
_atom_sites.fract_transf_matrix[2][3]   -0.00334124 
_atom_sites.fract_transf_matrix[3][1]   -0.00212544 
_atom_sites.fract_transf_matrix[3][2]   -0.00934550 
_atom_sites.fract_transf_matrix[3][3]   0.00087491 
_atom_sites.fract_transf_vector[1]      0.480047 
_atom_sites.fract_transf_vector[2]      1.152170 
_atom_sites.fract_transf_vector[3]      0.102379 
_atom_sites.solution_primary            ? 
_atom_sites.solution_secondary          ? 
_atom_sites.solution_hydrogens          ? 
_atom_sites.special_details             ? 
# 
loop_
_atom_type.symbol 
_atom_type.pdbx_scat_Z 
_atom_type.pdbx_N_electrons 
_atom_type.scat_Cromer_Mann_a1 
_atom_type.scat_Cromer_Mann_b1 
_atom_type.scat_Cromer_Mann_a2 
_atom_type.scat_Cromer_Mann_b2 
_atom_type.scat_Cromer_Mann_a3 
_atom_type.scat_Cromer_Mann_b3 
_atom_type.scat_Cromer_Mann_a4 
_atom_type.scat_Cromer_Mann_b4 
_atom_type.scat_Cromer_Mann_c 
C 6  6  2.3103  20.8439 1.0201 10.2075 1.5888 0.5687  0.8651 51.6512 0.2156   
H 1  1  0.4930  10.5109 0.3229 26.1257 0.1402 3.1424  0.0408 57.7997 0.0030   
N 7  7  12.2220 0.0057  3.1346 9.8933  2.0141 28.9975 1.1672 0.5826  -11.5379 
O 8  8  3.0487  13.2771 2.2870 5.7011  1.5464 0.3239  0.8671 32.9089 0.2508   
S 16 16 6.9054  1.4679  5.2035 22.2151 1.4379 0.2536  1.5863 56.1720 1.0555   
# 
loop_
_atom_site.group_PDB 
_atom_site.id 
_atom_site.type_symbol 
_atom_site.label_atom_id 
_atom_site.label_alt_id 
_atom_site.label_comp_id 
_atom_site.label_asym_id 
_atom_site.label_entity_id 
_atom_site.label_seq_id 
_atom_site.pdbx_PDB_ins_code 
_atom_site.Cartn_x 
_atom_site.Cartn_y 
_atom_site.Cartn_z 
_atom_site.occupancy 
_atom_site.B_iso_or_equiv 
_atom_site.pdbx_formal_charge 
_atom_site.auth_seq_id 
_atom_site.auth_comp_id 
_atom_site.auth_asym_id 
_atom_site.auth_atom_id 
_atom_site.pdbx_PDB_model_num 
_atom_site.calc_flag 
ATOM   1    N N   . SER A 1 2   ? 13.516  8.364   -0.888  1.00 63.02  ? 2   SER A N   1 ? 
ATOM   2    C CA  . SER A 1 2   ? 12.540  8.770   -1.932  1.00 59.49  ? 2   SER A CA  1 ? 
ATOM   3    C C   . SER A 1 2   ? 12.693  7.901   -3.165  1.00 48.32  ? 2   SER A C   1 ? 
ATOM   4    O O   . SER A 1 2   ? 11.704  7.581   -3.799  1.00 47.79  ? 2   SER A O   1 ? 
ATOM   5    C CB  . SER A 1 2   ? 12.669  10.229  -2.286  1.00 72.66  ? 2   SER A CB  1 ? 
ATOM   6    O OG  . SER A 1 2   ? 12.150  10.489  -3.585  1.00 79.33  ? 2   SER A OG  1 ? 
ATOM   7    N N   . GLN A 1 3   ? 13.942  7.605   -3.539  1.00 54.18  ? 3   GLN A N   1 ? 
ATOM   8    C CA  . GLN A 1 3   ? 14.251  6.570   -4.519  1.00 57.65  ? 3   GLN A CA  1 ? 
ATOM   9    C C   . GLN A 1 3   ? 14.086  5.205   -3.839  1.00 48.70  ? 3   GLN A C   1 ? 
ATOM   10   O O   . GLN A 1 3   ? 13.559  4.262   -4.418  1.00 41.99  ? 3   GLN A O   1 ? 
ATOM   11   C CB  . GLN A 1 3   ? 15.668  6.741   -5.094  1.00 63.76  ? 3   GLN A CB  1 ? 
ATOM   12   C CG  . GLN A 1 3   ? 16.069  5.741   -6.181  1.00 69.28  ? 3   GLN A CG  1 ? 
ATOM   13   C CD  . GLN A 1 3   ? 15.130  5.730   -7.372  1.00 82.97  ? 3   GLN A CD  1 ? 
ATOM   14   O OE1 . GLN A 1 3   ? 14.713  6.779   -7.879  1.00 85.75  ? 3   GLN A OE1 1 ? 
ATOM   15   N NE2 . GLN A 1 3   ? 14.759  4.538   -7.824  1.00 92.12  ? 3   GLN A NE2 1 ? 
ATOM   16   N N   . SER A 1 4   ? 14.554  5.100   -2.600  1.00 44.28  ? 4   SER A N   1 ? 
ATOM   17   C CA  . SER A 1 4   ? 14.335  3.894   -1.851  1.00 44.38  ? 4   SER A CA  1 ? 
ATOM   18   C C   . SER A 1 4   ? 12.832  3.733   -1.600  1.00 38.92  ? 4   SER A C   1 ? 
ATOM   19   O O   . SER A 1 4   ? 12.371  2.621   -1.594  1.00 36.21  ? 4   SER A O   1 ? 
ATOM   20   C CB  . SER A 1 4   ? 15.197  3.843   -0.606  1.00 45.62  ? 4   SER A CB  1 ? 
ATOM   21   O OG  . SER A 1 4   ? 14.685  4.630   0.454   1.00 51.87  ? 4   SER A OG  1 ? 
ATOM   22   N N   . ASN A 1 5   ? 12.044  4.810   -1.486  1.00 38.11  ? 5   ASN A N   1 ? 
ATOM   23   C CA  . ASN A 1 5   ? 10.606  4.659   -1.324  1.00 37.08  ? 5   ASN A CA  1 ? 
ATOM   24   C C   . ASN A 1 5   ? 9.954   4.167   -2.615  1.00 33.59  ? 5   ASN A C   1 ? 
ATOM   25   O O   . ASN A 1 5   ? 9.114   3.279   -2.562  1.00 29.29  ? 5   ASN A O   1 ? 
ATOM   26   C CB  . ASN A 1 5   ? 9.908   5.925   -0.853  1.00 43.43  ? 5   ASN A CB  1 ? 
ATOM   27   C CG  . ASN A 1 5   ? 10.016  6.107   0.640   1.00 41.52  ? 5   ASN A CG  1 ? 
ATOM   28   O OD1 . ASN A 1 5   ? 9.836   5.160   1.416   1.00 48.12  ? 5   ASN A OD1 1 ? 
ATOM   29   N ND2 . ASN A 1 5   ? 10.331  7.316   1.059   1.00 46.75  ? 5   ASN A ND2 1 ? 
ATOM   30   N N   . ARG A 1 6   ? 10.330  4.728   -3.768  1.00 31.76  ? 6   ARG A N   1 ? 
ATOM   31   C CA  . ARG A 1 6   ? 9.866   4.215   -5.050  1.00 36.56  ? 6   ARG A CA  1 ? 
ATOM   32   C C   . ARG A 1 6   ? 10.216  2.738   -5.212  1.00 31.65  ? 6   ARG A C   1 ? 
ATOM   33   O O   . ARG A 1 6   ? 9.418   1.979   -5.740  1.00 27.50  ? 6   ARG A O   1 ? 
ATOM   34   C CB  . ARG A 1 6   ? 10.474  4.914   -6.271  1.00 41.51  ? 6   ARG A CB  1 ? 
ATOM   35   C CG  . ARG A 1 6   ? 9.534   5.889   -6.957  1.00 54.60  ? 6   ARG A CG  1 ? 
ATOM   36   C CD  . ARG A 1 6   ? 10.294  6.952   -7.723  1.00 62.43  ? 6   ARG A CD  1 ? 
ATOM   37   N NE  . ARG A 1 6   ? 11.049  7.728   -6.735  1.00 73.51  ? 6   ARG A NE  1 ? 
ATOM   38   C CZ  . ARG A 1 6   ? 12.109  8.466   -6.982  1.00 76.71  ? 6   ARG A CZ  1 ? 
ATOM   39   N NH1 . ARG A 1 6   ? 12.708  9.069   -5.973  1.00 76.77  ? 6   ARG A NH1 1 ? 
ATOM   40   N NH2 . ARG A 1 6   ? 12.566  8.580   -8.221  1.00 81.38  ? 6   ARG A NH2 1 ? 
ATOM   41   N N   . GLU A 1 7   ? 11.415  2.344   -4.793  1.00 32.77  ? 7   GLU A N   1 ? 
ATOM   42   C CA  . GLU A 1 7   ? 11.874  0.975   -5.002  1.00 35.66  ? 7   GLU A CA  1 ? 
ATOM   43   C C   . GLU A 1 7   ? 11.096  0.031   -4.089  1.00 27.93  ? 7   GLU A C   1 ? 
ATOM   44   O O   . GLU A 1 7   ? 10.796  -1.082  -4.446  1.00 25.39  ? 7   GLU A O   1 ? 
ATOM   45   C CB  . GLU A 1 7   ? 13.379  0.835   -4.745  1.00 45.79  ? 7   GLU A CB  1 ? 
ATOM   46   C CG  . GLU A 1 7   ? 14.254  1.281   -5.919  1.00 56.84  ? 7   GLU A CG  1 ? 
ATOM   47   C CD  . GLU A 1 7   ? 15.751  1.470   -5.646  1.00 65.62  ? 7   GLU A CD  1 ? 
ATOM   48   O OE1 . GLU A 1 7   ? 16.432  1.964   -6.577  1.00 65.39  ? 7   GLU A OE1 1 ? 
ATOM   49   O OE2 . GLU A 1 7   ? 16.249  1.163   -4.532  1.00 68.30  ? 7   GLU A OE2 1 ? 
ATOM   50   N N   . LEU A 1 8   ? 10.789  0.474   -2.879  1.00 24.70  ? 8   LEU A N   1 ? 
ATOM   51   C CA  . LEU A 1 8   ? 10.074  -0.374  -1.959  1.00 24.93  ? 8   LEU A CA  1 ? 
ATOM   52   C C   . LEU A 1 8   ? 8.669   -0.616  -2.488  1.00 21.27  ? 8   LEU A C   1 ? 
ATOM   53   O O   . LEU A 1 8   ? 8.191   -1.740  -2.525  1.00 21.69  ? 8   LEU A O   1 ? 
ATOM   54   C CB  . LEU A 1 8   ? 10.158  0.409   -0.658  1.00 28.48  ? 8   LEU A CB  1 ? 
ATOM   55   C CG  . LEU A 1 8   ? 9.772   -0.300  0.628   1.00 34.20  ? 8   LEU A CG  1 ? 
ATOM   56   C CD1 . LEU A 1 8   ? 10.301  -1.743  0.707   1.00 40.00  ? 8   LEU A CD1 1 ? 
ATOM   57   C CD2 . LEU A 1 8   ? 10.368  0.585   1.704   1.00 33.25  ? 8   LEU A CD2 1 ? 
ATOM   58   N N   . VAL A 1 9   ? 7.996   0.454   -2.931  1.00 19.12  ? 9   VAL A N   1 ? 
ATOM   59   C CA  . VAL A 1 9   ? 6.680   0.326   -3.537  1.00 18.02  ? 9   VAL A CA  1 ? 
ATOM   60   C C   . VAL A 1 9   ? 6.718   -0.644  -4.712  1.00 18.82  ? 9   VAL A C   1 ? 
ATOM   61   O O   . VAL A 1 9   ? 5.884   -1.529  -4.815  1.00 18.89  ? 9   VAL A O   1 ? 
ATOM   62   C CB  . VAL A 1 9   ? 6.141   1.717   -3.934  1.00 20.08  ? 9   VAL A CB  1 ? 
ATOM   63   C CG1 . VAL A 1 9   ? 4.911   1.615   -4.799  1.00 21.06  ? 9   VAL A CG1 1 ? 
ATOM   64   C CG2 . VAL A 1 9   ? 5.835   2.584   -2.716  1.00 19.46  ? 9   VAL A CG2 1 ? 
ATOM   65   N N   . VAL A 1 10  ? 7.639   -0.458  -5.659  1.00 20.72  ? 10  VAL A N   1 ? 
ATOM   66   C CA  . VAL A 1 10  ? 7.636   -1.276  -6.864  1.00 23.84  ? 10  VAL A CA  1 ? 
ATOM   67   C C   . VAL A 1 10  ? 8.002   -2.724  -6.507  1.00 23.16  ? 10  VAL A C   1 ? 
ATOM   68   O O   . VAL A 1 10  ? 7.344   -3.636  -6.974  1.00 25.63  ? 10  VAL A O   1 ? 
ATOM   69   C CB  . VAL A 1 10  ? 8.561   -0.673  -7.939  1.00 29.56  ? 10  VAL A CB  1 ? 
ATOM   70   C CG1 . VAL A 1 10  ? 8.928   -1.682  -9.026  1.00 29.99  ? 10  VAL A CG1 1 ? 
ATOM   71   C CG2 . VAL A 1 10  ? 7.893   0.563   -8.551  1.00 29.60  ? 10  VAL A CG2 1 ? 
ATOM   72   N N   . ASP A 1 11  ? 8.906   -2.925  -5.552  1.00 25.43  ? 11  ASP A N   1 ? 
ATOM   73   C CA  . ASP A 1 11  ? 9.172   -4.276  -5.059  1.00 28.42  ? 11  ASP A CA  1 ? 
ATOM   74   C C   . ASP A 1 11  ? 7.915   -4.951  -4.516  1.00 25.99  ? 11  ASP A C   1 ? 
ATOM   75   O O   . ASP A 1 11  ? 7.588   -6.069  -4.899  1.00 26.74  ? 11  ASP A O   1 ? 
ATOM   76   C CB  . ASP A 1 11  ? 10.238  -4.333  -3.979  1.00 30.39  ? 11  ASP A CB  1 ? 
ATOM   77   C CG  . ASP A 1 11  ? 10.538  -5.757  -3.507  1.00 36.56  ? 11  ASP A CG  1 ? 
ATOM   78   O OD1 . ASP A 1 11  ? 11.292  -6.428  -4.226  1.00 34.06  ? 11  ASP A OD1 1 ? 
ATOM   79   O OD2 . ASP A 1 11  ? 9.960   -6.213  -2.468  1.00 35.52  ? 11  ASP A OD2 1 ? 
ATOM   80   N N   . PHE A 1 12  ? 7.170   -4.264  -3.648  1.00 24.79  ? 12  PHE A N   1 ? 
ATOM   81   C CA  . PHE A 1 12  ? 6.010   -4.864  -3.018  1.00 20.09  ? 12  PHE A CA  1 ? 
ATOM   82   C C   . PHE A 1 12  ? 4.932   -5.172  -4.052  1.00 19.14  ? 12  PHE A C   1 ? 
ATOM   83   O O   . PHE A 1 12  ? 4.318   -6.238  -4.023  1.00 20.34  ? 12  PHE A O   1 ? 
ATOM   84   C CB  . PHE A 1 12  ? 5.487   -3.908  -1.934  1.00 23.00  ? 12  PHE A CB  1 ? 
ATOM   85   C CG  . PHE A 1 12  ? 4.341   -4.515  -1.145  1.00 21.30  ? 12  PHE A CG  1 ? 
ATOM   86   C CD1 . PHE A 1 12  ? 4.611   -5.316  -0.037  1.00 24.14  ? 12  PHE A CD1 1 ? 
ATOM   87   C CD2 . PHE A 1 12  ? 3.016   -4.335  -1.532  1.00 21.74  ? 12  PHE A CD2 1 ? 
ATOM   88   C CE1 . PHE A 1 12  ? 3.592   -5.879  0.693   1.00 23.86  ? 12  PHE A CE1 1 ? 
ATOM   89   C CE2 . PHE A 1 12  ? 1.995   -4.918  -0.819  1.00 21.84  ? 12  PHE A CE2 1 ? 
ATOM   90   C CZ  . PHE A 1 12  ? 2.277   -5.708  0.269   1.00 24.32  ? 12  PHE A CZ  1 ? 
ATOM   91   N N   . LEU A 1 13  ? 4.627   -4.224  -4.943  1.00 20.08  ? 13  LEU A N   1 ? 
ATOM   92   C CA  . LEU A 1 13  ? 3.551   -4.400  -5.911  1.00 21.63  ? 13  LEU A CA  1 ? 
ATOM   93   C C   . LEU A 1 13  ? 3.892   -5.483  -6.936  1.00 19.69  ? 13  LEU A C   1 ? 
ATOM   94   O O   . LEU A 1 13  ? 3.024   -6.263  -7.328  1.00 20.35  ? 13  LEU A O   1 ? 
ATOM   95   C CB  . LEU A 1 13  ? 3.263   -3.080  -6.619  1.00 21.42  ? 13  LEU A CB  1 ? 
ATOM   96   C CG  . LEU A 1 13  ? 2.813   -1.942  -5.713  1.00 21.82  ? 13  LEU A CG  1 ? 
ATOM   97   C CD1 . LEU A 1 13  ? 2.707   -0.676  -6.540  1.00 24.15  ? 13  LEU A CD1 1 ? 
ATOM   98   C CD2 . LEU A 1 13  ? 1.499   -2.312  -5.078  1.00 21.79  ? 13  LEU A CD2 1 ? 
ATOM   99   N N   . SER A 1 14  ? 5.139   -5.507  -7.382  1.00 22.84  ? 14  SER A N   1 ? 
ATOM   100  C CA  . SER A 1 14  ? 5.633   -6.579  -8.249  1.00 27.52  ? 14  SER A CA  1 ? 
ATOM   101  C C   . SER A 1 14  ? 5.457   -7.942  -7.596  1.00 26.06  ? 14  SER A C   1 ? 
ATOM   102  O O   . SER A 1 14  ? 4.980   -8.875  -8.239  1.00 26.48  ? 14  SER A O   1 ? 
ATOM   103  C CB  . SER A 1 14  ? 7.076   -6.417  -8.572  1.00 29.10  ? 14  SER A CB  1 ? 
ATOM   104  O OG  . SER A 1 14  ? 7.250   -5.283  -9.387  1.00 41.47  ? 14  SER A OG  1 ? 
ATOM   105  N N   . TYR A 1 15  ? 5.881   -8.034  -6.327  1.00 26.12  ? 15  TYR A N   1 ? 
ATOM   106  C CA  . TYR A 1 15  ? 5.679   -9.236  -5.536  1.00 24.31  ? 15  TYR A CA  1 ? 
ATOM   107  C C   . TYR A 1 15  ? 4.211   -9.633  -5.507  1.00 24.69  ? 15  TYR A C   1 ? 
ATOM   108  O O   . TYR A 1 15  ? 3.867   -10.782 -5.787  1.00 23.03  ? 15  TYR A O   1 ? 
ATOM   109  C CB  . TYR A 1 15  ? 6.272   -9.019  -4.145  1.00 26.65  ? 15  TYR A CB  1 ? 
ATOM   110  C CG  . TYR A 1 15  ? 6.029   -10.191 -3.205  1.00 28.09  ? 15  TYR A CG  1 ? 
ATOM   111  C CD1 . TYR A 1 15  ? 6.759   -11.381 -3.331  1.00 28.09  ? 15  TYR A CD1 1 ? 
ATOM   112  C CD2 . TYR A 1 15  ? 5.081   -10.106 -2.208  1.00 25.11  ? 15  TYR A CD2 1 ? 
ATOM   113  C CE1 . TYR A 1 15  ? 6.554   -12.439 -2.468  1.00 26.19  ? 15  TYR A CE1 1 ? 
ATOM   114  C CE2 . TYR A 1 15  ? 4.894   -11.136 -1.311  1.00 25.79  ? 15  TYR A CE2 1 ? 
ATOM   115  C CZ  . TYR A 1 15  ? 5.613   -12.313 -1.461  1.00 29.56  ? 15  TYR A CZ  1 ? 
ATOM   116  O OH  . TYR A 1 15  ? 5.339   -13.316 -0.582  1.00 26.99  ? 15  TYR A OH  1 ? 
ATOM   117  N N   . LYS A 1 16  ? 3.305   -8.704  -5.169  1.00 25.17  ? 16  LYS A N   1 ? 
ATOM   118  C CA  . LYS A 1 16  ? 1.909   -9.067  -5.028  1.00 23.95  ? 16  LYS A CA  1 ? 
ATOM   119  C C   . LYS A 1 16  ? 1.296   -9.525  -6.361  1.00 27.10  ? 16  LYS A C   1 ? 
ATOM   120  O O   . LYS A 1 16  ? 0.441   -10.417 -6.396  1.00 26.58  ? 16  LYS A O   1 ? 
ATOM   121  C CB  . LYS A 1 16  ? 1.092   -7.876  -4.502  1.00 29.11  ? 16  LYS A CB  1 ? 
ATOM   122  C CG  . LYS A 1 16  ? 1.137   -7.734  -3.015  1.00 32.89  ? 16  LYS A CG  1 ? 
ATOM   123  C CD  . LYS A 1 16  ? 0.429   -8.873  -2.283  1.00 35.53  ? 16  LYS A CD  1 ? 
ATOM   124  C CE  . LYS A 1 16  ? 1.242   -9.256  -1.106  1.00 33.95  ? 16  LYS A CE  1 ? 
ATOM   125  N NZ  . LYS A 1 16  ? 0.541   -10.314 -0.375  1.00 31.50  ? 16  LYS A NZ  1 ? 
ATOM   126  N N   . LEU A 1 17  ? 1.615   -8.810  -7.444  1.00 26.24  ? 17  LEU A N   1 ? 
ATOM   127  C CA  . LEU A 1 17  ? 1.144   -9.193  -8.766  1.00 27.09  ? 17  LEU A CA  1 ? 
ATOM   128  C C   . LEU A 1 17  ? 1.650   -10.589 -9.167  1.00 28.52  ? 17  LEU A C   1 ? 
ATOM   129  O O   . LEU A 1 17  ? 0.860   -11.357 -9.703  1.00 28.83  ? 17  LEU A O   1 ? 
ATOM   130  C CB  . LEU A 1 17  ? 1.513   -8.124  -9.797  1.00 27.86  ? 17  LEU A CB  1 ? 
ATOM   131  C CG  . LEU A 1 17  ? 0.672   -6.839  -9.735  1.00 28.13  ? 17  LEU A CG  1 ? 
ATOM   132  C CD1 . LEU A 1 17  ? 1.323   -5.719  -10.542 1.00 30.59  ? 17  LEU A CD1 1 ? 
ATOM   133  C CD2 . LEU A 1 17  ? -0.767  -7.040  -10.195 1.00 27.84  ? 17  LEU A CD2 1 ? 
ATOM   134  N N   . SER A 1 18  ? 2.942   -10.892 -8.973  1.00 28.79  ? 18  SER A N   1 ? 
ATOM   135  C CA  . SER A 1 18  ? 3.489   -12.217 -9.249  1.00 33.01  ? 18  SER A CA  1 ? 
ATOM   136  C C   . SER A 1 18  ? 2.774   -13.308 -8.458  1.00 33.65  ? 18  SER A C   1 ? 
ATOM   137  O O   . SER A 1 18  ? 2.356   -14.326 -9.000  1.00 29.92  ? 18  SER A O   1 ? 
ATOM   138  C CB  . SER A 1 18  ? 4.933   -12.283 -8.916  1.00 38.12  ? 18  SER A CB  1 ? 
ATOM   139  O OG  . SER A 1 18  ? 5.704   -11.558 -9.855  1.00 47.10  ? 18  SER A OG  1 ? 
ATOM   140  N N   . GLN A 1 19  ? 2.611   -13.066 -7.160  1.00 30.98  ? 19  GLN A N   1 ? 
ATOM   141  C CA  . GLN A 1 19  ? 1.975   -14.016 -6.265  1.00 31.21  ? 19  GLN A CA  1 ? 
ATOM   142  C C   . GLN A 1 19  ? 0.560   -14.363 -6.713  1.00 35.06  ? 19  GLN A C   1 ? 
ATOM   143  O O   . GLN A 1 19  ? 0.070   -15.451 -6.415  1.00 30.92  ? 19  GLN A O   1 ? 
ATOM   144  C CB  . GLN A 1 19  ? 1.932   -13.320 -4.916  1.00 32.70  ? 19  GLN A CB  1 ? 
ATOM   145  C CG  . GLN A 1 19  ? 1.336   -14.106 -3.763  1.00 35.66  ? 19  GLN A CG  1 ? 
ATOM   146  C CD  . GLN A 1 19  ? 1.349   -13.274 -2.500  1.00 35.43  ? 19  GLN A CD  1 ? 
ATOM   147  O OE1 . GLN A 1 19  ? 0.495   -12.396 -2.315  1.00 27.63  ? 19  GLN A OE1 1 ? 
ATOM   148  N NE2 . GLN A 1 19  ? 2.365   -13.491 -1.674  1.00 30.78  ? 19  GLN A NE2 1 ? 
ATOM   149  N N   . LYS A 1 20  ? -0.140  -13.397 -7.319  1.00 35.60  ? 20  LYS A N   1 ? 
ATOM   150  C CA  . LYS A 1 20  ? -1.474  -13.648 -7.848  1.00 40.03  ? 20  LYS A CA  1 ? 
ATOM   151  C C   . LYS A 1 20  ? -1.419  -14.209 -9.274  1.00 35.31  ? 20  LYS A C   1 ? 
ATOM   152  O O   . LYS A 1 20  ? -2.445  -14.448 -9.873  1.00 42.56  ? 20  LYS A O   1 ? 
ATOM   153  C CB  . LYS A 1 20  ? -2.272  -12.345 -7.879  1.00 42.79  ? 20  LYS A CB  1 ? 
ATOM   154  C CG  . LYS A 1 20  ? -3.116  -12.097 -6.665  1.00 43.66  ? 20  LYS A CG  1 ? 
ATOM   155  C CD  . LYS A 1 20  ? -2.337  -12.111 -5.371  1.00 43.89  ? 20  LYS A CD  1 ? 
ATOM   156  C CE  . LYS A 1 20  ? -3.280  -12.061 -4.236  1.00 42.75  ? 20  LYS A CE  1 ? 
ATOM   157  N NZ  . LYS A 1 20  ? -2.521  -12.051 -2.990  1.00 49.77  ? 20  LYS A NZ  1 ? 
ATOM   158  N N   . GLY A 1 21  ? -0.235  -14.358 -9.857  1.00 41.04  ? 21  GLY A N   1 ? 
ATOM   159  C CA  . GLY A 1 21  ? -0.115  -14.985 -11.172 1.00 50.07  ? 21  GLY A CA  1 ? 
ATOM   160  C C   . GLY A 1 21  ? -0.210  -14.009 -12.346 1.00 57.48  ? 21  GLY A C   1 ? 
ATOM   161  O O   . GLY A 1 21  ? -0.393  -14.445 -13.479 1.00 57.00  ? 21  GLY A O   1 ? 
ATOM   162  N N   . TYR A 1 22  ? -0.044  -12.703 -12.078 1.00 52.81  ? 22  TYR A N   1 ? 
ATOM   163  C CA  . TYR A 1 22  ? 0.228   -11.714 -13.101 1.00 50.97  ? 22  TYR A CA  1 ? 
ATOM   164  C C   . TYR A 1 22  ? 1.721   -11.632 -13.340 1.00 65.42  ? 22  TYR A C   1 ? 
ATOM   165  O O   . TYR A 1 22  ? 2.346   -10.591 -13.155 1.00 74.04  ? 22  TYR A O   1 ? 
ATOM   166  C CB  . TYR A 1 22  ? -0.360  -10.371 -12.685 1.00 47.72  ? 22  TYR A CB  1 ? 
ATOM   167  C CG  . TYR A 1 22  ? -1.864  -10.519 -12.643 1.00 44.61  ? 22  TYR A CG  1 ? 
ATOM   168  C CD1 . TYR A 1 22  ? -2.543  -11.016 -13.742 1.00 50.58  ? 22  TYR A CD1 1 ? 
ATOM   169  C CD2 . TYR A 1 22  ? -2.577  -10.262 -11.501 1.00 40.49  ? 22  TYR A CD2 1 ? 
ATOM   170  C CE1 . TYR A 1 22  ? -3.910  -11.184 -13.720 1.00 49.07  ? 22  TYR A CE1 1 ? 
ATOM   171  C CE2 . TYR A 1 22  ? -3.944  -10.439 -11.455 1.00 46.49  ? 22  TYR A CE2 1 ? 
ATOM   172  C CZ  . TYR A 1 22  ? -4.611  -10.888 -12.574 1.00 48.00  ? 22  TYR A CZ  1 ? 
ATOM   173  O OH  . TYR A 1 22  ? -5.958  -11.077 -12.540 1.00 52.98  ? 22  TYR A OH  1 ? 
ATOM   174  N N   . SER A 1 23  ? 2.262   -12.772 -13.749 1.00 82.00  ? 23  SER A N   1 ? 
ATOM   175  C CA  . SER A 1 23  ? 3.459   -12.801 -14.555 1.00 89.65  ? 23  SER A CA  1 ? 
ATOM   176  C C   . SER A 1 23  ? 3.062   -12.850 -16.035 1.00 96.09  ? 23  SER A C   1 ? 
ATOM   177  O O   . SER A 1 23  ? 3.843   -12.409 -16.873 1.00 104.13 ? 23  SER A O   1 ? 
ATOM   178  C CB  . SER A 1 23  ? 4.321   -13.951 -14.120 1.00 88.05  ? 23  SER A CB  1 ? 
ATOM   179  O OG  . SER A 1 23  ? 4.344   -14.010 -12.697 1.00 84.82  ? 23  SER A OG  1 ? 
ATOM   180  N N   . TRP A 1 24  ? 1.833   -13.320 -16.348 1.00 92.92  ? 24  TRP A N   1 ? 
ATOM   181  C CA  . TRP A 1 24  ? 1.417   -13.550 -17.733 1.00 94.92  ? 24  TRP A CA  1 ? 
ATOM   182  C C   . TRP A 1 24  ? 0.409   -12.527 -18.260 1.00 84.41  ? 24  TRP A C   1 ? 
ATOM   183  O O   . TRP A 1 24  ? 0.140   -12.522 -19.462 1.00 75.80  ? 24  TRP A O   1 ? 
ATOM   184  C CB  . TRP A 1 24  ? 0.898   -14.984 -17.959 1.00 91.12  ? 24  TRP A CB  1 ? 
ATOM   185  C CG  . TRP A 1 24  ? 1.892   -15.846 -18.699 1.00 83.49  ? 24  TRP A CG  1 ? 
ATOM   186  C CD1 . TRP A 1 24  ? 1.960   -16.087 -20.046 1.00 69.47  ? 24  TRP A CD1 1 ? 
ATOM   187  C CD2 . TRP A 1 24  ? 3.007   -16.554 -18.103 1.00 75.21  ? 24  TRP A CD2 1 ? 
ATOM   188  N NE1 . TRP A 1 24  ? 3.037   -16.890 -20.331 1.00 61.02  ? 24  TRP A NE1 1 ? 
ATOM   189  C CE2 . TRP A 1 24  ? 3.693   -17.198 -19.161 1.00 71.11  ? 24  TRP A CE2 1 ? 
ATOM   190  C CE3 . TRP A 1 24  ? 3.475   -16.711 -16.788 1.00 72.78  ? 24  TRP A CE3 1 ? 
ATOM   191  C CZ2 . TRP A 1 24  ? 4.820   -17.991 -18.929 1.00 69.46  ? 24  TRP A CZ2 1 ? 
ATOM   192  C CZ3 . TRP A 1 24  ? 4.587   -17.496 -16.564 1.00 75.17  ? 24  TRP A CZ3 1 ? 
ATOM   193  C CH2 . TRP A 1 24  ? 5.252   -18.122 -17.623 1.00 75.56  ? 24  TRP A CH2 1 ? 
ATOM   194  N N   . SER A 1 25  ? -0.137  -11.658 -17.404 1.00 73.75  ? 25  SER A N   1 ? 
ATOM   195  C CA  . SER A 1 25  ? -0.841  -10.493 -17.916 1.00 78.85  ? 25  SER A CA  1 ? 
ATOM   196  C C   . SER A 1 25  ? 0.152   -9.424  -18.384 1.00 77.68  ? 25  SER A C   1 ? 
ATOM   197  O O   . SER A 1 25  ? -0.243  -8.463  -19.048 1.00 74.61  ? 25  SER A O   1 ? 
ATOM   198  C CB  . SER A 1 25  ? -1.788  -9.926  -16.903 1.00 81.02  ? 25  SER A CB  1 ? 
ATOM   199  O OG  . SER A 1 25  ? -2.379  -8.731  -17.400 1.00 83.76  ? 25  SER A OG  1 ? 
ATOM   200  N N   . GLN A 1 26  ? 1.432   -9.593  -18.016 1.00 80.49  ? 26  GLN A N   1 ? 
ATOM   201  C CA  . GLN A 1 26  ? 2.489   -8.625  -18.277 1.00 83.57  ? 26  GLN A CA  1 ? 
ATOM   202  C C   . GLN A 1 26  ? 3.562   -9.297  -19.134 1.00 79.82  ? 26  GLN A C   1 ? 
ATOM   203  O O   . GLN A 1 26  ? 3.904   -10.451 -18.879 1.00 70.67  ? 26  GLN A O   1 ? 
ATOM   204  C CB  . GLN A 1 26  ? 2.996   -8.135  -16.914 1.00 82.89  ? 26  GLN A CB  1 ? 
ATOM   205  C CG  . GLN A 1 26  ? 4.299   -7.338  -16.937 1.00 87.84  ? 26  GLN A CG  1 ? 
ATOM   206  C CD  . GLN A 1 26  ? 4.688   -6.780  -15.578 1.00 86.29  ? 26  GLN A CD  1 ? 
ATOM   207  O OE1 . GLN A 1 26  ? 4.679   -7.485  -14.560 1.00 86.12  ? 26  GLN A OE1 1 ? 
ATOM   208  N NE2 . GLN A 1 26  ? 5.023   -5.498  -15.543 1.00 78.07  ? 26  GLN A NE2 1 ? 
ATOM   209  N N   . PHE A 1 27  ? 4.068   -8.581  -20.155 1.00 79.40  ? 27  PHE A N   1 ? 
ATOM   210  C CA  . PHE A 1 27  ? 5.247   -9.013  -20.902 1.00 71.33  ? 27  PHE A CA  1 ? 
ATOM   211  C C   . PHE A 1 27  ? 6.418   -8.998  -19.928 1.00 72.02  ? 27  PHE A C   1 ? 
ATOM   212  O O   . PHE A 1 27  ? 6.655   -7.987  -19.274 1.00 75.06  ? 27  PHE A O   1 ? 
ATOM   213  C CB  . PHE A 1 27  ? 5.580   -8.182  -22.155 1.00 61.47  ? 27  PHE A CB  1 ? 
ATOM   214  C CG  . PHE A 1 27  ? 4.517   -8.236  -23.246 1.00 52.91  ? 27  PHE A CG  1 ? 
ATOM   215  C CD1 . PHE A 1 27  ? 3.739   -9.380  -23.447 1.00 55.63  ? 27  PHE A CD1 1 ? 
ATOM   216  C CD2 . PHE A 1 27  ? 4.278   -7.138  -24.060 1.00 53.83  ? 27  PHE A CD2 1 ? 
ATOM   217  C CE1 . PHE A 1 27  ? 2.754   -9.420  -24.434 1.00 53.64  ? 27  PHE A CE1 1 ? 
ATOM   218  C CE2 . PHE A 1 27  ? 3.301   -7.182  -25.049 1.00 54.50  ? 27  PHE A CE2 1 ? 
ATOM   219  C CZ  . PHE A 1 27  ? 2.542   -8.320  -25.236 1.00 55.68  ? 27  PHE A CZ  1 ? 
ATOM   220  N N   . SER A 1 28  ? 7.105   -10.137 -19.807 1.00 74.93  ? 28  SER A N   1 ? 
ATOM   221  C CA  . SER A 1 28  ? 8.180   -10.259 -18.841 1.00 80.33  ? 28  SER A CA  1 ? 
ATOM   222  C C   . SER A 1 28  ? 9.447   -9.602  -19.402 1.00 70.55  ? 28  SER A C   1 ? 
ATOM   223  O O   . SER A 1 28  ? 10.076  -8.861  -18.623 1.00 69.24  ? 28  SER A O   1 ? 
ATOM   224  C CB  . SER A 1 28  ? 8.427   -11.686 -18.469 1.00 83.06  ? 28  SER A CB  1 ? 
ATOM   225  O OG  . SER A 1 28  ? 9.267   -11.745 -17.327 1.00 94.41  ? 28  SER A OG  1 ? 
ATOM   226  N N   . GLY A 1 40  ? 21.416  -3.502  -2.309  1.00 80.50  ? 80  GLY A N   1 ? 
ATOM   227  C CA  . GLY A 1 40  ? 22.179  -3.903  -1.110  1.00 82.04  ? 80  GLY A CA  1 ? 
ATOM   228  C C   . GLY A 1 40  ? 21.432  -4.940  -0.270  1.00 76.59  ? 80  GLY A C   1 ? 
ATOM   229  O O   . GLY A 1 40  ? 20.302  -5.304  -0.578  1.00 68.51  ? 80  GLY A O   1 ? 
ATOM   230  N N   . THR A 1 41  ? 22.092  -5.406  0.797   1.00 76.33  ? 81  THR A N   1 ? 
ATOM   231  C CA  . THR A 1 41  ? 21.534  -6.418  1.681   1.00 80.53  ? 81  THR A CA  1 ? 
ATOM   232  C C   . THR A 1 41  ? 20.645  -5.739  2.732   1.00 73.73  ? 81  THR A C   1 ? 
ATOM   233  O O   . THR A 1 41  ? 19.661  -6.312  3.192   1.00 59.05  ? 81  THR A O   1 ? 
ATOM   234  C CB  . THR A 1 41  ? 22.696  -7.234  2.260   1.00 85.39  ? 81  THR A CB  1 ? 
ATOM   235  O OG1 . THR A 1 41  ? 22.160  -8.482  2.685   1.00 93.50  ? 81  THR A OG1 1 ? 
ATOM   236  C CG2 . THR A 1 41  ? 23.440  -6.549  3.394   1.00 85.25  ? 81  THR A CG2 1 ? 
ATOM   237  N N   . GLU A 1 42  ? 20.964  -4.481  3.057   1.00 72.12  ? 82  GLU A N   1 ? 
ATOM   238  C CA  . GLU A 1 42  ? 20.172  -3.678  3.978   1.00 67.99  ? 82  GLU A CA  1 ? 
ATOM   239  C C   . GLU A 1 42  ? 18.768  -3.475  3.395   1.00 55.92  ? 82  GLU A C   1 ? 
ATOM   240  O O   . GLU A 1 42  ? 17.757  -3.726  4.056   1.00 48.38  ? 82  GLU A O   1 ? 
ATOM   241  C CB  . GLU A 1 42  ? 20.895  -2.352  4.240   1.00 76.59  ? 82  GLU A CB  1 ? 
ATOM   242  C CG  . GLU A 1 42  ? 22.307  -2.500  4.815   1.00 86.30  ? 82  GLU A CG  1 ? 
ATOM   243  C CD  . GLU A 1 42  ? 23.389  -3.077  3.904   1.00 85.98  ? 82  GLU A CD  1 ? 
ATOM   244  O OE1 . GLU A 1 42  ? 23.210  -3.054  2.668   1.00 85.27  ? 82  GLU A OE1 1 ? 
ATOM   245  O OE2 . GLU A 1 42  ? 24.399  -3.599  4.428   1.00 86.87  ? 82  GLU A OE2 1 ? 
ATOM   246  N N   . SER A 1 43  ? 18.699  -3.046  2.129   1.00 46.68  ? 83  SER A N   1 ? 
ATOM   247  C CA  . SER A 1 43  ? 17.412  -2.821  1.496   1.00 46.04  ? 83  SER A CA  1 ? 
ATOM   248  C C   . SER A 1 43  ? 16.723  -4.157  1.194   1.00 45.52  ? 83  SER A C   1 ? 
ATOM   249  O O   . SER A 1 43  ? 15.502  -4.235  1.215   1.00 36.36  ? 83  SER A O   1 ? 
ATOM   250  C CB  . SER A 1 43  ? 17.524  -1.969  0.259   1.00 47.89  ? 83  SER A CB  1 ? 
ATOM   251  O OG  . SER A 1 43  ? 17.460  -2.773  -0.908  1.00 59.55  ? 83  SER A OG  1 ? 
ATOM   252  N N   . GLU A 1 44  ? 17.480  -5.223  0.914   1.00 43.69  ? 84  GLU A N   1 ? 
ATOM   253  C CA  . GLU A 1 44  ? 16.842  -6.510  0.711   1.00 42.11  ? 84  GLU A CA  1 ? 
ATOM   254  C C   . GLU A 1 44  ? 16.031  -6.893  1.947   1.00 34.80  ? 84  GLU A C   1 ? 
ATOM   255  O O   . GLU A 1 44  ? 14.935  -7.442  1.812   1.00 32.91  ? 84  GLU A O   1 ? 
ATOM   256  C CB  . GLU A 1 44  ? 17.810  -7.640  0.353   1.00 54.67  ? 84  GLU A CB  1 ? 
ATOM   257  C CG  . GLU A 1 44  ? 17.098  -8.954  0.028   1.00 59.91  ? 84  GLU A CG  1 ? 
ATOM   258  C CD  . GLU A 1 44  ? 16.007  -8.870  -1.037  1.00 75.60  ? 84  GLU A CD  1 ? 
ATOM   259  O OE1 . GLU A 1 44  ? 16.331  -8.374  -2.144  1.00 79.96  ? 84  GLU A OE1 1 ? 
ATOM   260  O OE2 . GLU A 1 44  ? 14.843  -9.292  -0.781  1.00 78.58  ? 84  GLU A OE2 1 ? 
ATOM   261  N N   . ALA A 1 45  ? 16.570  -6.630  3.145   1.00 32.40  ? 85  ALA A N   1 ? 
ATOM   262  C CA  . ALA A 1 45  ? 15.928  -7.030  4.387   1.00 32.62  ? 85  ALA A CA  1 ? 
ATOM   263  C C   . ALA A 1 45  ? 14.595  -6.296  4.563   1.00 28.39  ? 85  ALA A C   1 ? 
ATOM   264  O O   . ALA A 1 45  ? 13.588  -6.854  5.042   1.00 28.95  ? 85  ALA A O   1 ? 
ATOM   265  C CB  . ALA A 1 45  ? 16.873  -6.762  5.544   1.00 37.54  ? 85  ALA A CB  1 ? 
ATOM   266  N N   . VAL A 1 46  ? 14.592  -5.027  4.158   1.00 31.07  ? 86  VAL A N   1 ? 
ATOM   267  C CA  . VAL A 1 46  ? 13.398  -4.201  4.263   1.00 27.44  ? 86  VAL A CA  1 ? 
ATOM   268  C C   . VAL A 1 46  ? 12.329  -4.796  3.360   1.00 27.16  ? 86  VAL A C   1 ? 
ATOM   269  O O   . VAL A 1 46  ? 11.206  -5.021  3.790   1.00 26.21  ? 86  VAL A O   1 ? 
ATOM   270  C CB  . VAL A 1 46  ? 13.642  -2.714  3.944   1.00 26.45  ? 86  VAL A CB  1 ? 
ATOM   271  C CG1 . VAL A 1 46  ? 12.337  -1.943  3.976   1.00 26.63  ? 86  VAL A CG1 1 ? 
ATOM   272  C CG2 . VAL A 1 46  ? 14.628  -2.074  4.931   1.00 29.13  ? 86  VAL A CG2 1 ? 
ATOM   273  N N   . LYS A 1 47  ? 12.685  -5.020  2.088   1.00 26.91  ? 87  LYS A N   1 ? 
ATOM   274  C CA  . LYS A 1 47  ? 11.751  -5.565  1.123   1.00 27.46  ? 87  LYS A CA  1 ? 
ATOM   275  C C   . LYS A 1 47  ? 11.170  -6.880  1.606   1.00 26.46  ? 87  LYS A C   1 ? 
ATOM   276  O O   . LYS A 1 47  ? 9.972   -7.093  1.513   1.00 23.70  ? 87  LYS A O   1 ? 
ATOM   277  C CB  . LYS A 1 47  ? 12.477  -5.737  -0.216  1.00 31.46  ? 87  LYS A CB  1 ? 
ATOM   278  C CG  . LYS A 1 47  ? 12.712  -4.379  -0.896  1.00 35.06  ? 87  LYS A CG  1 ? 
ATOM   279  C CD  . LYS A 1 47  ? 13.651  -4.498  -2.096  1.00 43.26  ? 87  LYS A CD  1 ? 
ATOM   280  C CE  . LYS A 1 47  ? 13.861  -3.194  -2.788  1.00 49.25  ? 87  LYS A CE  1 ? 
ATOM   281  N NZ  . LYS A 1 47  ? 14.652  -3.418  -4.004  1.00 55.70  ? 87  LYS A NZ  1 ? 
ATOM   282  N N   . GLN A 1 48  ? 12.034  -7.802  2.062   1.00 25.36  ? 88  GLN A N   1 ? 
ATOM   283  C CA  . GLN A 1 48  ? 11.555  -9.098  2.486   1.00 26.34  ? 88  GLN A CA  1 ? 
ATOM   284  C C   . GLN A 1 48  ? 10.613  -8.958  3.685   1.00 22.73  ? 88  GLN A C   1 ? 
ATOM   285  O O   . GLN A 1 48  ? 9.545   -9.570  3.749   1.00 21.65  ? 88  GLN A O   1 ? 
ATOM   286  C CB  . GLN A 1 48  ? 12.780  -9.982  2.770   1.00 30.69  ? 88  GLN A CB  1 ? 
ATOM   287  C CG  . GLN A 1 48  ? 12.432  -11.399 3.191   1.00 36.39  ? 88  GLN A CG  1 ? 
ATOM   288  C CD  . GLN A 1 48  ? 11.522  -12.085 2.187   1.00 44.04  ? 88  GLN A CD  1 ? 
ATOM   289  O OE1 . GLN A 1 48  ? 11.653  -11.890 0.974   1.00 43.15  ? 88  GLN A OE1 1 ? 
ATOM   290  N NE2 . GLN A 1 48  ? 10.563  -12.864 2.677   1.00 48.00  ? 88  GLN A NE2 1 ? 
ATOM   291  N N   . ALA A 1 49  ? 10.999  -8.154  4.679   1.00 22.67  ? 89  ALA A N   1 ? 
ATOM   292  C CA  . ALA A 1 49  ? 10.140  -7.930  5.835   1.00 23.56  ? 89  ALA A CA  1 ? 
ATOM   293  C C   . ALA A 1 49  ? 8.764   -7.377  5.424   1.00 20.73  ? 89  ALA A C   1 ? 
ATOM   294  O O   . ALA A 1 49  ? 7.707   -7.784  5.925   1.00 22.80  ? 89  ALA A O   1 ? 
ATOM   295  C CB  . ALA A 1 49  ? 10.877  -6.999  6.798   1.00 25.22  ? 89  ALA A CB  1 ? 
ATOM   296  N N   . LEU A 1 50  ? 8.748   -6.425  4.503   1.00 21.35  ? 90  LEU A N   1 ? 
ATOM   297  C CA  . LEU A 1 50  ? 7.489   -5.811  4.083   1.00 21.18  ? 90  LEU A CA  1 ? 
ATOM   298  C C   . LEU A 1 50  ? 6.639   -6.817  3.315   1.00 19.38  ? 90  LEU A C   1 ? 
ATOM   299  O O   . LEU A 1 50  ? 5.444   -6.904  3.520   1.00 21.63  ? 90  LEU A O   1 ? 
ATOM   300  C CB  . LEU A 1 50  ? 7.797   -4.594  3.224   1.00 22.28  ? 90  LEU A CB  1 ? 
ATOM   301  C CG  . LEU A 1 50  ? 6.619   -3.688  2.889   1.00 28.05  ? 90  LEU A CG  1 ? 
ATOM   302  C CD1 . LEU A 1 50  ? 5.892   -3.157  4.117   1.00 27.81  ? 90  LEU A CD1 1 ? 
ATOM   303  C CD2 . LEU A 1 50  ? 7.177   -2.551  2.038   1.00 32.18  ? 90  LEU A CD2 1 ? 
ATOM   304  N N   . ARG A 1 51  ? 7.249   -7.610  2.431   1.00 23.04  ? 91  ARG A N   1 ? 
ATOM   305  C CA  . ARG A 1 51  ? 6.523   -8.680  1.759   1.00 24.45  ? 91  ARG A CA  1 ? 
ATOM   306  C C   . ARG A 1 51  ? 5.890   -9.638  2.753   1.00 23.96  ? 91  ARG A C   1 ? 
ATOM   307  O O   . ARG A 1 51  ? 4.730   -9.991  2.604   1.00 23.75  ? 91  ARG A O   1 ? 
ATOM   308  C CB  . ARG A 1 51  ? 7.401   -9.541  0.859   1.00 24.57  ? 91  ARG A CB  1 ? 
ATOM   309  C CG  . ARG A 1 51  ? 8.050   -8.818  -0.297  1.00 28.94  ? 91  ARG A CG  1 ? 
ATOM   310  C CD  . ARG A 1 51  ? 9.030   -9.807  -0.922  1.00 32.74  ? 91  ARG A CD  1 ? 
ATOM   311  N NE  . ARG A 1 51  ? 9.581   -9.209  -2.136  1.00 40.08  ? 91  ARG A NE  1 ? 
ATOM   312  C CZ  . ARG A 1 51  ? 10.142  -9.895  -3.140  1.00 51.15  ? 91  ARG A CZ  1 ? 
ATOM   313  N NH1 . ARG A 1 51  ? 10.324  -11.202 -3.043  1.00 50.16  ? 91  ARG A NH1 1 ? 
ATOM   314  N NH2 . ARG A 1 51  ? 10.503  -9.271  -4.242  1.00 46.71  ? 91  ARG A NH2 1 ? 
ATOM   315  N N   . GLU A 1 52  ? 6.635   -10.049 3.781   1.00 25.13  ? 92  GLU A N   1 ? 
ATOM   316  C CA  . GLU A 1 52  ? 6.099   -11.012 4.728   1.00 28.10  ? 92  GLU A CA  1 ? 
ATOM   317  C C   . GLU A 1 52  ? 5.001   -10.358 5.564   1.00 23.99  ? 92  GLU A C   1 ? 
ATOM   318  O O   . GLU A 1 52  ? 3.982   -10.980 5.873   1.00 20.00  ? 92  GLU A O   1 ? 
ATOM   319  C CB  . GLU A 1 52  ? 7.173   -11.510 5.688   1.00 33.61  ? 92  GLU A CB  1 ? 
ATOM   320  C CG  . GLU A 1 52  ? 8.222   -12.409 5.040   1.00 43.56  ? 92  GLU A CG  1 ? 
ATOM   321  C CD  . GLU A 1 52  ? 9.480   -12.667 5.881   1.00 56.04  ? 92  GLU A CD  1 ? 
ATOM   322  O OE1 . GLU A 1 52  ? 9.590   -12.185 7.038   1.00 62.53  ? 92  GLU A OE1 1 ? 
ATOM   323  O OE2 . GLU A 1 52  ? 10.395  -13.333 5.351   1.00 55.96  ? 92  GLU A OE2 1 ? 
ATOM   324  N N   . ALA A 1 53  ? 5.220   -9.102  5.968   1.00 24.59  ? 93  ALA A N   1 ? 
ATOM   325  C CA  . ALA A 1 53  ? 4.189   -8.428  6.768   1.00 22.79  ? 93  ALA A CA  1 ? 
ATOM   326  C C   . ALA A 1 53  ? 2.924   -8.279  5.942   1.00 20.68  ? 93  ALA A C   1 ? 
ATOM   327  O O   . ALA A 1 53  ? 1.810   -8.362  6.462   1.00 24.30  ? 93  ALA A O   1 ? 
ATOM   328  C CB  . ALA A 1 53  ? 4.671   -7.069  7.258   1.00 26.97  ? 93  ALA A CB  1 ? 
ATOM   329  N N   . GLY A 1 54  ? 3.081   -7.924  4.667   1.00 22.32  ? 94  GLY A N   1 ? 
ATOM   330  C CA  . GLY A 1 54  ? 1.910   -7.737  3.809   1.00 21.77  ? 94  GLY A CA  1 ? 
ATOM   331  C C   . GLY A 1 54  ? 1.170   -9.062  3.609   1.00 23.69  ? 94  GLY A C   1 ? 
ATOM   332  O O   . GLY A 1 54  ? -0.057  -9.103  3.608   1.00 22.34  ? 94  GLY A O   1 ? 
ATOM   333  N N   . ASP A 1 55  ? 1.930   -10.160 3.452   1.00 22.66  ? 95  ASP A N   1 ? 
ATOM   334  C CA  . ASP A 1 55  ? 1.314   -11.478 3.396   1.00 24.07  ? 95  ASP A CA  1 ? 
ATOM   335  C C   . ASP A 1 55  ? 0.540   -11.788 4.677   1.00 23.88  ? 95  ASP A C   1 ? 
ATOM   336  O O   . ASP A 1 55  ? -0.590  -12.251 4.614   1.00 26.56  ? 95  ASP A O   1 ? 
ATOM   337  C CB  . ASP A 1 55  ? 2.358   -12.550 3.165   1.00 26.13  ? 95  ASP A CB  1 ? 
ATOM   338  C CG  . ASP A 1 55  ? 2.925   -12.583 1.765   1.00 27.69  ? 95  ASP A CG  1 ? 
ATOM   339  O OD1 . ASP A 1 55  ? 2.248   -12.066 0.832   1.00 27.86  ? 95  ASP A OD1 1 ? 
ATOM   340  O OD2 . ASP A 1 55  ? 4.036   -13.088 1.624   1.00 29.48  ? 95  ASP A OD2 1 ? 
ATOM   341  N N   . GLU A 1 56  ? 1.160   -11.564 5.832   1.00 24.32  ? 96  GLU A N   1 ? 
ATOM   342  C CA  . GLU A 1 56  ? 0.496   -11.755 7.114   1.00 29.16  ? 96  GLU A CA  1 ? 
ATOM   343  C C   . GLU A 1 56  ? -0.779  -10.907 7.205   1.00 32.54  ? 96  GLU A C   1 ? 
ATOM   344  O O   . GLU A 1 56  ? -1.837  -11.413 7.606   1.00 27.75  ? 96  GLU A O   1 ? 
ATOM   345  C CB  . GLU A 1 56  ? 1.496   -11.506 8.232   1.00 37.55  ? 96  GLU A CB  1 ? 
ATOM   346  C CG  . GLU A 1 56  ? 0.843   -11.498 9.611   1.00 52.85  ? 96  GLU A CG  1 ? 
ATOM   347  C CD  . GLU A 1 56  ? 1.749   -11.937 10.756  1.00 71.41  ? 96  GLU A CD  1 ? 
ATOM   348  O OE1 . GLU A 1 56  ? 2.986   -11.922 10.546  1.00 83.65  ? 96  GLU A OE1 1 ? 
ATOM   349  O OE2 . GLU A 1 56  ? 1.225   -12.338 11.832  1.00 74.86  ? 96  GLU A OE2 1 ? 
ATOM   350  N N   . PHE A 1 57  ? -0.696  -9.619  6.820   1.00 24.53  ? 97  PHE A N   1 ? 
ATOM   351  C CA  . PHE A 1 57  ? -1.862  -8.759  6.874   1.00 23.04  ? 97  PHE A CA  1 ? 
ATOM   352  C C   . PHE A 1 57  ? -3.020  -9.374  6.075   1.00 25.16  ? 97  PHE A C   1 ? 
ATOM   353  O O   . PHE A 1 57  ? -4.179  -9.388  6.529   1.00 28.23  ? 97  PHE A O   1 ? 
ATOM   354  C CB  . PHE A 1 57  ? -1.481  -7.375  6.343   1.00 21.37  ? 97  PHE A CB  1 ? 
ATOM   355  C CG  . PHE A 1 57  ? -2.633  -6.390  6.379   1.00 24.54  ? 97  PHE A CG  1 ? 
ATOM   356  C CD1 . PHE A 1 57  ? -2.874  -5.615  7.507   1.00 26.21  ? 97  PHE A CD1 1 ? 
ATOM   357  C CD2 . PHE A 1 57  ? -3.467  -6.246  5.285   1.00 22.89  ? 97  PHE A CD2 1 ? 
ATOM   358  C CE1 . PHE A 1 57  ? -3.941  -4.722  7.531   1.00 26.33  ? 97  PHE A CE1 1 ? 
ATOM   359  C CE2 . PHE A 1 57  ? -4.499  -5.318  5.312   1.00 24.11  ? 97  PHE A CE2 1 ? 
ATOM   360  C CZ  . PHE A 1 57  ? -4.758  -4.601  6.449   1.00 23.68  ? 97  PHE A CZ  1 ? 
ATOM   361  N N   . GLU A 1 58  ? -2.701  -9.821  4.870   1.00 24.46  ? 98  GLU A N   1 ? 
ATOM   362  C CA  . GLU A 1 58  ? -3.661  -10.316 3.890   1.00 33.34  ? 98  GLU A CA  1 ? 
ATOM   363  C C   . GLU A 1 58  ? -4.290  -11.629 4.367   1.00 34.51  ? 98  GLU A C   1 ? 
ATOM   364  O O   . GLU A 1 58  ? -5.485  -11.825 4.180   1.00 39.37  ? 98  GLU A O   1 ? 
ATOM   365  C CB  . GLU A 1 58  ? -2.966  -10.412 2.538   1.00 39.67  ? 98  GLU A CB  1 ? 
ATOM   366  C CG  . GLU A 1 58  ? -3.859  -10.931 1.415   1.00 50.42  ? 98  GLU A CG  1 ? 
ATOM   367  C CD  . GLU A 1 58  ? -3.237  -10.950 0.020   1.00 55.25  ? 98  GLU A CD  1 ? 
ATOM   368  O OE1 . GLU A 1 58  ? -2.170  -10.334 -0.199  1.00 53.99  ? 98  GLU A OE1 1 ? 
ATOM   369  O OE2 . GLU A 1 58  ? -3.856  -11.597 -0.856  1.00 49.66  ? 98  GLU A OE2 1 ? 
ATOM   370  N N   . LEU A 1 59  ? -3.509  -12.461 5.058   1.00 31.18  ? 99  LEU A N   1 ? 
ATOM   371  C CA  . LEU A 1 59  ? -3.982  -13.716 5.634   1.00 36.26  ? 99  LEU A CA  1 ? 
ATOM   372  C C   . LEU A 1 59  ? -4.906  -13.455 6.820   1.00 41.97  ? 99  LEU A C   1 ? 
ATOM   373  O O   . LEU A 1 59  ? -5.807  -14.261 7.089   1.00 41.88  ? 99  LEU A O   1 ? 
ATOM   374  C CB  . LEU A 1 59  ? -2.780  -14.558 6.062   1.00 31.78  ? 99  LEU A CB  1 ? 
ATOM   375  C CG  . LEU A 1 59  ? -1.928  -15.094 4.901   1.00 33.92  ? 99  LEU A CG  1 ? 
ATOM   376  C CD1 . LEU A 1 59  ? -0.547  -15.488 5.399   1.00 32.91  ? 99  LEU A CD1 1 ? 
ATOM   377  C CD2 . LEU A 1 59  ? -2.607  -16.250 4.226   1.00 34.65  ? 99  LEU A CD2 1 ? 
ATOM   378  N N   . ARG A 1 60  ? -4.646  -12.356 7.546   1.00 40.13  ? 100 ARG A N   1 ? 
ATOM   379  C CA  . ARG A 1 60  ? -5.447  -11.998 8.703   1.00 40.70  ? 100 ARG A CA  1 ? 
ATOM   380  C C   . ARG A 1 60  ? -6.753  -11.342 8.281   1.00 41.58  ? 100 ARG A C   1 ? 
ATOM   381  O O   . ARG A 1 60  ? -7.750  -11.621 8.911   1.00 47.13  ? 100 ARG A O   1 ? 
ATOM   382  C CB  . ARG A 1 60  ? -4.836  -11.018 9.701   1.00 42.08  ? 100 ARG A CB  1 ? 
ATOM   383  C CG  . ARG A 1 60  ? -3.603  -11.471 10.453  1.00 49.62  ? 100 ARG A CG  1 ? 
ATOM   384  C CD  . ARG A 1 60  ? -3.411  -10.575 11.648  1.00 60.23  ? 100 ARG A CD  1 ? 
ATOM   385  N NE  . ARG A 1 60  ? -2.067  -10.654 12.229  1.00 77.04  ? 100 ARG A NE  1 ? 
ATOM   386  C CZ  . ARG A 1 60  ? -1.702  -9.941  13.290  1.00 93.01  ? 100 ARG A CZ  1 ? 
ATOM   387  N NH1 . ARG A 1 60  ? -2.611  -9.215  13.933  1.00 93.69  ? 100 ARG A NH1 1 ? 
ATOM   388  N NH2 . ARG A 1 60  ? -0.447  -9.968  13.710  1.00 93.49  ? 100 ARG A NH2 1 ? 
ATOM   389  N N   . TYR A 1 61  ? -6.750  -10.484 7.245   1.00 45.77  ? 101 TYR A N   1 ? 
ATOM   390  C CA  . TYR A 1 61  ? -7.862  -9.566  6.989   1.00 50.80  ? 101 TYR A CA  1 ? 
ATOM   391  C C   . TYR A 1 61  ? -8.265  -9.518  5.514   1.00 54.43  ? 101 TYR A C   1 ? 
ATOM   392  O O   . TYR A 1 61  ? -8.478  -8.431  4.998   1.00 68.10  ? 101 TYR A O   1 ? 
ATOM   393  C CB  . TYR A 1 61  ? -7.554  -8.084  7.287   1.00 44.07  ? 101 TYR A CB  1 ? 
ATOM   394  C CG  . TYR A 1 61  ? -6.909  -7.792  8.629   1.00 39.04  ? 101 TYR A CG  1 ? 
ATOM   395  C CD1 . TYR A 1 61  ? -7.660  -7.637  9.785   1.00 41.49  ? 101 TYR A CD1 1 ? 
ATOM   396  C CD2 . TYR A 1 61  ? -5.534  -7.685  8.731   1.00 37.69  ? 101 TYR A CD2 1 ? 
ATOM   397  C CE1 . TYR A 1 61  ? -7.051  -7.401  11.009  1.00 44.08  ? 101 TYR A CE1 1 ? 
ATOM   398  C CE2 . TYR A 1 61  ? -4.914  -7.454  9.944   1.00 41.17  ? 101 TYR A CE2 1 ? 
ATOM   399  C CZ  . TYR A 1 61  ? -5.671  -7.315  11.091  1.00 44.76  ? 101 TYR A CZ  1 ? 
ATOM   400  O OH  . TYR A 1 61  ? -5.009  -7.106  12.271  1.00 50.57  ? 101 TYR A OH  1 ? 
ATOM   401  N N   . ARG A 1 62  ? -8.424  -10.646 4.816   1.00 72.37  ? 102 ARG A N   1 ? 
ATOM   402  C CA  . ARG A 1 62  ? -8.480  -10.563 3.356   1.00 75.72  ? 102 ARG A CA  1 ? 
ATOM   403  C C   . ARG A 1 62  ? -9.867  -10.166 2.843   1.00 69.53  ? 102 ARG A C   1 ? 
ATOM   404  O O   . ARG A 1 62  ? -10.023 -9.937  1.647   1.00 59.37  ? 102 ARG A O   1 ? 
ATOM   405  C CB  . ARG A 1 62  ? -8.077  -11.833 2.596   1.00 80.25  ? 102 ARG A CB  1 ? 
ATOM   406  C CG  . ARG A 1 62  ? -7.481  -11.590 1.215   0.50 76.52  ? 102 ARG A CG  1 ? 
ATOM   407  C CD  . ARG A 1 62  ? -8.051  -12.519 0.153   0.50 75.19  ? 102 ARG A CD  1 ? 
ATOM   408  N NE  . ARG A 1 62  ? -7.218  -12.581 -1.052  0.50 75.73  ? 102 ARG A NE  1 ? 
ATOM   409  C CZ  . ARG A 1 62  ? -6.088  -13.276 -1.158  0.50 75.67  ? 102 ARG A CZ  1 ? 
ATOM   410  N NH1 . ARG A 1 62  ? -5.441  -13.311 -2.305  0.50 76.29  ? 102 ARG A NH1 1 ? 
ATOM   411  N NH2 . ARG A 1 62  ? -5.620  -13.968 -0.134  0.50 73.46  ? 102 ARG A NH2 1 ? 
ATOM   412  N N   . ARG A 1 63  ? -10.864 -10.046 3.726   1.00 73.86  ? 103 ARG A N   1 ? 
ATOM   413  C CA  . ARG A 1 63  ? -12.137 -9.475  3.315   1.00 80.45  ? 103 ARG A CA  1 ? 
ATOM   414  C C   . ARG A 1 63  ? -12.066 -7.942  3.310   1.00 76.44  ? 103 ARG A C   1 ? 
ATOM   415  O O   . ARG A 1 63  ? -12.938 -7.308  2.722   1.00 71.02  ? 103 ARG A O   1 ? 
ATOM   416  C CB  . ARG A 1 63  ? -13.305 -10.004 4.165   1.00 92.13  ? 103 ARG A CB  1 ? 
ATOM   417  C CG  . ARG A 1 63  ? -13.509 -11.516 4.149   1.00 93.62  ? 103 ARG A CG  1 ? 
ATOM   418  C CD  . ARG A 1 63  ? -13.044 -12.262 5.418   1.00 94.71  ? 103 ARG A CD  1 ? 
ATOM   419  N NE  . ARG A 1 63  ? -12.348 -13.518 5.095   1.00 96.38  ? 103 ARG A NE  1 ? 
ATOM   420  C CZ  . ARG A 1 63  ? -12.187 -14.628 5.831   1.00 79.25  ? 103 ARG A CZ  1 ? 
ATOM   421  N NH1 . ARG A 1 63  ? -12.832 -14.831 6.977   1.00 65.34  ? 103 ARG A NH1 1 ? 
ATOM   422  N NH2 . ARG A 1 63  ? -11.388 -15.568 5.356   1.00 74.32  ? 103 ARG A NH2 1 ? 
ATOM   423  N N   . ALA A 1 64  ? -11.012 -7.358  3.917   1.00 78.79  ? 104 ALA A N   1 ? 
ATOM   424  C CA  . ALA A 1 64  ? -10.946 -5.935  4.266   1.00 72.35  ? 104 ALA A CA  1 ? 
ATOM   425  C C   . ALA A 1 64  ? -10.953 -5.021  3.041   1.00 76.86  ? 104 ALA A C   1 ? 
ATOM   426  O O   . ALA A 1 64  ? -11.510 -3.919  3.093   1.00 82.53  ? 104 ALA A O   1 ? 
ATOM   427  C CB  . ALA A 1 64  ? -9.712  -5.654  5.096   1.00 66.46  ? 104 ALA A CB  1 ? 
ATOM   428  N N   . PHE A 1 65  ? -10.287 -5.465  1.968   1.00 62.09  ? 105 PHE A N   1 ? 
ATOM   429  C CA  . PHE A 1 65  ? -10.095 -4.645  0.785   1.00 58.02  ? 105 PHE A CA  1 ? 
ATOM   430  C C   . PHE A 1 65  ? -10.607 -5.392  -0.448  1.00 58.05  ? 105 PHE A C   1 ? 
ATOM   431  O O   . PHE A 1 65  ? -9.854  -5.597  -1.393  1.00 62.44  ? 105 PHE A O   1 ? 
ATOM   432  C CB  . PHE A 1 65  ? -8.611  -4.290  0.610   1.00 49.60  ? 105 PHE A CB  1 ? 
ATOM   433  C CG  . PHE A 1 65  ? -7.911  -3.572  1.757   1.00 38.94  ? 105 PHE A CG  1 ? 
ATOM   434  C CD1 . PHE A 1 65  ? -8.604  -2.743  2.629   1.00 38.38  ? 105 PHE A CD1 1 ? 
ATOM   435  C CD2 . PHE A 1 65  ? -6.551  -3.751  1.970   1.00 34.90  ? 105 PHE A CD2 1 ? 
ATOM   436  C CE1 . PHE A 1 65  ? -7.941  -2.103  3.680   1.00 41.53  ? 105 PHE A CE1 1 ? 
ATOM   437  C CE2 . PHE A 1 65  ? -5.890  -3.100  3.008   1.00 36.10  ? 105 PHE A CE2 1 ? 
ATOM   438  C CZ  . PHE A 1 65  ? -6.580  -2.275  3.866   1.00 32.85  ? 105 PHE A CZ  1 ? 
ATOM   439  N N   . SER A 1 66  ? -11.888 -5.783  -0.451  1.00 55.58  ? 106 SER A N   1 ? 
ATOM   440  C CA  . SER A 1 66  ? -12.504 -6.332  -1.651  1.00 55.18  ? 106 SER A CA  1 ? 
ATOM   441  C C   . SER A 1 66  ? -13.302 -5.249  -2.383  1.00 57.44  ? 106 SER A C   1 ? 
ATOM   442  O O   . SER A 1 66  ? -13.754 -4.280  -1.779  1.00 53.26  ? 106 SER A O   1 ? 
ATOM   443  C CB  . SER A 1 66  ? -13.377 -7.496  -1.312  1.00 51.69  ? 106 SER A CB  1 ? 
ATOM   444  O OG  . SER A 1 66  ? -14.506 -6.996  -0.616  1.00 56.72  ? 106 SER A OG  1 ? 
ATOM   445  N N   . ASP A 1 67  ? -13.428 -5.428  -3.708  1.00 60.26  ? 107 ASP A N   1 ? 
ATOM   446  C CA  . ASP A 1 67  ? -14.179 -4.560  -4.608  1.00 60.79  ? 107 ASP A CA  1 ? 
ATOM   447  C C   . ASP A 1 67  ? -13.824 -3.076  -4.459  1.00 43.05  ? 107 ASP A C   1 ? 
ATOM   448  O O   . ASP A 1 67  ? -14.698 -2.208  -4.491  1.00 47.21  ? 107 ASP A O   1 ? 
ATOM   449  C CB  . ASP A 1 67  ? -15.681 -4.753  -4.460  1.00 70.88  ? 107 ASP A CB  1 ? 
ATOM   450  C CG  . ASP A 1 67  ? -16.489 -4.012  -5.518  1.00 81.28  ? 107 ASP A CG  1 ? 
ATOM   451  O OD1 . ASP A 1 67  ? -16.039 -4.010  -6.695  1.00 72.02  ? 107 ASP A OD1 1 ? 
ATOM   452  O OD2 . ASP A 1 67  ? -17.543 -3.428  -5.154  1.00 93.48  ? 107 ASP A OD2 1 ? 
ATOM   453  N N   . LEU A 1 68  ? -12.536 -2.778  -4.377  1.00 37.62  ? 108 LEU A N   1 ? 
ATOM   454  C CA  . LEU A 1 68  ? -12.096 -1.436  -4.054  1.00 35.75  ? 108 LEU A CA  1 ? 
ATOM   455  C C   . LEU A 1 68  ? -12.440 -0.417  -5.142  1.00 37.12  ? 108 LEU A C   1 ? 
ATOM   456  O O   . LEU A 1 68  ? -12.873 0.693   -4.820  1.00 33.64  ? 108 LEU A O   1 ? 
ATOM   457  C CB  . LEU A 1 68  ? -10.594 -1.507  -3.842  1.00 38.77  ? 108 LEU A CB  1 ? 
ATOM   458  C CG  . LEU A 1 68  ? -10.141 -2.249  -2.594  1.00 39.71  ? 108 LEU A CG  1 ? 
ATOM   459  C CD1 . LEU A 1 68  ? -8.613  -2.204  -2.493  1.00 44.01  ? 108 LEU A CD1 1 ? 
ATOM   460  C CD2 . LEU A 1 68  ? -10.833 -1.623  -1.405  1.00 40.16  ? 108 LEU A CD2 1 ? 
ATOM   461  N N   . THR A 1 69  ? -12.160 -0.760  -6.409  1.00 34.92  ? 109 THR A N   1 ? 
ATOM   462  C CA  . THR A 1 69  ? -12.163 0.232   -7.473  1.00 37.64  ? 109 THR A CA  1 ? 
ATOM   463  C C   . THR A 1 69  ? -13.593 0.726   -7.662  1.00 37.97  ? 109 THR A C   1 ? 
ATOM   464  O O   . THR A 1 69  ? -13.827 1.904   -7.925  1.00 38.69  ? 109 THR A O   1 ? 
ATOM   465  C CB  . THR A 1 69  ? -11.582 -0.346  -8.770  1.00 36.80  ? 109 THR A CB  1 ? 
ATOM   466  O OG1 . THR A 1 69  ? -12.398 -1.465  -9.114  1.00 33.73  ? 109 THR A OG1 1 ? 
ATOM   467  C CG2 . THR A 1 69  ? -10.120 -0.739  -8.640  1.00 36.35  ? 109 THR A CG2 1 ? 
ATOM   468  N N   . SER A 1 70  ? -14.542 -0.193  -7.478  1.00 36.78  ? 110 SER A N   1 ? 
ATOM   469  C CA  . SER A 1 70  ? -15.946 0.157   -7.471  1.00 44.17  ? 110 SER A CA  1 ? 
ATOM   470  C C   . SER A 1 70  ? -16.275 1.104   -6.312  1.00 39.82  ? 110 SER A C   1 ? 
ATOM   471  O O   . SER A 1 70  ? -16.770 2.204   -6.530  1.00 41.25  ? 110 SER A O   1 ? 
ATOM   472  C CB  . SER A 1 70  ? -16.759 -1.104  -7.401  1.00 51.58  ? 110 SER A CB  1 ? 
ATOM   473  O OG  . SER A 1 70  ? -18.147 -0.811  -7.412  1.00 59.15  ? 110 SER A OG  1 ? 
ATOM   474  N N   . GLN A 1 71  ? -16.009 0.670   -5.068  1.00 39.93  ? 111 GLN A N   1 ? 
ATOM   475  C CA  . GLN A 1 71  ? -16.368 1.434   -3.882  1.00 37.72  ? 111 GLN A CA  1 ? 
ATOM   476  C C   . GLN A 1 71  ? -15.697 2.806   -3.872  1.00 33.04  ? 111 GLN A C   1 ? 
ATOM   477  O O   . GLN A 1 71  ? -16.263 3.749   -3.351  1.00 33.49  ? 111 GLN A O   1 ? 
ATOM   478  C CB  . GLN A 1 71  ? -15.911 0.818   -2.565  1.00 41.45  ? 111 GLN A CB  1 ? 
ATOM   479  C CG  . GLN A 1 71  ? -16.719 -0.382  -2.086  1.00 51.59  ? 111 GLN A CG  1 ? 
ATOM   480  C CD  . GLN A 1 71  ? -16.132 -0.972  -0.819  1.00 57.49  ? 111 GLN A CD  1 ? 
ATOM   481  O OE1 . GLN A 1 71  ? -15.444 -1.999  -0.849  1.00 56.30  ? 111 GLN A OE1 1 ? 
ATOM   482  N NE2 . GLN A 1 71  ? -16.340 -0.289  0.301   1.00 62.39  ? 111 GLN A NE2 1 ? 
ATOM   483  N N   . LEU A 1 72  ? -14.457 2.886   -4.367  1.00 31.19  ? 112 LEU A N   1 ? 
ATOM   484  C CA  . LEU A 1 72  ? -13.696 4.125   -4.337  1.00 32.76  ? 112 LEU A CA  1 ? 
ATOM   485  C C   . LEU A 1 72  ? -13.668 4.823   -5.690  1.00 34.63  ? 112 LEU A C   1 ? 
ATOM   486  O O   . LEU A 1 72  ? -12.948 5.793   -5.803  1.00 36.12  ? 112 LEU A O   1 ? 
ATOM   487  C CB  . LEU A 1 72  ? -12.275 3.805   -3.881  1.00 31.39  ? 112 LEU A CB  1 ? 
ATOM   488  C CG  . LEU A 1 72  ? -12.204 3.022   -2.573  1.00 31.34  ? 112 LEU A CG  1 ? 
ATOM   489  C CD1 . LEU A 1 72  ? -10.788 2.572   -2.230  1.00 34.28  ? 112 LEU A CD1 1 ? 
ATOM   490  C CD2 . LEU A 1 72  ? -12.855 3.800   -1.423  1.00 33.73  ? 112 LEU A CD2 1 ? 
ATOM   491  N N   . HIS A 1 73  ? -14.388 4.319   -6.702  1.00 37.89  ? 113 HIS A N   1 ? 
ATOM   492  C CA  . HIS A 1 73  ? -14.421 4.970   -8.008  1.00 45.90  ? 113 HIS A CA  1 ? 
ATOM   493  C C   . HIS A 1 73  ? -12.995 5.233   -8.512  1.00 35.50  ? 113 HIS A C   1 ? 
ATOM   494  O O   . HIS A 1 73  ? -12.659 6.365   -8.862  1.00 38.39  ? 113 HIS A O   1 ? 
ATOM   495  C CB  . HIS A 1 73  ? -15.240 6.272   -7.920  1.00 49.11  ? 113 HIS A CB  1 ? 
ATOM   496  C CG  . HIS A 1 73  ? -16.699 6.055   -7.660  1.00 72.27  ? 113 HIS A CG  1 ? 
ATOM   497  N ND1 . HIS A 1 73  ? -17.438 5.065   -8.282  1.00 82.26  ? 113 HIS A ND1 1 ? 
ATOM   498  C CD2 . HIS A 1 73  ? -17.562 6.711   -6.857  1.00 80.75  ? 113 HIS A CD2 1 ? 
ATOM   499  C CE1 . HIS A 1 73  ? -18.697 5.127   -7.861  1.00 86.13  ? 113 HIS A CE1 1 ? 
ATOM   500  N NE2 . HIS A 1 73  ? -18.794 6.119   -6.997  1.00 85.10  ? 113 HIS A NE2 1 ? 
ATOM   501  N N   . ILE A 1 74  ? -12.121 4.222   -8.456  1.00 31.10  ? 114 ILE A N   1 ? 
ATOM   502  C CA  . ILE A 1 74  ? -10.773 4.362   -8.991  1.00 29.44  ? 114 ILE A CA  1 ? 
ATOM   503  C C   . ILE A 1 74  ? -10.863 3.897   -10.438 1.00 26.81  ? 114 ILE A C   1 ? 
ATOM   504  O O   . ILE A 1 74  ? -11.275 2.774   -10.705 1.00 26.21  ? 114 ILE A O   1 ? 
ATOM   505  C CB  . ILE A 1 74  ? -9.716  3.593   -8.180  1.00 34.76  ? 114 ILE A CB  1 ? 
ATOM   506  C CG1 . ILE A 1 74  ? -9.839  3.843   -6.641  1.00 37.79  ? 114 ILE A CG1 1 ? 
ATOM   507  C CG2 . ILE A 1 74  ? -8.317  3.888   -8.718  1.00 32.35  ? 114 ILE A CG2 1 ? 
ATOM   508  C CD1 . ILE A 1 74  ? -9.062  5.002   -6.051  1.00 38.38  ? 114 ILE A CD1 1 ? 
ATOM   509  N N   . THR A 1 75  ? -10.610 4.844   -11.358 1.00 24.75  ? 115 THR A N   1 ? 
ATOM   510  C CA  . THR A 1 75  ? -10.744 4.666   -12.787 1.00 21.83  ? 115 THR A CA  1 ? 
ATOM   511  C C   . THR A 1 75  ? -9.513  5.265   -13.465 1.00 21.96  ? 115 THR A C   1 ? 
ATOM   512  O O   . THR A 1 75  ? -8.648  5.885   -12.818 1.00 20.16  ? 115 THR A O   1 ? 
ATOM   513  C CB  . THR A 1 75  ? -12.015 5.324   -13.332 1.00 23.90  ? 115 THR A CB  1 ? 
ATOM   514  O OG1 . THR A 1 75  ? -11.746 6.723   -13.336 1.00 20.94  ? 115 THR A OG1 1 ? 
ATOM   515  C CG2 . THR A 1 75  ? -13.261 4.947   -12.546 1.00 23.84  ? 115 THR A CG2 1 ? 
ATOM   516  N N   . PRO A 1 76  ? -9.398  5.077   -14.802 1.00 22.86  ? 116 PRO A N   1 ? 
ATOM   517  C CA  . PRO A 1 76  ? -8.395  5.798   -15.588 1.00 23.63  ? 116 PRO A CA  1 ? 
ATOM   518  C C   . PRO A 1 76  ? -8.498  7.325   -15.585 1.00 19.57  ? 116 PRO A C   1 ? 
ATOM   519  O O   . PRO A 1 76  ? -7.619  7.982   -16.164 1.00 20.67  ? 116 PRO A O   1 ? 
ATOM   520  C CB  . PRO A 1 76  ? -8.677  5.214   -16.998 1.00 24.48  ? 116 PRO A CB  1 ? 
ATOM   521  C CG  . PRO A 1 76  ? -9.169  3.827   -16.696 1.00 25.24  ? 116 PRO A CG  1 ? 
ATOM   522  C CD  . PRO A 1 76  ? -10.188 4.132   -15.624 1.00 23.72  ? 116 PRO A CD  1 ? 
ATOM   523  N N   . GLY A 1 77  ? -9.537  7.858   -14.931 1.00 18.58  ? 117 GLY A N   1 ? 
ATOM   524  C CA  . GLY A 1 77  ? -9.703  9.296   -14.752 1.00 20.05  ? 117 GLY A CA  1 ? 
ATOM   525  C C   . GLY A 1 77  ? -9.228  9.829   -13.398 1.00 19.84  ? 117 GLY A C   1 ? 
ATOM   526  O O   . GLY A 1 77  ? -9.132  11.042  -13.218 1.00 19.48  ? 117 GLY A O   1 ? 
ATOM   527  N N   . THR A 1 78  ? -8.905  8.931   -12.464 1.00 20.50  ? 118 THR A N   1 ? 
ATOM   528  C CA  . THR A 1 78  ? -8.648  9.294   -11.085 1.00 19.47  ? 118 THR A CA  1 ? 
ATOM   529  C C   . THR A 1 78  ? -7.323  10.042  -11.016 1.00 20.35  ? 118 THR A C   1 ? 
ATOM   530  O O   . THR A 1 78  ? -6.333  9.590   -11.599 1.00 20.47  ? 118 THR A O   1 ? 
ATOM   531  C CB  . THR A 1 78  ? -8.628  8.034   -10.223 1.00 20.57  ? 118 THR A CB  1 ? 
ATOM   532  O OG1 . THR A 1 78  ? -9.913  7.435   -10.315 1.00 24.06  ? 118 THR A OG1 1 ? 
ATOM   533  C CG2 . THR A 1 78  ? -8.186  8.301   -8.801  1.00 20.69  ? 118 THR A CG2 1 ? 
ATOM   534  N N   . ALA A 1 79  ? -7.329  11.149  -10.265 1.00 17.42  ? 119 ALA A N   1 ? 
ATOM   535  C CA  . ALA A 1 79  ? -6.140  11.934  -10.007 1.00 19.80  ? 119 ALA A CA  1 ? 
ATOM   536  C C   . ALA A 1 79  ? -5.584  11.589  -8.637  1.00 23.89  ? 119 ALA A C   1 ? 
ATOM   537  O O   . ALA A 1 79  ? -6.335  11.024  -7.813  1.00 20.03  ? 119 ALA A O   1 ? 
ATOM   538  C CB  . ALA A 1 79  ? -6.525  13.356  -10.089 1.00 20.42  ? 119 ALA A CB  1 ? 
ATOM   539  N N   . TYR A 1 80  ? -4.287  11.929  -8.420  1.00 20.23  ? 120 TYR A N   1 ? 
ATOM   540  C CA  . TYR A 1 80  ? -3.575  11.549  -7.199  1.00 19.36  ? 120 TYR A CA  1 ? 
ATOM   541  C C   . TYR A 1 80  ? -4.375  11.954  -5.954  1.00 21.58  ? 120 TYR A C   1 ? 
ATOM   542  O O   . TYR A 1 80  ? -4.535  11.174  -4.997  1.00 20.17  ? 120 TYR A O   1 ? 
ATOM   543  C CB  . TYR A 1 80  ? -2.153  12.114  -7.174  1.00 21.58  ? 120 TYR A CB  1 ? 
ATOM   544  C CG  . TYR A 1 80  ? -1.517  12.097  -5.786  1.00 22.79  ? 120 TYR A CG  1 ? 
ATOM   545  C CD1 . TYR A 1 80  ? -1.160  10.903  -5.179  1.00 24.38  ? 120 TYR A CD1 1 ? 
ATOM   546  C CD2 . TYR A 1 80  ? -1.354  13.257  -5.048  1.00 21.56  ? 120 TYR A CD2 1 ? 
ATOM   547  C CE1 . TYR A 1 80  ? -0.617  10.860  -3.908  1.00 21.95  ? 120 TYR A CE1 1 ? 
ATOM   548  C CE2 . TYR A 1 80  ? -0.855  13.240  -3.758  1.00 21.34  ? 120 TYR A CE2 1 ? 
ATOM   549  C CZ  . TYR A 1 80  ? -0.476  12.027  -3.188  1.00 22.12  ? 120 TYR A CZ  1 ? 
ATOM   550  O OH  . TYR A 1 80  ? 0.083   11.973  -1.951  1.00 21.56  ? 120 TYR A OH  1 ? 
ATOM   551  N N   . GLN A 1 81  ? -4.960  13.149  -5.962  1.00 21.25  ? 121 GLN A N   1 ? 
ATOM   552  C CA  . GLN A 1 81  ? -5.517  13.712  -4.740  1.00 21.89  ? 121 GLN A CA  1 ? 
ATOM   553  C C   . GLN A 1 81  ? -6.750  12.969  -4.271  1.00 22.11  ? 121 GLN A C   1 ? 
ATOM   554  O O   . GLN A 1 81  ? -7.083  13.083  -3.102  1.00 23.93  ? 121 GLN A O   1 ? 
ATOM   555  C CB  . GLN A 1 81  ? -5.936  15.170  -4.905  1.00 29.09  ? 121 GLN A CB  1 ? 
ATOM   556  C CG  . GLN A 1 81  ? -7.149  15.310  -5.818  1.00 32.17  ? 121 GLN A CG  1 ? 
ATOM   557  C CD  . GLN A 1 81  ? -7.717  16.709  -5.856  1.00 37.00  ? 121 GLN A CD  1 ? 
ATOM   558  O OE1 . GLN A 1 81  ? -6.987  17.706  -5.760  1.00 33.59  ? 121 GLN A OE1 1 ? 
ATOM   559  N NE2 . GLN A 1 81  ? -9.042  16.776  -5.957  1.00 34.70  ? 121 GLN A NE2 1 ? 
ATOM   560  N N   . SER A 1 82  ? -7.409  12.173  -5.129  1.00 21.70  ? 122 SER A N   1 ? 
ATOM   561  C CA  . SER A 1 82  ? -8.443  11.253  -4.686  1.00 22.65  ? 122 SER A CA  1 ? 
ATOM   562  C C   . SER A 1 82  ? -7.852  10.054  -3.964  1.00 23.94  ? 122 SER A C   1 ? 
ATOM   563  O O   . SER A 1 82  ? -8.432  9.591   -2.984  1.00 20.03  ? 122 SER A O   1 ? 
ATOM   564  C CB  . SER A 1 82  ? -9.276  10.749  -5.845  1.00 27.52  ? 122 SER A CB  1 ? 
ATOM   565  O OG  . SER A 1 82  ? -9.859  11.860  -6.511  1.00 30.44  ? 122 SER A OG  1 ? 
ATOM   566  N N   . PHE A 1 83  ? -6.755  9.492   -4.498  1.00 23.15  ? 123 PHE A N   1 ? 
ATOM   567  C CA  . PHE A 1 83  ? -6.073  8.442   -3.765  1.00 19.38  ? 123 PHE A CA  1 ? 
ATOM   568  C C   . PHE A 1 83  ? -5.653  8.995   -2.402  1.00 18.42  ? 123 PHE A C   1 ? 
ATOM   569  O O   . PHE A 1 83  ? -5.870  8.338   -1.401  1.00 18.70  ? 123 PHE A O   1 ? 
ATOM   570  C CB  . PHE A 1 83  ? -4.900  7.919   -4.593  1.00 20.59  ? 123 PHE A CB  1 ? 
ATOM   571  C CG  . PHE A 1 83  ? -3.994  6.885   -3.922  1.00 18.59  ? 123 PHE A CG  1 ? 
ATOM   572  C CD1 . PHE A 1 83  ? -4.305  5.541   -3.969  1.00 20.94  ? 123 PHE A CD1 1 ? 
ATOM   573  C CD2 . PHE A 1 83  ? -2.844  7.268   -3.253  1.00 19.23  ? 123 PHE A CD2 1 ? 
ATOM   574  C CE1 . PHE A 1 83  ? -3.473  4.602   -3.369  1.00 19.23  ? 123 PHE A CE1 1 ? 
ATOM   575  C CE2 . PHE A 1 83  ? -2.013  6.335   -2.667  1.00 20.31  ? 123 PHE A CE2 1 ? 
ATOM   576  C CZ  . PHE A 1 83  ? -2.339  5.003   -2.713  1.00 19.90  ? 123 PHE A CZ  1 ? 
ATOM   577  N N   . GLU A 1 84  ? -4.995  10.170  -2.363  1.00 18.83  ? 124 GLU A N   1 ? 
ATOM   578  C CA  . GLU A 1 84  ? -4.520  10.766  -1.116  1.00 18.64  ? 124 GLU A CA  1 ? 
ATOM   579  C C   . GLU A 1 84  ? -5.670  10.858  -0.110  1.00 20.45  ? 124 GLU A C   1 ? 
ATOM   580  O O   . GLU A 1 84  ? -5.529  10.521  1.078   1.00 22.10  ? 124 GLU A O   1 ? 
ATOM   581  C CB  . GLU A 1 84  ? -3.872  12.112  -1.430  1.00 18.75  ? 124 GLU A CB  1 ? 
ATOM   582  C CG  . GLU A 1 84  ? -3.324  12.870  -0.208  1.00 20.37  ? 124 GLU A CG  1 ? 
ATOM   583  C CD  . GLU A 1 84  ? -2.812  14.264  -0.546  1.00 21.63  ? 124 GLU A CD  1 ? 
ATOM   584  O OE1 . GLU A 1 84  ? -3.626  15.062  -1.076  1.00 24.01  ? 124 GLU A OE1 1 ? 
ATOM   585  O OE2 . GLU A 1 84  ? -1.643  14.551  -0.249  1.00 23.37  ? 124 GLU A OE2 1 ? 
ATOM   586  N N   . GLN A 1 85  ? -6.834  11.309  -0.587  1.00 19.28  ? 125 GLN A N   1 ? 
ATOM   587  C CA  . GLN A 1 85  ? -7.974  11.521  0.283   1.00 22.00  ? 125 GLN A CA  1 ? 
ATOM   588  C C   . GLN A 1 85  ? -8.428  10.212  0.909   1.00 20.88  ? 125 GLN A C   1 ? 
ATOM   589  O O   . GLN A 1 85  ? -8.751  10.121  2.095   1.00 19.58  ? 125 GLN A O   1 ? 
ATOM   590  C CB  . GLN A 1 85  ? -9.094  12.192  -0.525  1.00 23.52  ? 125 GLN A CB  1 ? 
ATOM   591  C CG  . GLN A 1 85  ? -10.155 12.821  0.359   1.00 29.96  ? 125 GLN A CG  1 ? 
ATOM   592  C CD  . GLN A 1 85  ? -11.184 13.567  -0.466  1.00 35.03  ? 125 GLN A CD  1 ? 
ATOM   593  O OE1 . GLN A 1 85  ? -11.030 13.816  -1.672  1.00 39.28  ? 125 GLN A OE1 1 ? 
ATOM   594  N NE2 . GLN A 1 85  ? -12.231 13.952  0.216   1.00 34.88  ? 125 GLN A NE2 1 ? 
ATOM   595  N N   . VAL A 1 86  ? -8.436  9.152   0.107   1.00 20.10  ? 126 VAL A N   1 ? 
ATOM   596  C CA  . VAL A 1 86  ? -8.819  7.845   0.574   1.00 20.96  ? 126 VAL A CA  1 ? 
ATOM   597  C C   . VAL A 1 86  ? -7.817  7.344   1.613   1.00 19.11  ? 126 VAL A C   1 ? 
ATOM   598  O O   . VAL A 1 86  ? -8.188  6.800   2.656   1.00 19.97  ? 126 VAL A O   1 ? 
ATOM   599  C CB  . VAL A 1 86  ? -8.973  6.899   -0.640  1.00 23.17  ? 126 VAL A CB  1 ? 
ATOM   600  C CG1 . VAL A 1 86  ? -9.114  5.464   -0.209  1.00 28.86  ? 126 VAL A CG1 1 ? 
ATOM   601  C CG2 . VAL A 1 86  ? -10.168 7.310   -1.486  1.00 25.14  ? 126 VAL A CG2 1 ? 
ATOM   602  N N   . VAL A 1 87  ? -6.537  7.458   1.310   1.00 18.62  ? 127 VAL A N   1 ? 
ATOM   603  C CA  . VAL A 1 87  ? -5.543  6.879   2.202   1.00 18.19  ? 127 VAL A CA  1 ? 
ATOM   604  C C   . VAL A 1 87  ? -5.479  7.666   3.513   1.00 19.11  ? 127 VAL A C   1 ? 
ATOM   605  O O   . VAL A 1 87  ? -5.120  7.114   4.560   1.00 19.28  ? 127 VAL A O   1 ? 
ATOM   606  C CB  . VAL A 1 87  ? -4.188  6.770   1.494   1.00 17.38  ? 127 VAL A CB  1 ? 
ATOM   607  C CG1 . VAL A 1 87  ? -3.085  6.294   2.415   1.00 18.67  ? 127 VAL A CG1 1 ? 
ATOM   608  C CG2 . VAL A 1 87  ? -4.306  5.809   0.330   1.00 18.63  ? 127 VAL A CG2 1 ? 
ATOM   609  N N   . ASN A 1 88  ? -5.787  8.964   3.442   1.00 17.54  ? 128 ASN A N   1 ? 
ATOM   610  C CA  . ASN A 1 88  ? -5.829  9.779   4.642   1.00 17.63  ? 128 ASN A CA  1 ? 
ATOM   611  C C   . ASN A 1 88  ? -6.786  9.148   5.654   1.00 17.58  ? 128 ASN A C   1 ? 
ATOM   612  O O   . ASN A 1 88  ? -6.559  9.288   6.848   1.00 18.85  ? 128 ASN A O   1 ? 
ATOM   613  C CB  . ASN A 1 88  ? -6.210  11.212  4.346   1.00 17.23  ? 128 ASN A CB  1 ? 
ATOM   614  C CG  . ASN A 1 88  ? -5.150  12.049  3.694   1.00 18.30  ? 128 ASN A CG  1 ? 
ATOM   615  O OD1 . ASN A 1 88  ? -3.941  11.720  3.694   1.00 19.53  ? 128 ASN A OD1 1 ? 
ATOM   616  N ND2 . ASN A 1 88  ? -5.600  13.152  3.109   1.00 17.70  ? 128 ASN A ND2 1 ? 
ATOM   617  N N   . GLU A 1 89  ? -7.882  8.504   5.204   1.00 18.62  ? 129 GLU A N   1 ? 
ATOM   618  C CA  . GLU A 1 89  ? -8.826  7.860   6.120   1.00 22.21  ? 129 GLU A CA  1 ? 
ATOM   619  C C   . GLU A 1 89  ? -8.182  6.654   6.821   1.00 23.11  ? 129 GLU A C   1 ? 
ATOM   620  O O   . GLU A 1 89  ? -8.430  6.391   7.995   1.00 20.90  ? 129 GLU A O   1 ? 
ATOM   621  C CB  . GLU A 1 89  ? -10.137 7.502   5.414   1.00 26.52  ? 129 GLU A CB  1 ? 
ATOM   622  C CG  . GLU A 1 89  ? -11.003 8.701   4.994   1.00 28.54  ? 129 GLU A CG  1 ? 
ATOM   623  C CD  . GLU A 1 89  ? -11.321 9.783   6.042   1.00 33.38  ? 129 GLU A CD  1 ? 
ATOM   624  O OE1 . GLU A 1 89  ? -11.464 9.314   7.187   1.00 35.57  ? 129 GLU A OE1 1 ? 
ATOM   625  O OE2 . GLU A 1 89  ? -11.400 11.043  5.777   1.00 28.59  ? 129 GLU A OE2 1 ? 
ATOM   626  N N   . LEU A 1 90  ? -7.273  5.956   6.139   1.00 24.31  ? 130 LEU A N   1 ? 
ATOM   627  C CA  . LEU A 1 90  ? -6.578  4.845   6.767   1.00 21.97  ? 130 LEU A CA  1 ? 
ATOM   628  C C   . LEU A 1 90  ? -5.733  5.334   7.938   1.00 22.42  ? 130 LEU A C   1 ? 
ATOM   629  O O   . LEU A 1 90  ? -5.653  4.649   8.945   1.00 24.43  ? 130 LEU A O   1 ? 
ATOM   630  C CB  . LEU A 1 90  ? -5.745  4.084   5.741   1.00 27.60  ? 130 LEU A CB  1 ? 
ATOM   631  C CG  . LEU A 1 90  ? -4.684  3.134   6.311   1.00 29.86  ? 130 LEU A CG  1 ? 
ATOM   632  C CD1 . LEU A 1 90  ? -5.279  2.067   7.211   1.00 32.20  ? 130 LEU A CD1 1 ? 
ATOM   633  C CD2 . LEU A 1 90  ? -4.014  2.514   5.116   1.00 32.76  ? 130 LEU A CD2 1 ? 
ATOM   634  N N   . PHE A 1 91  ? -5.079  6.494   7.798   1.00 18.52  ? 131 PHE A N   1 ? 
ATOM   635  C CA  . PHE A 1 91  ? -4.239  7.038   8.841   1.00 20.11  ? 131 PHE A CA  1 ? 
ATOM   636  C C   . PHE A 1 91  ? -4.953  8.088   9.695   1.00 21.92  ? 131 PHE A C   1 ? 
ATOM   637  O O   . PHE A 1 91  ? -4.306  8.924   10.336  1.00 23.73  ? 131 PHE A O   1 ? 
ATOM   638  C CB  . PHE A 1 91  ? -3.027  7.688   8.184   1.00 18.11  ? 131 PHE A CB  1 ? 
ATOM   639  C CG  . PHE A 1 91  ? -2.192  6.665   7.457   1.00 17.36  ? 131 PHE A CG  1 ? 
ATOM   640  C CD1 . PHE A 1 91  ? -1.400  5.792   8.195   1.00 18.13  ? 131 PHE A CD1 1 ? 
ATOM   641  C CD2 . PHE A 1 91  ? -2.224  6.547   6.080   1.00 17.22  ? 131 PHE A CD2 1 ? 
ATOM   642  C CE1 . PHE A 1 91  ? -0.656  4.819   7.590   1.00 17.37  ? 131 PHE A CE1 1 ? 
ATOM   643  C CE2 . PHE A 1 91  ? -1.419  5.611   5.465   1.00 18.64  ? 131 PHE A CE2 1 ? 
ATOM   644  C CZ  . PHE A 1 91  ? -0.660  4.737   6.216   1.00 18.57  ? 131 PHE A CZ  1 ? 
ATOM   645  N N   . ARG A 1 92  ? -6.266  8.014   9.761   1.00 22.13  ? 132 ARG A N   1 ? 
ATOM   646  C CA  A ARG A 1 92  ? -7.058  8.995   10.496  0.60 26.43  ? 132 ARG A CA  1 ? 
ATOM   647  C CA  B ARG A 1 92  ? -7.025  9.029   10.478  0.40 24.74  ? 132 ARG A CA  1 ? 
ATOM   648  C C   . ARG A 1 92  ? -6.595  9.116   11.945  1.00 28.00  ? 132 ARG A C   1 ? 
ATOM   649  O O   . ARG A 1 92  ? -6.532  10.215  12.477  1.00 28.23  ? 132 ARG A O   1 ? 
ATOM   650  C CB  A ARG A 1 92  ? -8.557  8.672   10.421  0.60 28.34  ? 132 ARG A CB  1 ? 
ATOM   651  C CB  B ARG A 1 92  ? -8.528  8.807   10.284  0.40 24.43  ? 132 ARG A CB  1 ? 
ATOM   652  C CG  A ARG A 1 92  ? -9.070  7.424   11.127  0.60 31.66  ? 132 ARG A CG  1 ? 
ATOM   653  C CG  B ARG A 1 92  ? -9.055  7.483   10.804  0.40 24.80  ? 132 ARG A CG  1 ? 
ATOM   654  C CD  A ARG A 1 92  ? -10.574 7.305   10.837  0.60 35.61  ? 132 ARG A CD  1 ? 
ATOM   655  C CD  B ARG A 1 92  ? -10.362 7.158   10.109  0.40 25.03  ? 132 ARG A CD  1 ? 
ATOM   656  N NE  A ARG A 1 92  ? -11.419 6.297   11.501  0.60 40.19  ? 132 ARG A NE  1 ? 
ATOM   657  N NE  B ARG A 1 92  ? -10.957 5.937   10.658  0.40 26.22  ? 132 ARG A NE  1 ? 
ATOM   658  C CZ  A ARG A 1 92  ? -11.602 6.010   12.808  0.60 36.12  ? 132 ARG A CZ  1 ? 
ATOM   659  C CZ  B ARG A 1 92  ? -10.984 4.783   10.046  0.40 26.98  ? 132 ARG A CZ  1 ? 
ATOM   660  N NH1 A ARG A 1 92  ? -12.543 5.138   13.137  0.60 33.60  ? 132 ARG A NH1 1 ? 
ATOM   661  N NH1 B ARG A 1 92  ? -11.662 3.781   10.571  0.40 29.54  ? 132 ARG A NH1 1 ? 
ATOM   662  N NH2 A ARG A 1 92  ? -10.877 6.578   13.758  0.60 27.07  ? 132 ARG A NH2 1 ? 
ATOM   663  N NH2 B ARG A 1 92  ? -10.345 4.646   8.903   0.40 26.02  ? 132 ARG A NH2 1 ? 
ATOM   664  N N   . ASP A 1 93  ? -6.268  7.987   12.597  1.00 25.06  ? 133 ASP A N   1 ? 
ATOM   665  C CA  . ASP A 1 93  ? -5.837  8.028   13.994  1.00 28.17  ? 133 ASP A CA  1 ? 
ATOM   666  C C   . ASP A 1 93  ? -4.315  8.108   14.150  1.00 30.54  ? 133 ASP A C   1 ? 
ATOM   667  O O   . ASP A 1 93  ? -3.799  7.942   15.249  1.00 31.83  ? 133 ASP A O   1 ? 
ATOM   668  C CB  . ASP A 1 93  ? -6.367  6.852   14.797  1.00 28.80  ? 133 ASP A CB  1 ? 
ATOM   669  C CG  . ASP A 1 93  ? -7.841  6.997   15.173  1.00 31.39  ? 133 ASP A CG  1 ? 
ATOM   670  O OD1 . ASP A 1 93  ? -8.306  8.133   15.280  1.00 31.57  ? 133 ASP A OD1 1 ? 
ATOM   671  O OD2 . ASP A 1 93  ? -8.544  5.982   15.236  1.00 36.24  ? 133 ASP A OD2 1 ? 
ATOM   672  N N   . GLY A 1 94  ? -3.609  8.401   13.061  1.00 26.37  ? 134 GLY A N   1 ? 
ATOM   673  C CA  . GLY A 1 94  ? -2.175  8.575   13.123  1.00 26.82  ? 134 GLY A CA  1 ? 
ATOM   674  C C   . GLY A 1 94  ? -1.493  7.441   12.369  1.00 24.27  ? 134 GLY A C   1 ? 
ATOM   675  O O   . GLY A 1 94  ? -2.132  6.491   11.924  1.00 24.44  ? 134 GLY A O   1 ? 
ATOM   676  N N   . VAL A 1 95  ? -0.186  7.551   12.259  1.00 22.12  ? 135 VAL A N   1 ? 
ATOM   677  C CA  . VAL A 1 95  ? 0.602   6.565   11.563  1.00 22.33  ? 135 VAL A CA  1 ? 
ATOM   678  C C   . VAL A 1 95  ? 1.123   5.596   12.614  1.00 20.80  ? 135 VAL A C   1 ? 
ATOM   679  O O   . VAL A 1 95  ? 1.463   6.010   13.712  1.00 26.45  ? 135 VAL A O   1 ? 
ATOM   680  C CB  . VAL A 1 95  ? 1.748   7.271   10.801  1.00 22.15  ? 135 VAL A CB  1 ? 
ATOM   681  C CG1 . VAL A 1 95  ? 2.558   6.276   9.992   1.00 22.02  ? 135 VAL A CG1 1 ? 
ATOM   682  C CG2 . VAL A 1 95  ? 1.260   8.442   9.931   1.00 25.07  ? 135 VAL A CG2 1 ? 
ATOM   683  N N   . ASN A 1 96  ? 1.230   4.316   12.260  1.00 22.51  ? 136 ASN A N   1 ? 
ATOM   684  C CA  . ASN A 1 96  ? 2.071   3.341   12.958  1.00 23.24  ? 136 ASN A CA  1 ? 
ATOM   685  C C   . ASN A 1 96  ? 2.528   2.306   11.935  1.00 21.14  ? 136 ASN A C   1 ? 
ATOM   686  O O   . ASN A 1 96  ? 2.052   2.368   10.796  1.00 17.17  ? 136 ASN A O   1 ? 
ATOM   687  C CB  . ASN A 1 96  ? 1.403   2.739   14.180  1.00 23.14  ? 136 ASN A CB  1 ? 
ATOM   688  C CG  . ASN A 1 96  ? 0.118   2.004   13.868  1.00 27.10  ? 136 ASN A CG  1 ? 
ATOM   689  O OD1 . ASN A 1 96  ? -0.023  1.375   12.829  1.00 23.14  ? 136 ASN A OD1 1 ? 
ATOM   690  N ND2 . ASN A 1 96  ? -0.842  2.059   14.770  1.00 29.33  ? 136 ASN A ND2 1 ? 
ATOM   691  N N   . TRP A 1 97  ? 3.365   1.327   12.340  1.00 17.43  ? 137 TRP A N   1 ? 
ATOM   692  C CA  . TRP A 1 97  ? 3.871   0.345   11.388  1.00 20.02  ? 137 TRP A CA  1 ? 
ATOM   693  C C   . TRP A 1 97  ? 2.766   -0.540  10.794  1.00 20.95  ? 137 TRP A C   1 ? 
ATOM   694  O O   . TRP A 1 97  ? 2.772   -0.792  9.595   1.00 20.50  ? 137 TRP A O   1 ? 
ATOM   695  C CB  . TRP A 1 97  ? 5.020   -0.483  11.974  1.00 22.75  ? 137 TRP A CB  1 ? 
ATOM   696  C CG  . TRP A 1 97  ? 6.275   0.309   12.200  1.00 20.76  ? 137 TRP A CG  1 ? 
ATOM   697  C CD1 . TRP A 1 97  ? 6.849   0.561   13.408  1.00 24.21  ? 137 TRP A CD1 1 ? 
ATOM   698  C CD2 . TRP A 1 97  ? 7.126   0.919   11.201  1.00 23.61  ? 137 TRP A CD2 1 ? 
ATOM   699  N NE1 . TRP A 1 97  ? 8.001   1.278   13.233  1.00 27.85  ? 137 TRP A NE1 1 ? 
ATOM   700  C CE2 . TRP A 1 97  ? 8.190   1.525   11.900  1.00 25.60  ? 137 TRP A CE2 1 ? 
ATOM   701  C CE3 . TRP A 1 97  ? 7.086   1.041   9.801   1.00 24.77  ? 137 TRP A CE3 1 ? 
ATOM   702  C CZ2 . TRP A 1 97  ? 9.201   2.222   11.252  1.00 25.98  ? 137 TRP A CZ2 1 ? 
ATOM   703  C CZ3 . TRP A 1 97  ? 8.117   1.705   9.161   1.00 24.78  ? 137 TRP A CZ3 1 ? 
ATOM   704  C CH2 . TRP A 1 97  ? 9.140   2.308   9.882   1.00 22.97  ? 137 TRP A CH2 1 ? 
ATOM   705  N N   . GLY A 1 98  ? 1.795   -0.950  11.598  1.00 17.45  ? 138 GLY A N   1 ? 
ATOM   706  C CA  . GLY A 1 98  ? 0.655   -1.773  11.184  1.00 19.05  ? 138 GLY A CA  1 ? 
ATOM   707  C C   . GLY A 1 98  ? -0.189  -1.090  10.107  1.00 17.14  ? 138 GLY A C   1 ? 
ATOM   708  O O   . GLY A 1 98  ? -0.524  -1.701  9.102   1.00 18.98  ? 138 GLY A O   1 ? 
ATOM   709  N N   . ARG A 1 99  ? -0.389  0.221   10.216  1.00 16.58  ? 139 ARG A N   1 ? 
ATOM   710  C CA  . ARG A 1 99  ? -1.137  0.937   9.210   1.00 17.24  ? 139 ARG A CA  1 ? 
ATOM   711  C C   . ARG A 1 99  ? -0.300  1.168   7.957   1.00 16.86  ? 139 ARG A C   1 ? 
ATOM   712  O O   . ARG A 1 99  ? -0.874  1.224   6.898   1.00 15.70  ? 139 ARG A O   1 ? 
ATOM   713  C CB  . ARG A 1 99  ? -1.734  2.227   9.764   1.00 20.55  ? 139 ARG A CB  1 ? 
ATOM   714  C CG  . ARG A 1 99  ? -2.774  1.943   10.830  1.00 24.39  ? 139 ARG A CG  1 ? 
ATOM   715  C CD  . ARG A 1 99  ? -3.275  3.281   11.405  1.00 30.44  ? 139 ARG A CD  1 ? 
ATOM   716  N NE  . ARG A 1 99  ? -4.123  3.087   12.573  1.00 32.54  ? 139 ARG A NE  1 ? 
ATOM   717  C CZ  . ARG A 1 99  ? -3.823  3.475   13.802  1.00 38.64  ? 139 ARG A CZ  1 ? 
ATOM   718  N NH1 . ARG A 1 99  ? -2.980  4.465   14.053  1.00 39.48  ? 139 ARG A NH1 1 ? 
ATOM   719  N NH2 . ARG A 1 99  ? -4.444  2.912   14.801  1.00 43.82  ? 139 ARG A NH2 1 ? 
ATOM   720  N N   . ILE A 1 100 ? 1.028   1.378   8.082   1.00 17.69  ? 140 ILE A N   1 ? 
ATOM   721  C CA  . ILE A 1 100 ? 1.907   1.407   6.933   1.00 17.91  ? 140 ILE A CA  1 ? 
ATOM   722  C C   . ILE A 1 100 ? 1.819   0.069   6.179   1.00 20.30  ? 140 ILE A C   1 ? 
ATOM   723  O O   . ILE A 1 100 ? 1.684   0.051   4.958   1.00 17.79  ? 140 ILE A O   1 ? 
ATOM   724  C CB  . ILE A 1 100 ? 3.348   1.801   7.323   1.00 16.80  ? 140 ILE A CB  1 ? 
ATOM   725  C CG1 . ILE A 1 100 ? 3.388   3.281   7.756   1.00 17.34  ? 140 ILE A CG1 1 ? 
ATOM   726  C CG2 . ILE A 1 100 ? 4.277   1.549   6.156   1.00 16.51  ? 140 ILE A CG2 1 ? 
ATOM   727  C CD1 . ILE A 1 100 ? 4.713   3.760   8.317   1.00 18.92  ? 140 ILE A CD1 1 ? 
ATOM   728  N N   . VAL A 1 101 ? 1.841   -1.060  6.886   1.00 20.38  ? 141 VAL A N   1 ? 
ATOM   729  C CA  . VAL A 1 101 ? 1.648   -2.345  6.215   1.00 20.89  ? 141 VAL A CA  1 ? 
ATOM   730  C C   . VAL A 1 101 ? 0.290   -2.386  5.515   1.00 19.78  ? 141 VAL A C   1 ? 
ATOM   731  O O   . VAL A 1 101 ? 0.182   -2.865  4.383   1.00 20.63  ? 141 VAL A O   1 ? 
ATOM   732  C CB  . VAL A 1 101 ? 1.816   -3.551  7.151   1.00 22.23  ? 141 VAL A CB  1 ? 
ATOM   733  C CG1 . VAL A 1 101 ? 1.527   -4.849  6.405   1.00 24.05  ? 141 VAL A CG1 1 ? 
ATOM   734  C CG2 . VAL A 1 101 ? 3.191   -3.559  7.791   1.00 20.16  ? 141 VAL A CG2 1 ? 
ATOM   735  N N   . ALA A 1 102 ? -0.743  -1.894  6.182   1.00 18.58  ? 142 ALA A N   1 ? 
ATOM   736  C CA  . ALA A 1 102 ? -2.086  -1.889  5.600   1.00 18.17  ? 142 ALA A CA  1 ? 
ATOM   737  C C   . ALA A 1 102 ? -2.130  -1.070  4.298   1.00 19.11  ? 142 ALA A C   1 ? 
ATOM   738  O O   . ALA A 1 102 ? -2.872  -1.379  3.332   1.00 16.11  ? 142 ALA A O   1 ? 
ATOM   739  C CB  . ALA A 1 102 ? -3.026  -1.322  6.625   1.00 16.89  ? 142 ALA A CB  1 ? 
ATOM   740  N N   . PHE A 1 103 ? -1.363  0.027   4.303   1.00 18.21  ? 143 PHE A N   1 ? 
ATOM   741  C CA  . PHE A 1 103 ? -1.249  0.921   3.157   1.00 17.91  ? 143 PHE A CA  1 ? 
ATOM   742  C C   . PHE A 1 103 ? -0.677  0.176   1.948   1.00 18.46  ? 143 PHE A C   1 ? 
ATOM   743  O O   . PHE A 1 103 ? -1.200  0.248   0.840   1.00 16.93  ? 143 PHE A O   1 ? 
ATOM   744  C CB  . PHE A 1 103 ? -0.389  2.111   3.598   1.00 17.80  ? 143 PHE A CB  1 ? 
ATOM   745  C CG  . PHE A 1 103 ? 0.232   2.906   2.459   1.00 17.69  ? 143 PHE A CG  1 ? 
ATOM   746  C CD1 . PHE A 1 103 ? -0.532  3.807   1.733   1.00 18.38  ? 143 PHE A CD1 1 ? 
ATOM   747  C CD2 . PHE A 1 103 ? 1.563   2.741   2.109   1.00 17.56  ? 143 PHE A CD2 1 ? 
ATOM   748  C CE1 . PHE A 1 103 ? 0.048   4.548   0.726   1.00 18.87  ? 143 PHE A CE1 1 ? 
ATOM   749  C CE2 . PHE A 1 103 ? 2.123   3.443   1.062   1.00 17.53  ? 143 PHE A CE2 1 ? 
ATOM   750  C CZ  . PHE A 1 103 ? 1.370   4.362   0.389   1.00 19.07  ? 143 PHE A CZ  1 ? 
ATOM   751  N N   . PHE A 1 104 ? 0.442   -0.511  2.171   1.00 18.03  ? 144 PHE A N   1 ? 
ATOM   752  C CA  . PHE A 1 104 ? 1.062   -1.316  1.113   1.00 19.80  ? 144 PHE A CA  1 ? 
ATOM   753  C C   . PHE A 1 104 ? 0.087   -2.386  0.619   1.00 19.42  ? 144 PHE A C   1 ? 
ATOM   754  O O   . PHE A 1 104 ? -0.092  -2.560  -0.588  1.00 20.88  ? 144 PHE A O   1 ? 
ATOM   755  C CB  . PHE A 1 104 ? 2.340   -1.920  1.698   1.00 18.37  ? 144 PHE A CB  1 ? 
ATOM   756  C CG  . PHE A 1 104 ? 3.532   -0.985  1.543   1.00 19.88  ? 144 PHE A CG  1 ? 
ATOM   757  C CD1 . PHE A 1 104 ? 4.217   -0.930  0.336   1.00 18.58  ? 144 PHE A CD1 1 ? 
ATOM   758  C CD2 . PHE A 1 104 ? 3.955   -0.154  2.581   1.00 19.50  ? 144 PHE A CD2 1 ? 
ATOM   759  C CE1 . PHE A 1 104 ? 5.316   -0.093  0.205   1.00 18.55  ? 144 PHE A CE1 1 ? 
ATOM   760  C CE2 . PHE A 1 104 ? 5.055   0.680   2.432   1.00 17.01  ? 144 PHE A CE2 1 ? 
ATOM   761  C CZ  . PHE A 1 104 ? 5.704   0.726   1.248   1.00 18.10  ? 144 PHE A CZ  1 ? 
ATOM   762  N N   . SER A 1 105 ? -0.586  -3.068  1.566   1.00 18.33  ? 145 SER A N   1 ? 
ATOM   763  C CA  . SER A 1 105 ? -1.503  -4.132  1.206   1.00 20.71  ? 145 SER A CA  1 ? 
ATOM   764  C C   . SER A 1 105 ? -2.681  -3.594  0.410   1.00 19.62  ? 145 SER A C   1 ? 
ATOM   765  O O   . SER A 1 105 ? -3.127  -4.261  -0.513  1.00 19.89  ? 145 SER A O   1 ? 
ATOM   766  C CB  . SER A 1 105 ? -2.000  -4.881  2.423   1.00 24.77  ? 145 SER A CB  1 ? 
ATOM   767  O OG  . SER A 1 105 ? -0.890  -5.410  3.135   1.00 33.32  ? 145 SER A OG  1 ? 
ATOM   768  N N   . PHE A 1 106 ? -3.211  -2.428  0.812   1.00 18.51  ? 146 PHE A N   1 ? 
ATOM   769  C CA  . PHE A 1 106 ? -4.229  -1.746  0.034   1.00 18.59  ? 146 PHE A CA  1 ? 
ATOM   770  C C   . PHE A 1 106 ? -3.798  -1.470  -1.406  1.00 18.04  ? 146 PHE A C   1 ? 
ATOM   771  O O   . PHE A 1 106 ? -4.520  -1.762  -2.368  1.00 19.46  ? 146 PHE A O   1 ? 
ATOM   772  C CB  . PHE A 1 106 ? -4.626  -0.513  0.846   1.00 20.55  ? 146 PHE A CB  1 ? 
ATOM   773  C CG  . PHE A 1 106 ? -5.508  0.448   0.078   1.00 19.68  ? 146 PHE A CG  1 ? 
ATOM   774  C CD1 . PHE A 1 106 ? -6.811  0.119   -0.211  1.00 21.48  ? 146 PHE A CD1 1 ? 
ATOM   775  C CD2 . PHE A 1 106 ? -5.033  1.689   -0.315  1.00 20.41  ? 146 PHE A CD2 1 ? 
ATOM   776  C CE1 . PHE A 1 106 ? -7.630  1.001   -0.908  1.00 24.46  ? 146 PHE A CE1 1 ? 
ATOM   777  C CE2 . PHE A 1 106 ? -5.849  2.561   -1.032  1.00 21.76  ? 146 PHE A CE2 1 ? 
ATOM   778  C CZ  . PHE A 1 106 ? -7.136  2.204   -1.335  1.00 24.78  ? 146 PHE A CZ  1 ? 
ATOM   779  N N   . GLY A 1 107 ? -2.638  -0.863  -1.568  1.00 19.22  ? 147 GLY A N   1 ? 
ATOM   780  C CA  . GLY A 1 107 ? -2.113  -0.582  -2.886  1.00 19.10  ? 147 GLY A CA  1 ? 
ATOM   781  C C   . GLY A 1 107 ? -1.975  -1.840  -3.717  1.00 19.69  ? 147 GLY A C   1 ? 
ATOM   782  O O   . GLY A 1 107 ? -2.268  -1.827  -4.901  1.00 20.61  ? 147 GLY A O   1 ? 
ATOM   783  N N   . GLY A 1 108 ? -1.495  -2.919  -3.096  1.00 19.24  ? 148 GLY A N   1 ? 
ATOM   784  C CA  . GLY A 1 108 ? -1.355  -4.175  -3.794  1.00 19.04  ? 148 GLY A CA  1 ? 
ATOM   785  C C   . GLY A 1 108 ? -2.689  -4.705  -4.269  1.00 18.63  ? 148 GLY A C   1 ? 
ATOM   786  O O   . GLY A 1 108 ? -2.791  -5.175  -5.390  1.00 21.31  ? 148 GLY A O   1 ? 
ATOM   787  N N   . ALA A 1 109 ? -3.697  -4.603  -3.414  1.00 18.61  ? 149 ALA A N   1 ? 
ATOM   788  C CA  . ALA A 1 109 ? -5.042  -5.057  -3.721  1.00 20.93  ? 149 ALA A CA  1 ? 
ATOM   789  C C   . ALA A 1 109 ? -5.642  -4.235  -4.855  1.00 21.75  ? 149 ALA A C   1 ? 
ATOM   790  O O   . ALA A 1 109 ? -6.365  -4.761  -5.692  1.00 21.31  ? 149 ALA A O   1 ? 
ATOM   791  C CB  . ALA A 1 109 ? -5.915  -4.917  -2.482  1.00 20.97  ? 149 ALA A CB  1 ? 
ATOM   792  N N   . LEU A 1 110 ? -5.384  -2.918  -4.833  1.00 21.74  ? 150 LEU A N   1 ? 
ATOM   793  C CA  . LEU A 1 110 ? -5.840  -2.026  -5.890  1.00 23.08  ? 150 LEU A CA  1 ? 
ATOM   794  C C   . LEU A 1 110 ? -5.182  -2.411  -7.223  1.00 20.25  ? 150 LEU A C   1 ? 
ATOM   795  O O   . LEU A 1 110 ? -5.839  -2.378  -8.266  1.00 19.86  ? 150 LEU A O   1 ? 
ATOM   796  C CB  . LEU A 1 110 ? -5.464  -0.611  -5.455  1.00 25.45  ? 150 LEU A CB  1 ? 
ATOM   797  C CG  . LEU A 1 110 ? -6.431  0.531   -5.763  1.00 30.52  ? 150 LEU A CG  1 ? 
ATOM   798  C CD1 . LEU A 1 110 ? -7.826  0.271   -5.264  1.00 30.03  ? 150 LEU A CD1 1 ? 
ATOM   799  C CD2 . LEU A 1 110 ? -5.824  1.775   -5.054  1.00 28.66  ? 150 LEU A CD2 1 ? 
ATOM   800  N N   . CYS A 1 111 ? -3.880  -2.737  -7.193  1.00 19.41  ? 151 CYS A N   1 ? 
ATOM   801  C CA  . CYS A 1 111 ? -3.163  -3.133  -8.405  1.00 21.48  ? 151 CYS A CA  1 ? 
ATOM   802  C C   . CYS A 1 111 ? -3.720  -4.412  -9.015  1.00 23.63  ? 151 CYS A C   1 ? 
ATOM   803  O O   . CYS A 1 111 ? -3.994  -4.470  -10.220 1.00 21.16  ? 151 CYS A O   1 ? 
ATOM   804  C CB  . CYS A 1 111 ? -1.667  -3.266  -8.191  1.00 24.22  ? 151 CYS A CB  1 ? 
ATOM   805  S SG  . CYS A 1 111 ? -0.911  -1.632  -8.065  1.00 25.85  ? 151 CYS A SG  1 ? 
ATOM   806  N N   . VAL A 1 112 ? -3.935  -5.411  -8.164  1.00 22.60  ? 152 VAL A N   1 ? 
ATOM   807  C CA  . VAL A 1 112 ? -4.446  -6.698  -8.615  1.00 23.83  ? 152 VAL A CA  1 ? 
ATOM   808  C C   . VAL A 1 112 ? -5.840  -6.531  -9.178  1.00 24.95  ? 152 VAL A C   1 ? 
ATOM   809  O O   . VAL A 1 112 ? -6.174  -7.066  -10.239 1.00 28.95  ? 152 VAL A O   1 ? 
ATOM   810  C CB  . VAL A 1 112 ? -4.453  -7.747  -7.486  1.00 25.12  ? 152 VAL A CB  1 ? 
ATOM   811  C CG1 . VAL A 1 112 ? -5.162  -9.021  -7.933  1.00 29.23  ? 152 VAL A CG1 1 ? 
ATOM   812  C CG2 . VAL A 1 112 ? -3.037  -8.043  -7.031  1.00 22.93  ? 152 VAL A CG2 1 ? 
ATOM   813  N N   . GLU A 1 113 ? -6.665  -5.802  -8.448  1.00 23.10  ? 153 GLU A N   1 ? 
ATOM   814  C CA  . GLU A 1 113 ? -8.016  -5.572  -8.906  1.00 27.11  ? 153 GLU A CA  1 ? 
ATOM   815  C C   . GLU A 1 113 ? -8.021  -4.834  -10.243 1.00 27.69  ? 153 GLU A C   1 ? 
ATOM   816  O O   . GLU A 1 113 ? -8.831  -5.122  -11.117 1.00 23.86  ? 153 GLU A O   1 ? 
ATOM   817  C CB  . GLU A 1 113 ? -8.717  -4.783  -7.819  1.00 31.55  ? 153 GLU A CB  1 ? 
ATOM   818  C CG  . GLU A 1 113 ? -10.214 -4.781  -8.023  1.00 39.03  ? 153 GLU A CG  1 ? 
ATOM   819  C CD  . GLU A 1 113 ? -10.954 -4.139  -6.872  1.00 47.53  ? 153 GLU A CD  1 ? 
ATOM   820  O OE1 . GLU A 1 113 ? -10.736 -4.514  -5.694  1.00 48.00  ? 153 GLU A OE1 1 ? 
ATOM   821  O OE2 . GLU A 1 113 ? -11.793 -3.278  -7.210  1.00 50.10  ? 153 GLU A OE2 1 ? 
ATOM   822  N N   . SER A 1 114 ? -7.128  -3.858  -10.397 1.00 24.96  ? 154 SER A N   1 ? 
ATOM   823  C CA  . SER A 1 114 ? -7.029  -3.086  -11.633 1.00 24.69  ? 154 SER A CA  1 ? 
ATOM   824  C C   . SER A 1 114 ? -6.691  -3.997  -12.801 1.00 25.19  ? 154 SER A C   1 ? 
ATOM   825  O O   . SER A 1 114 ? -7.229  -3.839  -13.892 1.00 26.17  ? 154 SER A O   1 ? 
ATOM   826  C CB  . SER A 1 114 ? -5.972  -1.994  -11.503 1.00 23.19  ? 154 SER A CB  1 ? 
ATOM   827  O OG  . SER A 1 114 ? -6.422  -1.065  -10.526 1.00 23.08  ? 154 SER A OG  1 ? 
ATOM   828  N N   . VAL A 1 115 ? -5.755  -4.921  -12.576 1.00 23.64  ? 155 VAL A N   1 ? 
ATOM   829  C CA  . VAL A 1 115 ? -5.385  -5.834  -13.639 1.00 26.59  ? 155 VAL A CA  1 ? 
ATOM   830  C C   . VAL A 1 115 ? -6.571  -6.753  -13.946 1.00 30.62  ? 155 VAL A C   1 ? 
ATOM   831  O O   . VAL A 1 115 ? -6.971  -6.839  -15.110 1.00 32.28  ? 155 VAL A O   1 ? 
ATOM   832  C CB  . VAL A 1 115 ? -4.081  -6.581  -13.311 1.00 26.30  ? 155 VAL A CB  1 ? 
ATOM   833  C CG1 . VAL A 1 115 ? -3.740  -7.642  -14.343 1.00 32.06  ? 155 VAL A CG1 1 ? 
ATOM   834  C CG2 . VAL A 1 115 ? -2.942  -5.595  -13.238 1.00 24.87  ? 155 VAL A CG2 1 ? 
ATOM   835  N N   . ASP A 1 116 ? -7.177  -7.346  -12.904 1.00 28.33  ? 156 ASP A N   1 ? 
ATOM   836  C CA  . ASP A 1 116 ? -8.362  -8.181  -13.042 1.00 34.80  ? 156 ASP A CA  1 ? 
ATOM   837  C C   . ASP A 1 116 ? -9.451  -7.496  -13.864 1.00 34.08  ? 156 ASP A C   1 ? 
ATOM   838  O O   . ASP A 1 116 ? -10.059 -8.157  -14.687 1.00 36.91  ? 156 ASP A O   1 ? 
ATOM   839  C CB  . ASP A 1 116 ? -9.016  -8.552  -11.718 1.00 39.78  ? 156 ASP A CB  1 ? 
ATOM   840  C CG  . ASP A 1 116 ? -8.301  -9.550  -10.816 1.00 50.31  ? 156 ASP A CG  1 ? 
ATOM   841  O OD1 . ASP A 1 116 ? -7.119  -9.874  -11.061 1.00 55.67  ? 156 ASP A OD1 1 ? 
ATOM   842  O OD2 . ASP A 1 116 ? -8.945  -10.000 -9.842  1.00 65.56  ? 156 ASP A OD2 1 ? 
ATOM   843  N N   . LYS A 1 117 ? -9.673  -6.185  -13.683 1.00 33.81  ? 157 LYS A N   1 ? 
ATOM   844  C CA  . LYS A 1 117 ? -10.752 -5.457  -14.345 1.00 31.82  ? 157 LYS A CA  1 ? 
ATOM   845  C C   . LYS A 1 117 ? -10.342 -4.800  -15.666 1.00 31.51  ? 157 LYS A C   1 ? 
ATOM   846  O O   . LYS A 1 117 ? -11.076 -3.951  -16.156 1.00 28.52  ? 157 LYS A O   1 ? 
ATOM   847  C CB  . LYS A 1 117 ? -11.372 -4.373  -13.459 1.00 35.78  ? 157 LYS A CB  1 ? 
ATOM   848  C CG  . LYS A 1 117 ? -12.195 -4.987  -12.347 1.00 42.48  ? 157 LYS A CG  1 ? 
ATOM   849  C CD  . LYS A 1 117 ? -12.464 -4.066  -11.177 1.00 48.53  ? 157 LYS A CD  1 ? 
ATOM   850  C CE  . LYS A 1 117 ? -12.847 -4.868  -9.965  1.00 55.26  ? 157 LYS A CE  1 ? 
ATOM   851  N NZ  . LYS A 1 117 ? -14.106 -5.594  -10.139 1.00 56.26  ? 157 LYS A NZ  1 ? 
ATOM   852  N N   . GLU A 1 118 ? -9.166  -5.145  -16.195 1.00 31.97  ? 158 GLU A N   1 ? 
ATOM   853  C CA  . GLU A 1 118 ? -8.662  -4.648  -17.468 1.00 34.17  ? 158 GLU A CA  1 ? 
ATOM   854  C C   . GLU A 1 118 ? -8.469  -3.138  -17.431 1.00 33.06  ? 158 GLU A C   1 ? 
ATOM   855  O O   . GLU A 1 118 ? -8.758  -2.451  -18.405 1.00 26.82  ? 158 GLU A O   1 ? 
ATOM   856  C CB  . GLU A 1 118 ? -9.575  -5.134  -18.597 1.00 43.29  ? 158 GLU A CB  1 ? 
ATOM   857  C CG  . GLU A 1 118 ? -9.648  -6.658  -18.666 1.00 43.89  ? 158 GLU A CG  1 ? 
ATOM   858  C CD  . GLU A 1 118 ? -10.506 -7.197  -19.805 1.00 57.73  ? 158 GLU A CD  1 ? 
ATOM   859  O OE1 . GLU A 1 118 ? -11.241 -6.412  -20.460 1.00 61.24  ? 158 GLU A OE1 1 ? 
ATOM   860  O OE2 . GLU A 1 118 ? -10.420 -8.418  -20.052 1.00 63.89  ? 158 GLU A OE2 1 ? 
ATOM   861  N N   . MET A 1 119 ? -7.918  -2.646  -16.310 1.00 28.90  ? 159 MET A N   1 ? 
ATOM   862  C CA  A MET A 1 119 ? -7.549  -1.253  -16.133 0.60 29.16  ? 159 MET A CA  1 ? 
ATOM   863  C CA  B MET A 1 119 ? -7.548  -1.250  -16.149 0.40 26.89  ? 159 MET A CA  1 ? 
ATOM   864  C C   . MET A 1 119 ? -6.070  -1.199  -15.768 1.00 27.33  ? 159 MET A C   1 ? 
ATOM   865  O O   . MET A 1 119 ? -5.678  -0.544  -14.804 1.00 24.42  ? 159 MET A O   1 ? 
ATOM   866  C CB  A MET A 1 119 ? -8.300  -0.618  -14.957 0.60 33.44  ? 159 MET A CB  1 ? 
ATOM   867  C CB  B MET A 1 119 ? -8.384  -0.577  -15.051 0.40 26.59  ? 159 MET A CB  1 ? 
ATOM   868  C CG  A MET A 1 119 ? -9.701  -0.171  -15.239 0.60 38.00  ? 159 MET A CG  1 ? 
ATOM   869  C CG  B MET A 1 119 ? -9.873  -0.562  -15.313 0.40 26.64  ? 159 MET A CG  1 ? 
ATOM   870  S SD  A MET A 1 119 ? -10.315 0.736   -13.808 0.60 46.93  ? 159 MET A SD  1 ? 
ATOM   871  S SD  B MET A 1 119 ? -10.787 0.448   -14.129 0.40 25.50  ? 159 MET A SD  1 ? 
ATOM   872  C CE  A MET A 1 119 ? -12.005 1.083   -14.318 0.60 49.02  ? 159 MET A CE  1 ? 
ATOM   873  C CE  B MET A 1 119 ? -10.425 -0.438  -12.602 0.40 23.98  ? 159 MET A CE  1 ? 
ATOM   874  N N   . GLN A 1 120 ? -5.255  -1.928  -16.530 1.00 26.70  ? 160 GLN A N   1 ? 
ATOM   875  C CA  . GLN A 1 120 ? -3.852  -2.136  -16.222 1.00 28.38  ? 160 GLN A CA  1 ? 
ATOM   876  C C   . GLN A 1 120 ? -3.080  -0.818  -16.187 1.00 24.20  ? 160 GLN A C   1 ? 
ATOM   877  O O   . GLN A 1 120 ? -1.983  -0.749  -15.630 1.00 23.26  ? 160 GLN A O   1 ? 
ATOM   878  C CB  . GLN A 1 120 ? -3.164  -2.919  -17.342 1.00 35.49  ? 160 GLN A CB  1 ? 
ATOM   879  C CG  . GLN A 1 120 ? -3.640  -4.359  -17.478 1.00 46.53  ? 160 GLN A CG  1 ? 
ATOM   880  C CD  . GLN A 1 120 ? -4.935  -4.582  -18.248 1.00 49.01  ? 160 GLN A CD  1 ? 
ATOM   881  O OE1 . GLN A 1 120 ? -5.661  -3.663  -18.695 1.00 38.44  ? 160 GLN A OE1 1 ? 
ATOM   882  N NE2 . GLN A 1 120 ? -5.205  -5.872  -18.410 1.00 51.87  ? 160 GLN A NE2 1 ? 
ATOM   883  N N   . VAL A 1 121 ? -3.602  0.188   -16.877 1.00 21.91  ? 161 VAL A N   1 ? 
ATOM   884  C CA  . VAL A 1 121 ? -3.000  1.512   -16.867 1.00 22.95  ? 161 VAL A CA  1 ? 
ATOM   885  C C   . VAL A 1 121 ? -2.804  1.995   -15.430 1.00 20.96  ? 161 VAL A C   1 ? 
ATOM   886  O O   . VAL A 1 121 ? -1.923  2.810   -15.137 1.00 19.84  ? 161 VAL A O   1 ? 
ATOM   887  C CB  . VAL A 1 121 ? -3.833  2.541   -17.660 1.00 25.29  ? 161 VAL A CB  1 ? 
ATOM   888  C CG1 . VAL A 1 121 ? -5.223  2.764   -17.080 1.00 25.67  ? 161 VAL A CG1 1 ? 
ATOM   889  C CG2 . VAL A 1 121 ? -3.075  3.867   -17.764 1.00 24.76  ? 161 VAL A CG2 1 ? 
ATOM   890  N N   . LEU A 1 122 ? -3.687  1.559   -14.526 1.00 20.53  ? 162 LEU A N   1 ? 
ATOM   891  C CA  . LEU A 1 122 ? -3.652  2.063   -13.161 1.00 21.34  ? 162 LEU A CA  1 ? 
ATOM   892  C C   . LEU A 1 122 ? -2.444  1.573   -12.380 1.00 18.84  ? 162 LEU A C   1 ? 
ATOM   893  O O   . LEU A 1 122 ? -2.145  2.159   -11.348 1.00 19.46  ? 162 LEU A O   1 ? 
ATOM   894  C CB  . LEU A 1 122 ? -4.915  1.688   -12.404 1.00 19.62  ? 162 LEU A CB  1 ? 
ATOM   895  C CG  . LEU A 1 122 ? -6.220  2.288   -12.911 1.00 24.39  ? 162 LEU A CG  1 ? 
ATOM   896  C CD1 . LEU A 1 122 ? -7.356  1.855   -12.037 1.00 25.61  ? 162 LEU A CD1 1 ? 
ATOM   897  C CD2 . LEU A 1 122 ? -6.147  3.758   -12.978 1.00 27.68  ? 162 LEU A CD2 1 ? 
ATOM   898  N N   . VAL A 1 123 ? -1.810  0.472   -12.781 1.00 19.11  ? 163 VAL A N   1 ? 
ATOM   899  C CA  . VAL A 1 123 ? -0.755  -0.108  -11.954 1.00 20.34  ? 163 VAL A CA  1 ? 
ATOM   900  C C   . VAL A 1 123 ? 0.420   0.866   -11.753 1.00 22.66  ? 163 VAL A C   1 ? 
ATOM   901  O O   . VAL A 1 123 ? 0.899   1.075   -10.625 1.00 20.69  ? 163 VAL A O   1 ? 
ATOM   902  C CB  . VAL A 1 123 ? -0.262  -1.444  -12.556 1.00 22.58  ? 163 VAL A CB  1 ? 
ATOM   903  C CG1 . VAL A 1 123 ? 1.006   -1.959  -11.882 1.00 23.97  ? 163 VAL A CG1 1 ? 
ATOM   904  C CG2 . VAL A 1 123 ? -1.335  -2.529  -12.561 1.00 26.32  ? 163 VAL A CG2 1 ? 
ATOM   905  N N   A SER A 1 124 ? 0.894   1.470   -12.859 0.50 20.21  ? 164 SER A N   1 ? 
ATOM   906  N N   B SER A 1 124 ? 0.917   1.448   -12.845 0.50 19.93  ? 164 SER A N   1 ? 
ATOM   907  C CA  A SER A 1 124 ? 1.994   2.422   -12.813 0.50 20.40  ? 164 SER A CA  1 ? 
ATOM   908  C CA  B SER A 1 124 ? 2.017   2.378   -12.709 0.50 20.00  ? 164 SER A CA  1 ? 
ATOM   909  C C   A SER A 1 124 ? 1.600   3.706   -12.070 0.50 19.28  ? 164 SER A C   1 ? 
ATOM   910  C C   B SER A 1 124 ? 1.577   3.649   -11.962 0.50 18.76  ? 164 SER A C   1 ? 
ATOM   911  O O   A SER A 1 124 ? 2.437   4.360   -11.452 0.50 19.09  ? 164 SER A O   1 ? 
ATOM   912  O O   B SER A 1 124 ? 2.335   4.182   -11.155 0.50 17.46  ? 164 SER A O   1 ? 
ATOM   913  C CB  A SER A 1 124 ? 2.505   2.745   -14.209 0.50 21.84  ? 164 SER A CB  1 ? 
ATOM   914  C CB  B SER A 1 124 ? 2.657   2.660   -14.042 0.50 21.21  ? 164 SER A CB  1 ? 
ATOM   915  O OG  A SER A 1 124 ? 1.844   3.898   -14.723 0.50 23.33  ? 164 SER A OG  1 ? 
ATOM   916  O OG  B SER A 1 124 ? 3.742   3.547   -13.851 0.50 23.31  ? 164 SER A OG  1 ? 
ATOM   917  N N   . ARG A 1 125 ? 0.330   4.084   -12.146 1.00 17.12  ? 165 ARG A N   1 ? 
ATOM   918  C CA  . ARG A 1 125 ? -0.158  5.257   -11.464 1.00 18.89  ? 165 ARG A CA  1 ? 
ATOM   919  C C   . ARG A 1 125 ? -0.267  5.006   -9.965  1.00 18.28  ? 165 ARG A C   1 ? 
ATOM   920  O O   . ARG A 1 125 ? 0.192   5.844   -9.187  1.00 19.14  ? 165 ARG A O   1 ? 
ATOM   921  C CB  . ARG A 1 125 ? -1.537  5.614   -11.992 1.00 21.97  ? 165 ARG A CB  1 ? 
ATOM   922  C CG  . ARG A 1 125 ? -1.432  5.988   -13.455 1.00 21.90  ? 165 ARG A CG  1 ? 
ATOM   923  C CD  . ARG A 1 125 ? -2.824  6.439   -13.881 1.00 23.13  ? 165 ARG A CD  1 ? 
ATOM   924  N NE  . ARG A 1 125 ? -2.740  6.849   -15.291 1.00 21.63  ? 165 ARG A NE  1 ? 
ATOM   925  C CZ  . ARG A 1 125 ? -3.733  7.046   -16.119 1.00 20.54  ? 165 ARG A CZ  1 ? 
ATOM   926  N NH1 . ARG A 1 125 ? -3.446  7.316   -17.378 1.00 23.88  ? 165 ARG A NH1 1 ? 
ATOM   927  N NH2 . ARG A 1 125 ? -4.986  7.010   -15.715 1.00 20.50  ? 165 ARG A NH2 1 ? 
ATOM   928  N N   . ILE A 1 126 ? -0.807  3.842   -9.577  1.00 15.28  ? 166 ILE A N   1 ? 
ATOM   929  C CA  . ILE A 1 126 ? -0.942  3.491   -8.154  1.00 16.94  ? 166 ILE A CA  1 ? 
ATOM   930  C C   . ILE A 1 126 ? 0.445   3.481   -7.514  1.00 18.18  ? 166 ILE A C   1 ? 
ATOM   931  O O   . ILE A 1 126 ? 0.619   4.017   -6.411  1.00 19.07  ? 166 ILE A O   1 ? 
ATOM   932  C CB  . ILE A 1 126 ? -1.668  2.146   -7.980  1.00 18.23  ? 166 ILE A CB  1 ? 
ATOM   933  C CG1 . ILE A 1 126 ? -3.186  2.288   -8.317  1.00 19.38  ? 166 ILE A CG1 1 ? 
ATOM   934  C CG2 . ILE A 1 126 ? -1.481  1.590   -6.585  1.00 18.07  ? 166 ILE A CG2 1 ? 
ATOM   935  C CD1 . ILE A 1 126 ? -3.872  0.998   -8.702  1.00 22.16  ? 166 ILE A CD1 1 ? 
ATOM   936  N N   . ALA A 1 127 ? 1.434   2.927   -8.229  1.00 17.04  ? 167 ALA A N   1 ? 
ATOM   937  C CA  . ALA A 1 127 ? 2.804   2.895   -7.726  1.00 19.01  ? 167 ALA A CA  1 ? 
ATOM   938  C C   . ALA A 1 127 ? 3.333   4.313   -7.513  1.00 17.68  ? 167 ALA A C   1 ? 
ATOM   939  O O   . ALA A 1 127 ? 3.927   4.595   -6.461  1.00 21.00  ? 167 ALA A O   1 ? 
ATOM   940  C CB  . ALA A 1 127 ? 3.702   2.084   -8.652  1.00 19.83  ? 167 ALA A CB  1 ? 
ATOM   941  N N   . ALA A 1 128 ? 3.113   5.216   -8.486  1.00 18.47  ? 168 ALA A N   1 ? 
ATOM   942  C CA  . ALA A 1 128 ? 3.493   6.624   -8.324  1.00 19.88  ? 168 ALA A CA  1 ? 
ATOM   943  C C   . ALA A 1 128 ? 2.760   7.270   -7.140  1.00 16.81  ? 168 ALA A C   1 ? 
ATOM   944  O O   . ALA A 1 128 ? 3.365   7.974   -6.344  1.00 15.74  ? 168 ALA A O   1 ? 
ATOM   945  C CB  . ALA A 1 128 ? 3.196   7.414   -9.614  1.00 21.81  ? 168 ALA A CB  1 ? 
ATOM   946  N N   . TRP A 1 129 ? 1.440   7.049   -7.021  1.00 17.48  ? 169 TRP A N   1 ? 
ATOM   947  C CA  . TRP A 1 129 ? 0.660   7.612   -5.938  1.00 15.40  ? 169 TRP A CA  1 ? 
ATOM   948  C C   . TRP A 1 129 ? 1.188   7.133   -4.588  1.00 17.10  ? 169 TRP A C   1 ? 
ATOM   949  O O   . TRP A 1 129 ? 1.348   7.928   -3.651  1.00 18.21  ? 169 TRP A O   1 ? 
ATOM   950  C CB  . TRP A 1 129 ? -0.804  7.224   -6.119  1.00 18.50  ? 169 TRP A CB  1 ? 
ATOM   951  C CG  . TRP A 1 129 ? -1.426  7.790   -7.365  1.00 17.90  ? 169 TRP A CG  1 ? 
ATOM   952  C CD1 . TRP A 1 129 ? -0.926  8.752   -8.206  1.00 20.76  ? 169 TRP A CD1 1 ? 
ATOM   953  C CD2 . TRP A 1 129 ? -2.644  7.307   -7.975  1.00 18.13  ? 169 TRP A CD2 1 ? 
ATOM   954  N NE1 . TRP A 1 129 ? -1.816  8.979   -9.222  1.00 18.41  ? 169 TRP A NE1 1 ? 
ATOM   955  C CE2 . TRP A 1 129 ? -2.854  8.077   -9.128  1.00 19.51  ? 169 TRP A CE2 1 ? 
ATOM   956  C CE3 . TRP A 1 129 ? -3.560  6.321   -7.643  1.00 20.02  ? 169 TRP A CE3 1 ? 
ATOM   957  C CZ2 . TRP A 1 129 ? -3.961  7.875   -9.940  1.00 21.06  ? 169 TRP A CZ2 1 ? 
ATOM   958  C CZ3 . TRP A 1 129 ? -4.679  6.140   -8.422  1.00 23.35  ? 169 TRP A CZ3 1 ? 
ATOM   959  C CH2 . TRP A 1 129 ? -4.860  6.902   -9.575  1.00 22.67  ? 169 TRP A CH2 1 ? 
ATOM   960  N N   . MET A 1 130 ? 1.535   5.847   -4.484  1.00 15.35  ? 170 MET A N   1 ? 
ATOM   961  C CA  . MET A 1 130 ? 1.989   5.293   -3.202  1.00 16.77  ? 170 MET A CA  1 ? 
ATOM   962  C C   . MET A 1 130 ? 3.323   5.914   -2.815  1.00 16.84  ? 170 MET A C   1 ? 
ATOM   963  O O   . MET A 1 130 ? 3.584   6.238   -1.653  1.00 15.84  ? 170 MET A O   1 ? 
ATOM   964  C CB  . MET A 1 130 ? 2.130   3.761   -3.290  1.00 16.58  ? 170 MET A CB  1 ? 
ATOM   965  C CG  . MET A 1 130 ? 0.790   3.074   -3.268  1.00 18.77  ? 170 MET A CG  1 ? 
ATOM   966  S SD  . MET A 1 130 ? 0.920   1.307   -3.581  1.00 22.16  ? 170 MET A SD  1 ? 
ATOM   967  C CE  . MET A 1 130 ? 1.678   0.761   -2.031  1.00 20.24  ? 170 MET A CE  1 ? 
ATOM   968  N N   . ALA A 1 131 ? 4.181   6.071   -3.809  1.00 17.58  ? 171 ALA A N   1 ? 
ATOM   969  C CA  . ALA A 1 131 ? 5.500   6.626   -3.570  1.00 19.25  ? 171 ALA A CA  1 ? 
ATOM   970  C C   . ALA A 1 131 ? 5.356   8.080   -3.128  1.00 18.37  ? 171 ALA A C   1 ? 
ATOM   971  O O   . ALA A 1 131 ? 5.980   8.491   -2.173  1.00 22.97  ? 171 ALA A O   1 ? 
ATOM   972  C CB  . ALA A 1 131 ? 6.372   6.440   -4.800  1.00 20.14  ? 171 ALA A CB  1 ? 
ATOM   973  N N   . THR A 1 132 ? 4.485   8.849   -3.794  1.00 18.43  ? 172 THR A N   1 ? 
ATOM   974  C CA  . THR A 1 132 ? 4.260   10.205  -3.378  1.00 18.60  ? 172 THR A CA  1 ? 
ATOM   975  C C   . THR A 1 132 ? 3.721   10.215  -1.948  1.00 17.64  ? 172 THR A C   1 ? 
ATOM   976  O O   . THR A 1 132 ? 4.167   11.021  -1.141  1.00 18.92  ? 172 THR A O   1 ? 
ATOM   977  C CB  . THR A 1 132 ? 3.338   10.915  -4.347  1.00 20.82  ? 172 THR A CB  1 ? 
ATOM   978  O OG1 . THR A 1 132 ? 3.965   10.821  -5.625  1.00 21.51  ? 172 THR A OG1 1 ? 
ATOM   979  C CG2 . THR A 1 132 ? 3.159   12.367  -3.943  1.00 21.99  ? 172 THR A CG2 1 ? 
ATOM   980  N N   . TYR A 1 133 ? 2.696   9.411   -1.684  1.00 15.51  ? 173 TYR A N   1 ? 
ATOM   981  C CA  . TYR A 1 133 ? 2.052   9.449   -0.382  1.00 15.89  ? 173 TYR A CA  1 ? 
ATOM   982  C C   . TYR A 1 133 ? 3.068   9.117   0.714   1.00 18.15  ? 173 TYR A C   1 ? 
ATOM   983  O O   . TYR A 1 133 ? 3.110   9.750   1.762   1.00 18.15  ? 173 TYR A O   1 ? 
ATOM   984  C CB  . TYR A 1 133 ? 0.862   8.497   -0.401  1.00 16.19  ? 173 TYR A CB  1 ? 
ATOM   985  C CG  . TYR A 1 133 ? -0.042  8.770   0.791   1.00 16.58  ? 173 TYR A CG  1 ? 
ATOM   986  C CD1 . TYR A 1 133 ? 0.283   8.306   2.053   1.00 16.73  ? 173 TYR A CD1 1 ? 
ATOM   987  C CD2 . TYR A 1 133 ? -1.161  9.607   0.687   1.00 18.60  ? 173 TYR A CD2 1 ? 
ATOM   988  C CE1 . TYR A 1 133 ? -0.529  8.554   3.161   1.00 17.84  ? 173 TYR A CE1 1 ? 
ATOM   989  C CE2 . TYR A 1 133 ? -1.937  9.904   1.806   1.00 17.33  ? 173 TYR A CE2 1 ? 
ATOM   990  C CZ  . TYR A 1 133 ? -1.621  9.394   3.047   1.00 17.11  ? 173 TYR A CZ  1 ? 
ATOM   991  O OH  . TYR A 1 133 ? -2.365  9.722   4.160   1.00 16.75  ? 173 TYR A OH  1 ? 
ATOM   992  N N   . LEU A 1 134 ? 3.913   8.111   0.449   1.00 19.41  ? 174 LEU A N   1 ? 
ATOM   993  C CA  . LEU A 1 134 ? 4.964   7.712   1.371   1.00 19.81  ? 174 LEU A CA  1 ? 
ATOM   994  C C   . LEU A 1 134 ? 5.915   8.873   1.645   1.00 22.14  ? 174 LEU A C   1 ? 
ATOM   995  O O   . LEU A 1 134 ? 6.190   9.195   2.800   1.00 23.90  ? 174 LEU A O   1 ? 
ATOM   996  C CB  . LEU A 1 134 ? 5.738   6.545   0.760   1.00 23.41  ? 174 LEU A CB  1 ? 
ATOM   997  C CG  . LEU A 1 134 ? 5.680   5.203   1.459   1.00 33.56  ? 174 LEU A CG  1 ? 
ATOM   998  C CD1 . LEU A 1 134 ? 6.242   4.195   0.456   1.00 36.79  ? 174 LEU A CD1 1 ? 
ATOM   999  C CD2 . LEU A 1 134 ? 6.488   5.256   2.753   1.00 29.76  ? 174 LEU A CD2 1 ? 
ATOM   1000 N N   . ASN A 1 135 ? 6.397   9.488   0.569   1.00 22.12  ? 175 ASN A N   1 ? 
ATOM   1001 C CA  A ASN A 1 135 ? 7.403   10.522  0.670   0.60 25.31  ? 175 ASN A CA  1 ? 
ATOM   1002 C CA  B ASN A 1 135 ? 7.386   10.551  0.645   0.40 23.89  ? 175 ASN A CA  1 ? 
ATOM   1003 C C   . ASN A 1 135 ? 6.846   11.715  1.455   1.00 24.47  ? 175 ASN A C   1 ? 
ATOM   1004 O O   . ASN A 1 135 ? 7.529   12.229  2.312   1.00 27.58  ? 175 ASN A O   1 ? 
ATOM   1005 C CB  A ASN A 1 135 ? 8.020   10.765  -0.710  0.60 27.29  ? 175 ASN A CB  1 ? 
ATOM   1006 C CB  B ASN A 1 135 ? 7.799   11.140  -0.703  0.40 24.08  ? 175 ASN A CB  1 ? 
ATOM   1007 C CG  A ASN A 1 135 ? 8.998   9.670   -1.103  0.60 29.75  ? 175 ASN A CG  1 ? 
ATOM   1008 C CG  B ASN A 1 135 ? 8.890   12.179  -0.534  0.40 24.36  ? 175 ASN A CG  1 ? 
ATOM   1009 O OD1 A ASN A 1 135 ? 9.573   8.983   -0.246  0.60 29.08  ? 175 ASN A OD1 1 ? 
ATOM   1010 O OD1 B ASN A 1 135 ? 10.031  11.848  -0.188  0.40 26.78  ? 175 ASN A OD1 1 ? 
ATOM   1011 N ND2 A ASN A 1 135 ? 9.258   9.518   -2.391  0.60 30.67  ? 175 ASN A ND2 1 ? 
ATOM   1012 N ND2 B ASN A 1 135 ? 8.562   13.445  -0.723  0.40 23.11  ? 175 ASN A ND2 1 ? 
ATOM   1013 N N   . ASP A 1 136 ? 5.605   12.109  1.191   1.00 21.99  ? 176 ASP A N   1 ? 
ATOM   1014 C CA  . ASP A 1 136 ? 5.018   13.329  1.722   1.00 21.91  ? 176 ASP A CA  1 ? 
ATOM   1015 C C   . ASP A 1 136 ? 4.390   13.123  3.102   1.00 24.24  ? 176 ASP A C   1 ? 
ATOM   1016 O O   . ASP A 1 136 ? 4.489   13.999  3.957   1.00 24.49  ? 176 ASP A O   1 ? 
ATOM   1017 C CB  . ASP A 1 136 ? 3.996   13.901  0.748   1.00 24.10  ? 176 ASP A CB  1 ? 
ATOM   1018 C CG  . ASP A 1 136 ? 4.597   14.395  -0.561  1.00 30.20  ? 176 ASP A CG  1 ? 
ATOM   1019 O OD1 . ASP A 1 136 ? 5.854   14.364  -0.677  1.00 38.03  ? 176 ASP A OD1 1 ? 
ATOM   1020 O OD2 . ASP A 1 136 ? 3.817   14.742  -1.484  1.00 33.04  ? 176 ASP A OD2 1 ? 
ATOM   1021 N N   . HIS A 1 137 ? 3.754   11.971  3.343   1.00 22.60  ? 177 HIS A N   1 ? 
ATOM   1022 C CA  . HIS A 1 137 ? 2.914   11.810  4.509   1.00 20.24  ? 177 HIS A CA  1 ? 
ATOM   1023 C C   . HIS A 1 137 ? 3.496   10.825  5.506   1.00 20.66  ? 177 HIS A C   1 ? 
ATOM   1024 O O   . HIS A 1 137 ? 3.234   10.966  6.697   1.00 22.91  ? 177 HIS A O   1 ? 
ATOM   1025 C CB  . HIS A 1 137 ? 1.527   11.290  4.119   1.00 21.72  ? 177 HIS A CB  1 ? 
ATOM   1026 C CG  . HIS A 1 137 ? 0.718   12.238  3.326   1.00 25.59  ? 177 HIS A CG  1 ? 
ATOM   1027 N ND1 . HIS A 1 137 ? 0.188   13.387  3.862   1.00 33.13  ? 177 HIS A ND1 1 ? 
ATOM   1028 C CD2 . HIS A 1 137 ? 0.451   12.282  2.023   1.00 27.38  ? 177 HIS A CD2 1 ? 
ATOM   1029 C CE1 . HIS A 1 137 ? -0.477  14.030  2.892   1.00 37.39  ? 177 HIS A CE1 1 ? 
ATOM   1030 N NE2 . HIS A 1 137 ? -0.335  13.371  1.765   1.00 25.93  ? 177 HIS A NE2 1 ? 
ATOM   1031 N N   . LEU A 1 138 ? 4.178   9.774   5.048   1.00 19.58  ? 178 LEU A N   1 ? 
ATOM   1032 C CA  . LEU A 1 138 ? 4.583   8.706   5.959   1.00 20.05  ? 178 LEU A CA  1 ? 
ATOM   1033 C C   . LEU A 1 138 ? 6.045   8.815   6.377   1.00 21.55  ? 178 LEU A C   1 ? 
ATOM   1034 O O   . LEU A 1 138 ? 6.377   8.584   7.538   1.00 20.48  ? 178 LEU A O   1 ? 
ATOM   1035 C CB  . LEU A 1 138 ? 4.266   7.357   5.330   1.00 20.74  ? 178 LEU A CB  1 ? 
ATOM   1036 C CG  . LEU A 1 138 ? 2.783   7.149   5.020   1.00 18.69  ? 178 LEU A CG  1 ? 
ATOM   1037 C CD1 . LEU A 1 138 ? 2.599   5.818   4.418   1.00 19.26  ? 178 LEU A CD1 1 ? 
ATOM   1038 C CD2 . LEU A 1 138 ? 1.931   7.300   6.251   1.00 21.08  ? 178 LEU A CD2 1 ? 
ATOM   1039 N N   . GLU A 1 139 ? 6.890   9.196   5.434   1.00 23.74  ? 179 GLU A N   1 ? 
ATOM   1040 C CA  . GLU A 1 139 ? 8.311   9.375   5.695   1.00 26.66  ? 179 GLU A CA  1 ? 
ATOM   1041 C C   . GLU A 1 139 ? 8.579   10.255  6.919   1.00 24.88  ? 179 GLU A C   1 ? 
ATOM   1042 O O   . GLU A 1 139 ? 9.462   9.927   7.712   1.00 23.49  ? 179 GLU A O   1 ? 
ATOM   1043 C CB  . GLU A 1 139 ? 8.969   9.897   4.419   1.00 32.45  ? 179 GLU A CB  1 ? 
ATOM   1044 C CG  . GLU A 1 139 ? 10.489  9.949   4.505   1.00 38.15  ? 179 GLU A CG  1 ? 
ATOM   1045 C CD  . GLU A 1 139 ? 11.198  8.596   4.534   1.00 51.65  ? 179 GLU A CD  1 ? 
ATOM   1046 O OE1 . GLU A 1 139 ? 10.531  7.555   4.351   1.00 54.65  ? 179 GLU A OE1 1 ? 
ATOM   1047 O OE2 . GLU A 1 139 ? 12.439  8.574   4.767   1.00 65.32  ? 179 GLU A OE2 1 ? 
ATOM   1048 N N   . PRO A 1 140 ? 7.871   11.385  7.147   1.00 25.56  ? 180 PRO A N   1 ? 
ATOM   1049 C CA  . PRO A 1 140 ? 8.078   12.159  8.364   1.00 27.77  ? 180 PRO A CA  1 ? 
ATOM   1050 C C   . PRO A 1 140 ? 7.850   11.404  9.669   1.00 25.33  ? 180 PRO A C   1 ? 
ATOM   1051 O O   . PRO A 1 140 ? 8.539   11.653  10.650  1.00 26.53  ? 180 PRO A O   1 ? 
ATOM   1052 C CB  . PRO A 1 140 ? 7.135   13.345  8.204   1.00 25.30  ? 180 PRO A CB  1 ? 
ATOM   1053 C CG  . PRO A 1 140 ? 6.970   13.474  6.715   1.00 26.97  ? 180 PRO A CG  1 ? 
ATOM   1054 C CD  . PRO A 1 140 ? 6.937   12.056  6.223   1.00 27.14  ? 180 PRO A CD  1 ? 
ATOM   1055 N N   . TRP A 1 141 ? 6.901   10.472  9.685   1.00 21.77  ? 181 TRP A N   1 ? 
ATOM   1056 C CA  . TRP A 1 141 ? 6.718   9.630   10.841  1.00 20.35  ? 181 TRP A CA  1 ? 
ATOM   1057 C C   . TRP A 1 141 ? 7.834   8.583   10.913  1.00 19.55  ? 181 TRP A C   1 ? 
ATOM   1058 O O   . TRP A 1 141 ? 8.345   8.287   11.988  1.00 20.85  ? 181 TRP A O   1 ? 
ATOM   1059 C CB  . TRP A 1 141 ? 5.317   8.991   10.831  1.00 19.36  ? 181 TRP A CB  1 ? 
ATOM   1060 C CG  . TRP A 1 141 ? 5.045   8.138   12.036  1.00 17.85  ? 181 TRP A CG  1 ? 
ATOM   1061 C CD1 . TRP A 1 141 ? 4.483   8.529   13.220  1.00 19.64  ? 181 TRP A CD1 1 ? 
ATOM   1062 C CD2 . TRP A 1 141 ? 5.405   6.754   12.202  1.00 17.85  ? 181 TRP A CD2 1 ? 
ATOM   1063 N NE1 . TRP A 1 141 ? 4.427   7.469   14.081  1.00 20.97  ? 181 TRP A NE1 1 ? 
ATOM   1064 C CE2 . TRP A 1 141 ? 4.998   6.374   13.486  1.00 19.28  ? 181 TRP A CE2 1 ? 
ATOM   1065 C CE3 . TRP A 1 141 ? 6.023   5.807   11.380  1.00 21.21  ? 181 TRP A CE3 1 ? 
ATOM   1066 C CZ2 . TRP A 1 141 ? 5.207   5.094   13.972  1.00 20.65  ? 181 TRP A CZ2 1 ? 
ATOM   1067 C CZ3 . TRP A 1 141 ? 6.219   4.539   11.861  1.00 20.44  ? 181 TRP A CZ3 1 ? 
ATOM   1068 C CH2 . TRP A 1 141 ? 5.793   4.186   13.127  1.00 20.65  ? 181 TRP A CH2 1 ? 
ATOM   1069 N N   . ILE A 1 142 ? 8.165   7.966   9.785   1.00 18.45  ? 182 ILE A N   1 ? 
ATOM   1070 C CA  . ILE A 1 142 ? 9.150   6.888   9.743   1.00 18.81  ? 182 ILE A CA  1 ? 
ATOM   1071 C C   . ILE A 1 142 ? 10.508  7.371   10.317  1.00 19.18  ? 182 ILE A C   1 ? 
ATOM   1072 O O   . ILE A 1 142 ? 11.196  6.639   11.041  1.00 18.73  ? 182 ILE A O   1 ? 
ATOM   1073 C CB  . ILE A 1 142 ? 9.236   6.377   8.294   1.00 19.15  ? 182 ILE A CB  1 ? 
ATOM   1074 C CG1 . ILE A 1 142 ? 7.894   5.622   7.910   1.00 20.46  ? 182 ILE A CG1 1 ? 
ATOM   1075 C CG2 . ILE A 1 142 ? 10.450  5.485   8.047   1.00 19.93  ? 182 ILE A CG2 1 ? 
ATOM   1076 C CD1 . ILE A 1 142 ? 7.776   5.274   6.443   1.00 21.62  ? 182 ILE A CD1 1 ? 
ATOM   1077 N N   . GLN A 1 143 ? 10.882  8.581   9.965   1.00 19.79  ? 183 GLN A N   1 ? 
ATOM   1078 C CA  . GLN A 1 143 ? 12.165  9.186   10.354  1.00 25.43  ? 183 GLN A CA  1 ? 
ATOM   1079 C C   . GLN A 1 143 ? 12.137  9.800   11.756  1.00 23.80  ? 183 GLN A C   1 ? 
ATOM   1080 O O   . GLN A 1 143 ? 13.135  10.386  12.201  1.00 26.93  ? 183 GLN A O   1 ? 
ATOM   1081 C CB  . GLN A 1 143 ? 12.456  10.360  9.445   1.00 28.39  ? 183 GLN A CB  1 ? 
ATOM   1082 C CG  . GLN A 1 143 ? 12.452  10.020  7.969   1.00 40.90  ? 183 GLN A CG  1 ? 
ATOM   1083 C CD  . GLN A 1 143 ? 13.711  9.304   7.600   1.00 52.52  ? 183 GLN A CD  1 ? 
ATOM   1084 O OE1 . GLN A 1 143 ? 14.723  9.944   7.300   1.00 67.87  ? 183 GLN A OE1 1 ? 
ATOM   1085 N NE2 . GLN A 1 143 ? 13.666  7.982   7.700   1.00 60.71  ? 183 GLN A NE2 1 ? 
ATOM   1086 N N   . GLU A 1 144 ? 11.036  9.583   12.479  1.00 24.28  ? 184 GLU A N   1 ? 
ATOM   1087 C CA  . GLU A 1 144 ? 10.975  9.857   13.907  1.00 27.02  ? 184 GLU A CA  1 ? 
ATOM   1088 C C   . GLU A 1 144 ? 10.838  8.577   14.706  1.00 24.89  ? 184 GLU A C   1 ? 
ATOM   1089 O O   . GLU A 1 144 ? 10.796  8.642   15.938  1.00 25.60  ? 184 GLU A O   1 ? 
ATOM   1090 C CB  . GLU A 1 144 ? 9.742   10.675  14.279  1.00 30.09  ? 184 GLU A CB  1 ? 
ATOM   1091 C CG  . GLU A 1 144 ? 9.872   12.082  13.726  1.00 38.54  ? 184 GLU A CG  1 ? 
ATOM   1092 C CD  . GLU A 1 144 ? 8.685   12.954  14.048  1.00 48.24  ? 184 GLU A CD  1 ? 
ATOM   1093 O OE1 . GLU A 1 144 ? 7.719   12.434  14.654  1.00 51.66  ? 184 GLU A OE1 1 ? 
ATOM   1094 O OE2 . GLU A 1 144 ? 8.759   14.146  13.676  1.00 49.95  ? 184 GLU A OE2 1 ? 
ATOM   1095 N N   . ASN A 1 145 ? 10.729  7.431   14.024  1.00 24.61  ? 185 ASN A N   1 ? 
ATOM   1096 C CA  . ASN A 1 145 ? 10.376  6.198   14.698  1.00 24.85  ? 185 ASN A CA  1 ? 
ATOM   1097 C C   . ASN A 1 145 ? 11.352  5.089   14.361  1.00 23.46  ? 185 ASN A C   1 ? 
ATOM   1098 O O   . ASN A 1 145 ? 11.008  3.926   14.457  1.00 25.30  ? 185 ASN A O   1 ? 
ATOM   1099 C CB  . ASN A 1 145 ? 8.928   5.823   14.394  1.00 26.23  ? 185 ASN A CB  1 ? 
ATOM   1100 C CG  . ASN A 1 145 ? 8.029   6.726   15.192  1.00 26.56  ? 185 ASN A CG  1 ? 
ATOM   1101 O OD1 . ASN A 1 145 ? 7.854   6.480   16.378  1.00 28.12  ? 185 ASN A OD1 1 ? 
ATOM   1102 N ND2 . ASN A 1 145 ? 7.528   7.801   14.616  1.00 26.45  ? 185 ASN A ND2 1 ? 
ATOM   1103 N N   . GLY A 1 146 ? 12.565  5.444   13.950  1.00 26.25  ? 186 GLY A N   1 ? 
ATOM   1104 C CA  . GLY A 1 146 ? 13.611  4.460   13.755  1.00 24.38  ? 186 GLY A CA  1 ? 
ATOM   1105 C C   . GLY A 1 146 ? 13.866  4.090   12.297  1.00 26.58  ? 186 GLY A C   1 ? 
ATOM   1106 O O   . GLY A 1 146 ? 14.752  3.307   12.058  1.00 24.93  ? 186 GLY A O   1 ? 
ATOM   1107 N N   . GLY A 1 147 ? 13.129  4.621   11.310  1.00 24.49  ? 187 GLY A N   1 ? 
ATOM   1108 C CA  . GLY A 1 147 ? 13.402  4.260   9.927   1.00 26.23  ? 187 GLY A CA  1 ? 
ATOM   1109 C C   . GLY A 1 147 ? 13.012  2.809   9.615   1.00 24.05  ? 187 GLY A C   1 ? 
ATOM   1110 O O   . GLY A 1 147 ? 12.609  2.059   10.472  1.00 23.84  ? 187 GLY A O   1 ? 
ATOM   1111 N N   . TRP A 1 148 ? 13.178  2.394   8.375   1.00 22.82  ? 188 TRP A N   1 ? 
ATOM   1112 C CA  . TRP A 1 148 ? 12.780  1.061   7.981   1.00 25.67  ? 188 TRP A CA  1 ? 
ATOM   1113 C C   . TRP A 1 148 ? 13.628  -0.024  8.660   1.00 27.55  ? 188 TRP A C   1 ? 
ATOM   1114 O O   . TRP A 1 148 ? 13.161  -1.149  8.813   1.00 26.16  ? 188 TRP A O   1 ? 
ATOM   1115 C CB  . TRP A 1 148 ? 12.877  0.933   6.459   1.00 25.48  ? 188 TRP A CB  1 ? 
ATOM   1116 C CG  . TRP A 1 148 ? 11.752  1.595   5.742   1.00 23.61  ? 188 TRP A CG  1 ? 
ATOM   1117 C CD1 . TRP A 1 148 ? 11.768  2.759   5.043   1.00 23.94  ? 188 TRP A CD1 1 ? 
ATOM   1118 C CD2 . TRP A 1 148 ? 10.413  1.079   5.644   1.00 25.57  ? 188 TRP A CD2 1 ? 
ATOM   1119 N NE1 . TRP A 1 148 ? 10.513  3.025   4.556   1.00 24.37  ? 188 TRP A NE1 1 ? 
ATOM   1120 C CE2 . TRP A 1 148 ? 9.667   2.014   4.896   1.00 25.50  ? 188 TRP A CE2 1 ? 
ATOM   1121 C CE3 . TRP A 1 148 ? 9.767   -0.049  6.139   1.00 24.30  ? 188 TRP A CE3 1 ? 
ATOM   1122 C CZ2 . TRP A 1 148 ? 8.328   1.823   4.596   1.00 22.41  ? 188 TRP A CZ2 1 ? 
ATOM   1123 C CZ3 . TRP A 1 148 ? 8.440   -0.237  5.825   1.00 26.32  ? 188 TRP A CZ3 1 ? 
ATOM   1124 C CH2 . TRP A 1 148 ? 7.742   0.685   5.052   1.00 22.52  ? 188 TRP A CH2 1 ? 
ATOM   1125 N N   . ASP A 1 149 ? 14.846  0.297   9.120   1.00 27.50  ? 189 ASP A N   1 ? 
ATOM   1126 C CA  . ASP A 1 149 ? 15.645  -0.684  9.841   1.00 29.45  ? 189 ASP A CA  1 ? 
ATOM   1127 C C   . ASP A 1 149 ? 14.972  -1.036  11.165  1.00 27.44  ? 189 ASP A C   1 ? 
ATOM   1128 O O   . ASP A 1 149 ? 15.114  -2.162  11.650  1.00 28.41  ? 189 ASP A O   1 ? 
ATOM   1129 C CB  . ASP A 1 149 ? 17.109  -0.269  9.980   1.00 39.87  ? 189 ASP A CB  1 ? 
ATOM   1130 C CG  . ASP A 1 149 ? 17.942  -0.333  8.699   1.00 46.45  ? 189 ASP A CG  1 ? 
ATOM   1131 O OD1 . ASP A 1 149 ? 17.550  -1.059  7.744   1.00 59.12  ? 189 ASP A OD1 1 ? 
ATOM   1132 O OD2 . ASP A 1 149 ? 18.968  0.373   8.631   1.00 63.68  ? 189 ASP A OD2 1 ? 
ATOM   1133 N N   . THR A 1 150 ? 14.183  -0.118  11.735  1.00 25.93  ? 190 THR A N   1 ? 
ATOM   1134 C CA  . THR A 1 150 ? 13.479  -0.466  12.953  1.00 24.88  ? 190 THR A CA  1 ? 
ATOM   1135 C C   . THR A 1 150 ? 12.226  -1.306  12.633  1.00 31.00  ? 190 THR A C   1 ? 
ATOM   1136 O O   . THR A 1 150 ? 11.868  -2.200  13.381  1.00 31.60  ? 190 THR A O   1 ? 
ATOM   1137 C CB  . THR A 1 150 ? 13.185  0.780   13.787  1.00 28.39  ? 190 THR A CB  1 ? 
ATOM   1138 O OG1 . THR A 1 150 ? 14.423  1.258   14.304  1.00 28.80  ? 190 THR A OG1 1 ? 
ATOM   1139 C CG2 . THR A 1 150 ? 12.246  0.509   14.943  1.00 26.62  ? 190 THR A CG2 1 ? 
ATOM   1140 N N   . PHE A 1 151 ? 11.529  -1.024  11.528  1.00 28.26  ? 191 PHE A N   1 ? 
ATOM   1141 C CA  . PHE A 1 151 ? 10.473  -1.909  11.058  1.00 26.03  ? 191 PHE A CA  1 ? 
ATOM   1142 C C   . PHE A 1 151 ? 10.984  -3.347  10.889  1.00 26.23  ? 191 PHE A C   1 ? 
ATOM   1143 O O   . PHE A 1 151 ? 10.291  -4.285  11.256  1.00 29.44  ? 191 PHE A O   1 ? 
ATOM   1144 C CB  . PHE A 1 151 ? 9.930   -1.391  9.722   1.00 24.00  ? 191 PHE A CB  1 ? 
ATOM   1145 C CG  . PHE A 1 151 ? 8.992   -2.367  9.036   1.00 23.14  ? 191 PHE A CG  1 ? 
ATOM   1146 C CD1 . PHE A 1 151 ? 7.723   -2.572  9.539   1.00 26.78  ? 191 PHE A CD1 1 ? 
ATOM   1147 C CD2 . PHE A 1 151 ? 9.406   -3.111  7.950   1.00 26.04  ? 191 PHE A CD2 1 ? 
ATOM   1148 C CE1 . PHE A 1 151 ? 6.861   -3.465  8.941   1.00 28.72  ? 191 PHE A CE1 1 ? 
ATOM   1149 C CE2 . PHE A 1 151 ? 8.545   -4.009  7.359   1.00 27.67  ? 191 PHE A CE2 1 ? 
ATOM   1150 C CZ  . PHE A 1 151 ? 7.270   -4.177  7.855   1.00 26.59  ? 191 PHE A CZ  1 ? 
ATOM   1151 N N   . VAL A 1 152 ? 12.152  -3.519  10.275  1.00 28.63  ? 192 VAL A N   1 ? 
ATOM   1152 C CA  . VAL A 1 152 ? 12.768  -4.837  10.133  1.00 32.30  ? 192 VAL A CA  1 ? 
ATOM   1153 C C   . VAL A 1 152 ? 12.932  -5.497  11.507  1.00 36.20  ? 192 VAL A C   1 ? 
ATOM   1154 O O   . VAL A 1 152 ? 12.602  -6.667  11.643  1.00 37.03  ? 192 VAL A O   1 ? 
ATOM   1155 C CB  . VAL A 1 152 ? 14.103  -4.790  9.373   1.00 32.42  ? 192 VAL A CB  1 ? 
ATOM   1156 C CG1 . VAL A 1 152 ? 14.872  -6.113  9.421   1.00 34.80  ? 192 VAL A CG1 1 ? 
ATOM   1157 C CG2 . VAL A 1 152 ? 13.905  -4.364  7.928   1.00 30.77  ? 192 VAL A CG2 1 ? 
ATOM   1158 N N   . GLU A 1 153 ? 13.383  -4.756  12.527  1.00 37.68  ? 193 GLU A N   1 ? 
ATOM   1159 C CA  . GLU A 1 153 ? 13.602  -5.323  13.851  1.00 37.85  ? 193 GLU A CA  1 ? 
ATOM   1160 C C   . GLU A 1 153 ? 12.284  -5.807  14.435  1.00 41.20  ? 193 GLU A C   1 ? 
ATOM   1161 O O   . GLU A 1 153 ? 12.245  -6.848  15.095  1.00 41.14  ? 193 GLU A O   1 ? 
ATOM   1162 C CB  . GLU A 1 153 ? 14.294  -4.335  14.789  1.00 43.98  ? 193 GLU A CB  1 ? 
ATOM   1163 C CG  . GLU A 1 153 ? 15.751  -4.097  14.396  1.00 55.31  ? 193 GLU A CG  1 ? 
ATOM   1164 C CD  . GLU A 1 153 ? 16.479  -2.920  15.041  1.00 69.76  ? 193 GLU A CD  1 ? 
ATOM   1165 O OE1 . GLU A 1 153 ? 16.599  -2.893  16.291  1.00 75.03  ? 193 GLU A OE1 1 ? 
ATOM   1166 O OE2 . GLU A 1 153 ? 16.961  -2.033  14.285  1.00 77.89  ? 193 GLU A OE2 1 ? 
ATOM   1167 N N   . LEU A 1 154 ? 11.209  -5.056  14.179  1.00 36.70  ? 194 LEU A N   1 ? 
ATOM   1168 C CA  . LEU A 1 154 ? 9.899   -5.354  14.738  1.00 40.53  ? 194 LEU A CA  1 ? 
ATOM   1169 C C   . LEU A 1 154 ? 9.183   -6.466  13.963  1.00 39.78  ? 194 LEU A C   1 ? 
ATOM   1170 O O   . LEU A 1 154 ? 8.584   -7.320  14.594  1.00 45.45  ? 194 LEU A O   1 ? 
ATOM   1171 C CB  . LEU A 1 154 ? 9.034   -4.088  14.832  1.00 41.45  ? 194 LEU A CB  1 ? 
ATOM   1172 C CG  . LEU A 1 154 ? 9.577   -2.959  15.715  1.00 46.46  ? 194 LEU A CG  1 ? 
ATOM   1173 C CD1 . LEU A 1 154 ? 8.743   -1.694  15.582  1.00 47.13  ? 194 LEU A CD1 1 ? 
ATOM   1174 C CD2 . LEU A 1 154 ? 9.656   -3.346  17.187  1.00 44.88  ? 194 LEU A CD2 1 ? 
ATOM   1175 N N   . TYR A 1 155 ? 9.226   -6.466  12.622  1.00 39.34  ? 195 TYR A N   1 ? 
ATOM   1176 C CA  . TYR A 1 155 ? 8.387   -7.338  11.799  1.00 43.19  ? 195 TYR A CA  1 ? 
ATOM   1177 C C   . TYR A 1 155 ? 9.196   -8.301  10.929  1.00 52.85  ? 195 TYR A C   1 ? 
ATOM   1178 O O   . TYR A 1 155 ? 8.594   -9.076  10.185  1.00 56.03  ? 195 TYR A O   1 ? 
ATOM   1179 C CB  . TYR A 1 155 ? 7.542   -6.585  10.763  1.00 46.98  ? 195 TYR A CB  1 ? 
ATOM   1180 C CG  . TYR A 1 155 ? 6.347   -5.820  11.315  1.00 47.61  ? 195 TYR A CG  1 ? 
ATOM   1181 C CD1 . TYR A 1 155 ? 6.515   -4.734  12.176  1.00 44.60  ? 195 TYR A CD1 1 ? 
ATOM   1182 C CD2 . TYR A 1 155 ? 5.046   -6.170  10.960  1.00 43.41  ? 195 TYR A CD2 1 ? 
ATOM   1183 C CE1 . TYR A 1 155 ? 5.427   -4.045  12.697  1.00 45.29  ? 195 TYR A CE1 1 ? 
ATOM   1184 C CE2 . TYR A 1 155 ? 3.954   -5.477  11.468  1.00 48.47  ? 195 TYR A CE2 1 ? 
ATOM   1185 C CZ  . TYR A 1 155 ? 4.144   -4.405  12.326  1.00 44.57  ? 195 TYR A CZ  1 ? 
ATOM   1186 O OH  . TYR A 1 155 ? 3.067   -3.728  12.830  1.00 54.75  ? 195 TYR A OH  1 ? 
ATOM   1187 N N   . GLY A 1 156 ? 10.534  -8.186  10.940  1.00 53.15  ? 196 GLY A N   1 ? 
ATOM   1188 C CA  . GLY A 1 156 ? 11.384  -9.071  10.164  1.00 54.03  ? 196 GLY A CA  1 ? 
ATOM   1189 C C   . GLY A 1 156 ? 11.401  -10.434 10.841  1.00 68.09  ? 196 GLY A C   1 ? 
ATOM   1190 O O   . GLY A 1 156 ? 11.364  -10.503 12.071  1.00 66.74  ? 196 GLY A O   1 ? 
ATOM   1191 N N   . ASN A 1 157 ? 11.399  -11.498 10.030  1.00 74.08  ? 197 ASN A N   1 ? 
ATOM   1192 C CA  . ASN A 1 157 ? 11.207  -12.848 10.525  1.00 90.81  ? 197 ASN A CA  1 ? 
ATOM   1193 C C   . ASN A 1 157 ? 12.512  -13.325 11.161  1.00 101.87 ? 197 ASN A C   1 ? 
ATOM   1194 O O   . ASN A 1 157 ? 12.574  -13.482 12.380  1.00 110.49 ? 197 ASN A O   1 ? 
ATOM   1195 C CB  . ASN A 1 157 ? 10.667  -13.763 9.429   1.00 94.69  ? 197 ASN A CB  1 ? 
ATOM   1196 C CG  . ASN A 1 157 ? 10.479  -15.177 9.918   1.00 104.32 ? 197 ASN A CG  1 ? 
ATOM   1197 O OD1 . ASN A 1 157 ? 9.725   -15.397 10.871  1.00 108.37 ? 197 ASN A OD1 1 ? 
ATOM   1198 N ND2 . ASN A 1 157 ? 11.158  -16.137 9.303   1.00 106.77 ? 197 ASN A ND2 1 ? 
ATOM   1199 N N   . ASN A 1 158 ? 13.539  -13.533 10.324  1.00 105.21 ? 198 ASN A N   1 ? 
ATOM   1200 C CA  . ASN A 1 158 ? 14.854  -13.981 10.758  1.00 108.20 ? 198 ASN A CA  1 ? 
ATOM   1201 C C   . ASN A 1 158 ? 14.734  -14.895 11.987  1.00 108.98 ? 198 ASN A C   1 ? 
ATOM   1202 O O   . ASN A 1 158 ? 15.164  -14.461 13.078  1.00 106.41 ? 198 ASN A O   1 ? 
ATOM   1203 C CB  . ASN A 1 158 ? 15.785  -12.790 10.964  1.00 104.50 ? 198 ASN A CB  1 ? 
ATOM   1204 C CG  . ASN A 1 158 ? 16.535  -12.451 9.699   1.00 101.15 ? 198 ASN A CG  1 ? 
ATOM   1205 O OD1 . ASN A 1 158 ? 15.971  -12.528 8.601   1.00 95.77  ? 198 ASN A OD1 1 ? 
ATOM   1206 N ND2 . ASN A 1 158 ? 17.814  -12.128 9.827   1.00 97.17  ? 198 ASN A ND2 1 ? 
ATOM   1207 N N   . ASP B 1 182 ? -20.058 9.945   -1.314  1.00 65.62  ? 570 ASP B N   1 ? 
ATOM   1208 C CA  . ASP B 1 182 ? -18.899 10.644  -0.695  1.00 61.75  ? 570 ASP B CA  1 ? 
ATOM   1209 C C   . ASP B 1 182 ? -17.707 9.693   -0.568  1.00 59.01  ? 570 ASP B C   1 ? 
ATOM   1210 O O   . ASP B 1 182 ? -17.772 8.677   0.142   1.00 47.46  ? 570 ASP B O   1 ? 
ATOM   1211 C CB  . ASP B 1 182 ? -19.233 11.228  0.665   1.00 66.09  ? 570 ASP B CB  1 ? 
ATOM   1212 C CG  . ASP B 1 182 ? -18.084 12.017  1.281   1.00 79.23  ? 570 ASP B CG  1 ? 
ATOM   1213 O OD1 . ASP B 1 182 ? -17.768 13.110  0.745   1.00 84.35  ? 570 ASP B OD1 1 ? 
ATOM   1214 O OD2 . ASP B 1 182 ? -17.479 11.511  2.255   1.00 75.12  ? 570 ASP B OD2 1 ? 
ATOM   1215 N N   . LEU B 1 183 ? -16.612 10.070  -1.252  1.00 53.20  ? 571 LEU B N   1 ? 
ATOM   1216 C CA  . LEU B 1 183 ? -15.379 9.303   -1.285  1.00 51.24  ? 571 LEU B CA  1 ? 
ATOM   1217 C C   . LEU B 1 183 ? -14.901 9.060   0.147   1.00 50.22  ? 571 LEU B C   1 ? 
ATOM   1218 O O   . LEU B 1 183 ? -14.453 7.969   0.496   1.00 41.35  ? 571 LEU B O   1 ? 
ATOM   1219 C CB  . LEU B 1 183 ? -14.338 10.085  -2.097  1.00 50.51  ? 571 LEU B CB  1 ? 
ATOM   1220 C CG  . LEU B 1 183 ? -13.005 9.375   -2.370  1.00 49.85  ? 571 LEU B CG  1 ? 
ATOM   1221 C CD1 . LEU B 1 183 ? -13.273 8.020   -3.021  1.00 48.80  ? 571 LEU B CD1 1 ? 
ATOM   1222 C CD2 . LEU B 1 183 ? -12.056 10.184  -3.238  1.00 48.38  ? 571 LEU B CD2 1 ? 
ATOM   1223 N N   . GLY B 1 184 ? -14.991 10.115  0.964   1.00 46.37  ? 572 GLY B N   1 ? 
ATOM   1224 C CA  . GLY B 1 184 ? -14.478 10.092  2.320   1.00 42.25  ? 572 GLY B CA  1 ? 
ATOM   1225 C C   . GLY B 1 184 ? -15.177 9.016   3.138   1.00 41.45  ? 572 GLY B C   1 ? 
ATOM   1226 O O   . GLY B 1 184 ? -14.504 8.298   3.872   1.00 39.91  ? 572 GLY B O   1 ? 
ATOM   1227 N N   . LYS B 1 185 ? -16.513 8.948   3.003   1.00 44.68  ? 573 LYS B N   1 ? 
ATOM   1228 C CA  . LYS B 1 185 ? -17.349 7.931   3.629   1.00 47.23  ? 573 LYS B CA  1 ? 
ATOM   1229 C C   . LYS B 1 185 ? -16.972 6.554   3.098   1.00 38.98  ? 573 LYS B C   1 ? 
ATOM   1230 O O   . LYS B 1 185 ? -16.775 5.622   3.873   1.00 41.46  ? 573 LYS B O   1 ? 
ATOM   1231 C CB  . LYS B 1 185 ? -18.843 8.143   3.340   1.00 58.64  ? 573 LYS B CB  1 ? 
ATOM   1232 C CG  . LYS B 1 185 ? -19.372 9.460   3.876   1.00 75.21  ? 573 LYS B CG  1 ? 
ATOM   1233 C CD  . LYS B 1 185 ? -20.814 9.830   3.551   1.00 83.38  ? 573 LYS B CD  1 ? 
ATOM   1234 C CE  . LYS B 1 185 ? -21.122 11.154  4.197   1.00 89.14  ? 573 LYS B CE  1 ? 
ATOM   1235 N NZ  . LYS B 1 185 ? -22.477 11.639  3.928   1.00 95.77  ? 573 LYS B NZ  1 ? 
ATOM   1236 N N   . SER B 1 186 ? -16.904 6.422   1.768   1.00 41.22  ? 574 SER B N   1 ? 
ATOM   1237 C CA  . SER B 1 186 ? -16.503 5.160   1.158   1.00 40.71  ? 574 SER B CA  1 ? 
ATOM   1238 C C   . SER B 1 186 ? -15.184 4.695   1.756   1.00 38.88  ? 574 SER B C   1 ? 
ATOM   1239 O O   . SER B 1 186 ? -15.060 3.536   2.121   1.00 37.09  ? 574 SER B O   1 ? 
ATOM   1240 C CB  . SER B 1 186 ? -16.368 5.265   -0.335  1.00 44.21  ? 574 SER B CB  1 ? 
ATOM   1241 O OG  . SER B 1 186 ? -17.628 5.542   -0.910  1.00 50.13  ? 574 SER B OG  1 ? 
ATOM   1242 N N   . ALA B 1 187 ? -14.200 5.610   1.808   1.00 34.28  ? 575 ALA B N   1 ? 
ATOM   1243 C CA  . ALA B 1 187 ? -12.884 5.305   2.348   1.00 35.46  ? 575 ALA B CA  1 ? 
ATOM   1244 C C   . ALA B 1 187 ? -12.998 4.833   3.795   1.00 37.78  ? 575 ALA B C   1 ? 
ATOM   1245 O O   . ALA B 1 187 ? -12.349 3.874   4.186   1.00 35.39  ? 575 ALA B O   1 ? 
ATOM   1246 C CB  . ALA B 1 187 ? -11.986 6.507   2.252   1.00 34.10  ? 575 ALA B CB  1 ? 
ATOM   1247 N N   . ARG B 1 188 ? -13.807 5.547   4.579   1.00 39.36  ? 576 ARG B N   1 ? 
ATOM   1248 C CA  . ARG B 1 188 ? -13.983 5.235   5.994   1.00 44.23  ? 576 ARG B CA  1 ? 
ATOM   1249 C C   . ARG B 1 188 ? -14.484 3.798   6.143   1.00 42.03  ? 576 ARG B C   1 ? 
ATOM   1250 O O   . ARG B 1 188 ? -13.995 3.064   6.994   1.00 46.03  ? 576 ARG B O   1 ? 
ATOM   1251 C CB  . ARG B 1 188 ? -14.906 6.298   6.613   1.00 42.88  ? 576 ARG B CB  1 ? 
ATOM   1252 C CG  . ARG B 1 188 ? -14.174 7.587   6.953   1.00 46.34  ? 576 ARG B CG  1 ? 
ATOM   1253 C CD  . ARG B 1 188 ? -15.001 8.562   7.823   1.00 45.83  ? 576 ARG B CD  1 ? 
ATOM   1254 N NE  . ARG B 1 188 ? -16.045 9.276   7.076   1.00 45.04  ? 576 ARG B NE  1 ? 
ATOM   1255 C CZ  . ARG B 1 188 ? -15.825 10.266  6.187   1.00 54.90  ? 576 ARG B CZ  1 ? 
ATOM   1256 N NH1 . ARG B 1 188 ? -16.845 10.892  5.615   1.00 53.40  ? 576 ARG B NH1 1 ? 
ATOM   1257 N NH2 . ARG B 1 188 ? -14.591 10.659  5.886   1.00 54.51  ? 576 ARG B NH2 1 ? 
ATOM   1258 N N   . ASP B 1 189 ? -15.448 3.397   5.297   1.00 40.95  ? 577 ASP B N   1 ? 
ATOM   1259 C CA  . ASP B 1 189 ? -15.908 2.014   5.235   1.00 45.01  ? 577 ASP B CA  1 ? 
ATOM   1260 C C   . ASP B 1 189 ? -14.743 1.057   4.977   1.00 47.83  ? 577 ASP B C   1 ? 
ATOM   1261 O O   . ASP B 1 189 ? -14.487 0.156   5.776   1.00 50.58  ? 577 ASP B O   1 ? 
ATOM   1262 C CB  . ASP B 1 189 ? -16.995 1.823   4.187   1.00 50.86  ? 577 ASP B CB  1 ? 
ATOM   1263 C CG  . ASP B 1 189 ? -18.261 2.644   4.405   1.00 60.36  ? 577 ASP B CG  1 ? 
ATOM   1264 O OD1 . ASP B 1 189 ? -18.358 3.313   5.463   1.00 65.05  ? 577 ASP B OD1 1 ? 
ATOM   1265 O OD2 . ASP B 1 189 ? -19.136 2.624   3.508   1.00 68.67  ? 577 ASP B OD2 1 ? 
ATOM   1266 N N   . VAL B 1 190 ? -14.026 1.251   3.861   1.00 38.71  ? 578 VAL B N   1 ? 
ATOM   1267 C CA  . VAL B 1 190 ? -12.959 0.337   3.491   1.00 36.78  ? 578 VAL B CA  1 ? 
ATOM   1268 C C   . VAL B 1 190 ? -11.974 0.192   4.650   1.00 36.91  ? 578 VAL B C   1 ? 
ATOM   1269 O O   . VAL B 1 190 ? -11.555 -0.917  4.945   1.00 44.23  ? 578 VAL B O   1 ? 
ATOM   1270 C CB  . VAL B 1 190 ? -12.281 0.826   2.199   1.00 39.37  ? 578 VAL B CB  1 ? 
ATOM   1271 C CG1 . VAL B 1 190 ? -11.020 0.033   1.874   1.00 43.21  ? 578 VAL B CG1 1 ? 
ATOM   1272 C CG2 . VAL B 1 190 ? -13.271 0.795   1.037   1.00 36.56  ? 578 VAL B CG2 1 ? 
ATOM   1273 N N   . PHE B 1 191 ? -11.639 1.296   5.327   1.00 39.18  ? 579 PHE B N   1 ? 
ATOM   1274 C CA  . PHE B 1 191 ? -10.732 1.250   6.468   1.00 48.91  ? 579 PHE B CA  1 ? 
ATOM   1275 C C   . PHE B 1 191 ? -11.419 1.431   7.830   1.00 54.19  ? 579 PHE B C   1 ? 
ATOM   1276 O O   . PHE B 1 191 ? -10.912 2.179   8.673   1.00 54.96  ? 579 PHE B O   1 ? 
ATOM   1277 C CB  . PHE B 1 191 ? -9.723  2.387   6.330   1.00 42.89  ? 579 PHE B CB  1 ? 
ATOM   1278 C CG  . PHE B 1 191 ? -9.024  2.432   4.987   1.00 40.08  ? 579 PHE B CG  1 ? 
ATOM   1279 C CD1 . PHE B 1 191 ? -8.233  1.371   4.577   1.00 36.61  ? 579 PHE B CD1 1 ? 
ATOM   1280 C CD2 . PHE B 1 191 ? -9.129  3.548   4.169   1.00 39.30  ? 579 PHE B CD2 1 ? 
ATOM   1281 C CE1 . PHE B 1 191 ? -7.580  1.417   3.363   1.00 38.40  ? 579 PHE B CE1 1 ? 
ATOM   1282 C CE2 . PHE B 1 191 ? -8.448  3.589   2.966   1.00 38.02  ? 579 PHE B CE2 1 ? 
ATOM   1283 C CZ  . PHE B 1 191 ? -7.693  2.527   2.562   1.00 35.44  ? 579 PHE B CZ  1 ? 
ATOM   1284 N N   . THR B 1 192 ? -12.534 0.725   8.079   1.00 52.09  ? 580 THR B N   1 ? 
ATOM   1285 C CA  . THR B 1 192 ? -13.173 0.755   9.392   1.00 57.28  ? 580 THR B CA  1 ? 
ATOM   1286 C C   . THR B 1 192 ? -12.206 0.296   10.501  1.00 70.37  ? 580 THR B C   1 ? 
ATOM   1287 O O   . THR B 1 192 ? -12.223 0.862   11.600  1.00 74.73  ? 580 THR B O   1 ? 
ATOM   1288 C CB  . THR B 1 192 ? -14.449 -0.088  9.365   1.00 58.09  ? 580 THR B CB  1 ? 
ATOM   1289 O OG1 . THR B 1 192 ? -14.142 -1.264  8.619   1.00 65.00  ? 580 THR B OG1 1 ? 
ATOM   1290 C CG2 . THR B 1 192 ? -15.609 0.640   8.719   1.00 57.58  ? 580 THR B CG2 1 ? 
ATOM   1291 N N   . LYS B 1 193 ? -11.340 -0.704  10.223  1.00 63.91  ? 581 LYS B N   1 ? 
ATOM   1292 C CA  . LYS B 1 193 ? -10.482 -1.301  11.245  1.00 60.77  ? 581 LYS B CA  1 ? 
ATOM   1293 C C   . LYS B 1 193 ? -9.185  -0.508  11.458  1.00 62.97  ? 581 LYS B C   1 ? 
ATOM   1294 O O   . LYS B 1 193 ? -8.371  -0.898  12.308  1.00 50.24  ? 581 LYS B O   1 ? 
ATOM   1295 C CB  . LYS B 1 193 ? -10.098 -2.741  10.881  1.00 60.55  ? 581 LYS B CB  1 ? 
ATOM   1296 C CG  . LYS B 1 193 ? -11.248 -3.687  10.565  1.00 68.27  ? 581 LYS B CG  1 ? 
ATOM   1297 C CD  . LYS B 1 193 ? -10.792 -5.023  9.985   1.00 71.20  ? 581 LYS B CD  1 ? 
ATOM   1298 C CE  . LYS B 1 193 ? -11.865 -6.066  10.033  1.00 71.59  ? 581 LYS B CE  1 ? 
ATOM   1299 N NZ  . LYS B 1 193 ? -12.198 -6.434  11.415  1.00 70.93  ? 581 LYS B NZ  1 ? 
ATOM   1300 N N   . GLY B 1 194 ? -8.981  0.580   10.681  1.00 59.01  ? 582 GLY B N   1 ? 
ATOM   1301 C CA  . GLY B 1 194 ? -7.843  1.481   10.848  1.00 57.77  ? 582 GLY B CA  1 ? 
ATOM   1302 C C   . GLY B 1 194 ? -8.113  2.566   11.900  1.00 57.33  ? 582 GLY B C   1 ? 
ATOM   1303 O O   . GLY B 1 194 ? -8.082  3.755   11.595  1.00 65.34  ? 582 GLY B O   1 ? 
ATOM   1304 N N   . TYR B 1 195 ? -8.395  2.139   13.137  1.00 56.69  ? 583 TYR B N   1 ? 
ATOM   1305 C CA  . TYR B 1 195 ? -8.576  3.028   14.280  1.00 60.42  ? 583 TYR B CA  1 ? 
ATOM   1306 C C   . TYR B 1 195 ? -7.581  2.622   15.382  1.00 63.02  ? 583 TYR B C   1 ? 
ATOM   1307 O O   . TYR B 1 195 ? -6.933  1.573   15.308  1.00 48.56  ? 583 TYR B O   1 ? 
ATOM   1308 C CB  . TYR B 1 195 ? -10.031 2.967   14.778  1.00 58.51  ? 583 TYR B CB  1 ? 
ATOM   1309 C CG  . TYR B 1 195 ? -10.299 1.758   15.665  1.00 58.47  ? 583 TYR B CG  1 ? 
ATOM   1310 C CD1 . TYR B 1 195 ? -9.980  1.781   17.026  1.00 59.98  ? 583 TYR B CD1 1 ? 
ATOM   1311 C CD2 . TYR B 1 195 ? -10.807 0.570   15.141  1.00 66.54  ? 583 TYR B CD2 1 ? 
ATOM   1312 C CE1 . TYR B 1 195 ? -10.169 0.672   17.839  1.00 53.41  ? 583 TYR B CE1 1 ? 
ATOM   1313 C CE2 . TYR B 1 195 ? -11.016 -0.541  15.948  1.00 63.45  ? 583 TYR B CE2 1 ? 
ATOM   1314 C CZ  . TYR B 1 195 ? -10.700 -0.486  17.299  1.00 59.46  ? 583 TYR B CZ  1 ? 
ATOM   1315 O OH  . TYR B 1 195 ? -10.894 -1.570  18.095  1.00 59.25  ? 583 TYR B OH  1 ? 
ATOM   1316 N N   . GLY B 1 196 ? -7.504  3.445   16.436  1.00 59.34  ? 584 GLY B N   1 ? 
ATOM   1317 C CA  . GLY B 1 196 ? -6.520  3.301   17.501  1.00 56.69  ? 584 GLY B CA  1 ? 
ATOM   1318 C C   . GLY B 1 196 ? -6.400  4.635   18.220  1.00 54.79  ? 584 GLY B C   1 ? 
ATOM   1319 O O   . GLY B 1 196 ? -7.309  5.443   18.108  1.00 61.30  ? 584 GLY B O   1 ? 
ATOM   1320 N N   . PHE B 1 197 ? -5.251  4.915   18.845  1.00 66.74  ? 585 PHE B N   1 ? 
ATOM   1321 C CA  . PHE B 1 197 ? -5.121  6.066   19.738  1.00 64.71  ? 585 PHE B CA  1 ? 
ATOM   1322 C C   . PHE B 1 197 ? -4.411  7.237   19.057  1.00 68.14  ? 585 PHE B C   1 ? 
ATOM   1323 O O   . PHE B 1 197 ? -4.155  7.217   17.852  1.00 64.12  ? 585 PHE B O   1 ? 
ATOM   1324 C CB  . PHE B 1 197 ? -4.368  5.602   20.989  1.00 57.82  ? 585 PHE B CB  1 ? 
ATOM   1325 C CG  . PHE B 1 197 ? -4.949  4.311   21.524  1.00 47.99  ? 585 PHE B CG  1 ? 
ATOM   1326 C CD1 . PHE B 1 197 ? -6.069  4.339   22.333  1.00 42.33  ? 585 PHE B CD1 1 ? 
ATOM   1327 C CD2 . PHE B 1 197 ? -4.418  3.086   21.144  1.00 49.61  ? 585 PHE B CD2 1 ? 
ATOM   1328 C CE1 . PHE B 1 197 ? -6.613  3.162   22.793  1.00 45.51  ? 585 PHE B CE1 1 ? 
ATOM   1329 C CE2 . PHE B 1 197 ? -4.971  1.913   21.606  1.00 47.10  ? 585 PHE B CE2 1 ? 
ATOM   1330 C CZ  . PHE B 1 197 ? -6.068  1.953   22.432  1.00 43.93  ? 585 PHE B CZ  1 ? 
ATOM   1331 N N   . GLY B 1 198 ? -4.129  8.275   19.860  1.00 67.79  ? 586 GLY B N   1 ? 
ATOM   1332 C CA  . GLY B 1 198 ? -3.144  9.281   19.497  1.00 73.73  ? 586 GLY B CA  1 ? 
ATOM   1333 C C   . GLY B 1 198 ? -1.741  8.674   19.406  1.00 77.40  ? 586 GLY B C   1 ? 
ATOM   1334 O O   . GLY B 1 198 ? -0.989  8.997   18.486  1.00 74.38  ? 586 GLY B O   1 ? 
ATOM   1335 N N   . LEU B 1 199 ? -1.410  7.769   20.342  1.00 77.34  ? 587 LEU B N   1 ? 
ATOM   1336 C CA  . LEU B 1 199 ? -0.023  7.427   20.633  1.00 77.49  ? 587 LEU B CA  1 ? 
ATOM   1337 C C   . LEU B 1 199 ? 0.584   6.652   19.449  1.00 78.79  ? 587 LEU B C   1 ? 
ATOM   1338 O O   . LEU B 1 199 ? 1.724   7.009   19.078  1.00 67.39  ? 587 LEU B O   1 ? 
ATOM   1339 C CB  . LEU B 1 199 ? 0.122   6.637   21.937  1.00 71.23  ? 587 LEU B CB  1 ? 
ATOM   1340 C CG  . LEU B 1 199 ? 1.341   6.996   22.795  1.00 66.37  ? 587 LEU B CG  1 ? 
ATOM   1341 C CD1 . LEU B 1 199 ? 1.062   8.285   23.564  1.00 59.47  ? 587 LEU B CD1 1 ? 
ATOM   1342 C CD2 . LEU B 1 199 ? 1.783   5.864   23.730  1.00 68.57  ? 587 LEU B CD2 1 ? 
HETATM 1343 S S   . SO4 C 2 .   ? -1.112  11.230  7.080   0.50 44.82  ? 301 SO4 A S   1 ? 
HETATM 1344 O O1  . SO4 C 2 .   ? -0.653  12.446  6.470   0.50 37.74  ? 301 SO4 A O1  1 ? 
HETATM 1345 O O2  . SO4 C 2 .   ? -2.539  11.152  6.922   0.50 45.40  ? 301 SO4 A O2  1 ? 
HETATM 1346 O O3  . SO4 C 2 .   ? -0.505  10.099  6.447   0.50 49.42  ? 301 SO4 A O3  1 ? 
HETATM 1347 O O4  . SO4 C 2 .   ? -0.754  11.228  8.476   0.50 40.65  ? 301 SO4 A O4  1 ? 
HETATM 1348 S S   . SO4 D 2 .   ? 0.924   15.760  6.866   0.50 43.02  ? 302 SO4 A S   1 ? 
HETATM 1349 O O1  . SO4 D 2 .   ? 2.038   16.062  7.721   0.50 47.69  ? 302 SO4 A O1  1 ? 
HETATM 1350 O O2  . SO4 D 2 .   ? 0.923   16.640  5.724   0.50 36.31  ? 302 SO4 A O2  1 ? 
HETATM 1351 O O3  . SO4 D 2 .   ? 1.045   14.405  6.404   0.50 37.34  ? 302 SO4 A O3  1 ? 
HETATM 1352 O O4  . SO4 D 2 .   ? -0.290  15.910  7.620   0.50 34.84  ? 302 SO4 A O4  1 ? 
HETATM 1353 S S   . SO4 E 2 .   ? 8.527   -1.543  -15.202 0.80 73.79  ? 303 SO4 A S   1 ? 
HETATM 1354 O O1  . SO4 E 2 .   ? 8.074   -0.586  -16.191 0.80 64.37  ? 303 SO4 A O1  1 ? 
HETATM 1355 O O2  . SO4 E 2 .   ? 7.610   -2.666  -15.187 0.80 65.36  ? 303 SO4 A O2  1 ? 
HETATM 1356 O O3  . SO4 E 2 .   ? 9.856   -2.009  -15.499 0.80 55.51  ? 303 SO4 A O3  1 ? 
HETATM 1357 O O4  . SO4 E 2 .   ? 8.568   -0.906  -13.905 0.80 72.05  ? 303 SO4 A O4  1 ? 
HETATM 1358 O O   . HOH F 3 .   ? -13.933 -1.220  -10.717 0.50 28.45  ? 401 HOH A O   1 ? 
HETATM 1359 O O   . HOH F 3 .   ? 16.152  -0.363  -2.884  1.00 56.06  ? 402 HOH A O   1 ? 
HETATM 1360 O O   . HOH F 3 .   ? 17.260  -3.255  7.222   1.00 47.30  ? 403 HOH A O   1 ? 
HETATM 1361 O O   . HOH F 3 .   ? 11.970  -9.855  -17.800 1.00 56.11  ? 404 HOH A O   1 ? 
HETATM 1362 O O   . HOH F 3 .   ? 4.607   -13.567 -18.726 1.00 59.29  ? 405 HOH A O   1 ? 
HETATM 1363 O O   . HOH F 3 .   ? 0.186   3.861   -16.402 1.00 27.32  ? 406 HOH A O   1 ? 
HETATM 1364 O O   . HOH F 3 .   ? 1.058   16.487  3.350   1.00 62.42  ? 407 HOH A O   1 ? 
HETATM 1365 O O   . HOH F 3 .   ? 4.057   15.911  -3.597  1.00 46.65  ? 408 HOH A O   1 ? 
HETATM 1366 O O   . HOH F 3 .   ? 1.284   13.975  -1.097  1.00 28.00  ? 409 HOH A O   1 ? 
HETATM 1367 O O   . HOH F 3 .   ? -1.973  14.616  8.939   1.00 54.40  ? 410 HOH A O   1 ? 
HETATM 1368 O O   . HOH F 3 .   ? -12.146 10.496  9.304   1.00 19.08  ? 411 HOH A O   1 ? 
HETATM 1369 O O   . HOH F 3 .   ? 5.255   -14.664 3.178   1.00 38.09  ? 412 HOH A O   1 ? 
HETATM 1370 O O   . HOH F 3 .   ? -9.811  11.959  -9.070  1.00 27.59  ? 413 HOH A O   1 ? 
HETATM 1371 O O   . HOH F 3 .   ? 8.670   -5.144  -0.527  1.00 34.96  ? 414 HOH A O   1 ? 
HETATM 1372 O O   . HOH F 3 .   ? -4.886  11.056  7.954   1.00 24.83  ? 415 HOH A O   1 ? 
HETATM 1373 O O   . HOH F 3 .   ? -0.154  16.543  -0.922  1.00 33.14  ? 416 HOH A O   1 ? 
HETATM 1374 O O   . HOH F 3 .   ? -10.290 11.977  3.633   1.00 29.54  ? 417 HOH A O   1 ? 
HETATM 1375 O O   . HOH F 3 .   ? 12.856  6.021   5.008   1.00 54.59  ? 418 HOH A O   1 ? 
HETATM 1376 O O   . HOH F 3 .   ? 2.574   11.402  -7.748  1.00 46.94  ? 419 HOH A O   1 ? 
HETATM 1377 O O   . HOH F 3 .   ? 9.286   2.273   15.559  1.00 27.57  ? 420 HOH A O   1 ? 
HETATM 1378 O O   . HOH F 3 .   ? 8.005   10.754  -4.345  1.00 51.24  ? 421 HOH A O   1 ? 
HETATM 1379 O O   . HOH F 3 .   ? -6.448  -14.672 -4.390  1.00 52.77  ? 422 HOH A O   1 ? 
HETATM 1380 O O   . HOH F 3 .   ? -4.274  9.949   -13.285 1.00 24.65  ? 423 HOH A O   1 ? 
HETATM 1381 O O   . HOH F 3 .   ? 9.891   13.963  10.923  1.00 36.68  ? 424 HOH A O   1 ? 
HETATM 1382 O O   . HOH F 3 .   ? -11.329 9.265   -8.940  1.00 41.11  ? 425 HOH A O   1 ? 
HETATM 1383 O O   . HOH F 3 .   ? 12.166  -2.153  -6.504  1.00 44.12  ? 426 HOH A O   1 ? 
HETATM 1384 O O   . HOH F 3 .   ? 0.383   0.603   -15.660 1.00 23.16  ? 427 HOH A O   1 ? 
HETATM 1385 O O   . HOH F 3 .   ? -6.226  7.133   -13.053 1.00 18.42  ? 428 HOH A O   1 ? 
HETATM 1386 O O   . HOH F 3 .   ? 12.017  -10.922 7.023   1.00 44.45  ? 429 HOH A O   1 ? 
HETATM 1387 O O   . HOH F 3 .   ? 9.889   -13.010 -0.822  1.00 44.81  ? 430 HOH A O   1 ? 
HETATM 1388 O O   . HOH F 3 .   ? 16.807  4.048   2.140   1.00 60.62  ? 431 HOH A O   1 ? 
HETATM 1389 O O   . HOH F 3 .   ? 16.497  11.662  6.013   1.00 35.94  ? 432 HOH A O   1 ? 
HETATM 1390 O O   . HOH F 3 .   ? -2.036  -6.728  -1.207  1.00 33.13  ? 433 HOH A O   1 ? 
HETATM 1391 O O   . HOH F 3 .   ? -7.479  -7.281  -5.181  1.00 29.60  ? 434 HOH A O   1 ? 
HETATM 1392 O O   . HOH F 3 .   ? 6.311   10.291  15.790  1.00 37.86  ? 435 HOH A O   1 ? 
HETATM 1393 O O   . HOH F 3 .   ? -1.322  -4.143  10.237  1.00 43.95  ? 436 HOH A O   1 ? 
HETATM 1394 O O   . HOH F 3 .   ? -12.235 13.483  3.001   1.00 30.93  ? 437 HOH A O   1 ? 
HETATM 1395 O O   . HOH F 3 .   ? 3.893   11.802  9.321   1.00 56.91  ? 438 HOH A O   1 ? 
HETATM 1396 O O   . HOH F 3 .   ? 13.979  -9.228  6.544   1.00 35.88  ? 439 HOH A O   1 ? 
HETATM 1397 O O   . HOH F 3 .   ? -12.316 -7.539  -5.253  1.00 50.07  ? 440 HOH A O   1 ? 
HETATM 1398 O O   . HOH F 3 .   ? 5.295   -9.043  -11.128 1.00 42.09  ? 441 HOH A O   1 ? 
HETATM 1399 O O   . HOH F 3 .   ? -4.145  17.475  -5.834  1.00 30.02  ? 442 HOH A O   1 ? 
HETATM 1400 O O   . HOH F 3 .   ? 0.948   9.938   13.363  1.00 31.14  ? 443 HOH A O   1 ? 
HETATM 1401 O O   . HOH F 3 .   ? 1.501   8.497   15.142  1.00 50.57  ? 444 HOH A O   1 ? 
HETATM 1402 O O   . HOH F 3 .   ? 16.548  2.584   8.804   1.00 43.33  ? 445 HOH A O   1 ? 
HETATM 1403 O O   . HOH F 3 .   ? 7.470   16.219  15.263  1.00 58.32  ? 446 HOH A O   1 ? 
HETATM 1404 O O   . HOH F 3 .   ? -9.014  15.607  -2.798  1.00 22.79  ? 447 HOH A O   1 ? 
HETATM 1405 O O   . HOH F 3 .   ? 4.177   1.159   15.160  1.00 30.65  ? 448 HOH A O   1 ? 
HETATM 1406 O O   . HOH F 3 .   ? -10.299 14.206  -4.723  1.00 36.50  ? 449 HOH A O   1 ? 
HETATM 1407 O O   . HOH F 3 .   ? -5.649  -0.057  -19.037 1.00 34.52  ? 450 HOH A O   1 ? 
HETATM 1408 O O   . HOH F 3 .   ? 5.388   -13.368 -5.908  1.00 45.58  ? 451 HOH A O   1 ? 
HETATM 1409 O O   . HOH F 3 .   ? 2.785   6.656   -13.946 1.00 46.83  ? 452 HOH A O   1 ? 
HETATM 1410 O O   . HOH F 3 .   ? -1.567  -13.737 9.524   1.00 44.50  ? 453 HOH A O   1 ? 
HETATM 1411 O O   . HOH F 3 .   ? 17.561  3.850   11.067  1.00 46.47  ? 454 HOH A O   1 ? 
HETATM 1412 O O   . HOH F 3 .   ? -0.847  -7.684  1.006   1.00 31.17  ? 455 HOH A O   1 ? 
HETATM 1413 O O   . HOH F 3 .   ? 1.161   -7.682  9.385   1.00 39.97  ? 456 HOH A O   1 ? 
HETATM 1414 O O   . HOH F 3 .   ? 5.982   9.322   -7.432  1.00 42.51  ? 457 HOH A O   1 ? 
HETATM 1415 O O   . HOH F 3 .   ? -1.904  17.248  -2.516  1.00 35.72  ? 458 HOH A O   1 ? 
HETATM 1416 O O   . HOH F 3 .   ? 5.722   -10.077 9.393   1.00 49.37  ? 459 HOH A O   1 ? 
HETATM 1417 O O   . HOH F 3 .   ? 2.390   -14.470 8.725   1.00 56.19  ? 460 HOH A O   1 ? 
HETATM 1418 O O   . HOH F 3 .   ? 2.160   -0.722  14.767  1.00 41.83  ? 461 HOH A O   1 ? 
HETATM 1419 O O   . HOH F 3 .   ? 14.006  -0.107  -1.238  1.00 52.00  ? 462 HOH A O   1 ? 
HETATM 1420 O O   . HOH F 3 .   ? 14.312  2.117   2.462   1.00 47.48  ? 463 HOH A O   1 ? 
HETATM 1421 O O   . HOH F 3 .   ? 7.386   -9.256  -15.425 1.00 58.57  ? 464 HOH A O   1 ? 
HETATM 1422 O O   . HOH F 3 .   ? 12.729  6.465   17.638  1.00 50.39  ? 465 HOH A O   1 ? 
HETATM 1423 O O   . HOH F 3 .   ? 10.007  9.166   -10.391 1.00 58.32  ? 466 HOH A O   1 ? 
HETATM 1424 O O   . HOH F 3 .   ? -10.585 -18.928 4.829   1.00 46.60  ? 467 HOH A O   1 ? 
HETATM 1425 O O   . HOH F 3 .   ? -3.262  -8.471  -2.957  1.00 45.89  ? 468 HOH A O   1 ? 
HETATM 1426 O O   . HOH F 3 .   ? 17.257  7.346   -2.128  1.00 59.38  ? 469 HOH A O   1 ? 
HETATM 1427 O O   . HOH F 3 .   ? 5.107   13.022  12.309  1.00 50.94  ? 470 HOH A O   1 ? 
HETATM 1428 O O   . HOH F 3 .   ? -15.709 2.883   -10.783 1.00 49.03  ? 471 HOH A O   1 ? 
HETATM 1429 O O   . HOH F 3 .   ? 6.925   4.498   -9.093  1.00 53.21  ? 472 HOH A O   1 ? 
HETATM 1430 O O   . HOH F 3 .   ? 0.683   -5.732  10.340  1.00 43.14  ? 473 HOH A O   1 ? 
HETATM 1431 O O   . HOH F 3 .   ? 1.611   20.768  4.902   1.00 57.00  ? 474 HOH A O   1 ? 
HETATM 1432 O O   . HOH G 3 .   ? -6.096  5.446   11.641  1.00 32.97  ? 601 HOH B O   1 ? 
HETATM 1433 O O   . HOH G 3 .   ? -11.243 -2.045  7.441   1.00 41.99  ? 602 HOH B O   1 ? 
HETATM 1434 O O   . HOH G 3 .   ? 3.209   8.106   16.980  1.00 55.91  ? 603 HOH B O   1 ? 
HETATM 1435 O O   . HOH G 3 .   ? 2.307   5.588   16.739  1.00 53.88  ? 604 HOH B O   1 ? 
HETATM 1436 O O   . HOH G 3 .   ? -5.590  0.150   13.112  1.00 39.14  ? 605 HOH B O   1 ? 
HETATM 1437 O O   . HOH G 3 .   ? -15.015 13.285  3.470   1.00 47.36  ? 606 HOH B O   1 ? 
# 
